data_8V6V
#
_entry.id   8V6V
#
loop_
_entity.id
_entity.type
_entity.pdbx_description
1 polymer 'Histone H3.2'
2 polymer 'Histone H4'
3 polymer 'Histone H2A type 1'
4 polymer 'Histone H2B'
5 polymer 'Widom 601 DNA (147-mer) with 60 base pairs flanking DNA (reverse strand)'
6 polymer 'Widom 601 DNA (147-mer) with 60 base pairs flanking DNA (forward strand)'
7 polymer 'SWI/SNF-related matrix-associated actin-dependent regulator of chromatin subfamily A member 5'
8 non-polymer "ADENOSINE-5'-DIPHOSPHATE"
9 non-polymer 'MAGNESIUM ION'
#
loop_
_entity_poly.entity_id
_entity_poly.type
_entity_poly.pdbx_seq_one_letter_code
_entity_poly.pdbx_strand_id
1 'polypeptide(L)'
;ARTKQTARKSTGGKAPRKQLATKAARKSAPATGGVKKPHRYRPGTVALREIRRYQKSTELLIRKLPFQRLVREIAQDFKT
DLRFQSSAVMALQEASEAYLVALFEDTNLAAIHAKRVTIMPKDIQLARRIRGERA
;
A,E
2 'polypeptide(L)'
;SGRGKGGKGLGKGGAKRHRKVLRDNIQGITKPAIRRLARRGGVKRISGLIYEETRGVLKVFLENVIRDAVTYTEHAKRKT
VTAMDVVYALKRQGRTLYGFGG
;
B,F
3 'polypeptide(L)'
;SGRGKQGGKTRAKAKTRSSRAGLQFPVGRVHRLLRKGNYAERVGAGAPVYLAAVLEYLTAEILELAGNAARDNKKTRIIP
RHLQLAVRNDEELNKLLGRVTIAQGGVLPNIQSVLLPKKTESSKSAKSK
;
C,G
4 'polypeptide(L)'
;AKSAPAPKKGSKKAVTKTQKKDGKKRRKTRKESYAIYVYKVLKQVHPDTGISSKAMSIMNSFVNDVFERIAGEASRLAHY
NKRSTITSREIQTAVRLLLPGELAKHAVSEGTKAVTKYTSAK
;
D,H
5 'polydeoxyribonucleotide'
;(DA)(DG)(DA)(DG)(DT)(DG)(DG)(DG)(DA)(DG)(DC)(DT)(DC)(DG)(DG)(DA)(DA)(DC)(DA)(DC)
(DT)(DA)(DT)(DC)(DC)(DG)(DA)(DC)(DT)(DG)(DG)(DC)(DA)(DC)(DC)(DG)(DG)(DC)(DA)(DA)
(DG)(DG)(DT)(DC)(DG)(DC)(DT)(DG)(DT)(DT)(DC)(DA)(DA)(DT)(DA)(DC)(DA)(DT)(DG)(DC)
(DA)(DC)(DA)(DG)(DG)(DA)(DT)(DG)(DT)(DA)(DT)(DA)(DT)(DA)(DT)(DC)(DT)(DG)(DA)(DC)
(DA)(DC)(DG)(DT)(DG)(DC)(DC)(DT)(DG)(DG)(DA)(DG)(DA)(DC)(DT)(DA)(DG)(DG)(DG)(DA)
(DG)(DT)(DA)(DA)(DT)(DC)(DC)(DC)(DC)(DT)(DT)(DG)(DG)(DC)(DG)(DG)(DT)(DT)(DA)(DA)
(DA)(DA)(DC)(DG)(DC)(DG)(DG)(DG)(DG)(DG)(DA)(DC)(DA)(DG)(DC)(DG)(DC)(DG)(DT)(DA)
(DC)(DG)(DT)(DG)(DC)(DG)(DT)(DT)(DT)(DA)(DA)(DG)(DC)(DG)(DG)(DT)(DG)(DC)(DT)(DA)
(DG)(DA)(DG)(DC)(DT)(DG)(DT)(DC)(DT)(DA)(DC)(DG)(DA)(DC)(DC)(DA)(DA)(DT)(DT)(DG)
(DA)(DG)(DC)(DG)(DG)(DC)(DC)(DT)(DC)(DG)(DG)(DC)(DA)(DC)(DC)(DG)(DG)(DG)(DA)(DT)
(DT)(DC)(DT)(DC)(DC)(DA)(DG)
;
I
6 'polydeoxyribonucleotide'
;(DC)(DT)(DG)(DG)(DA)(DG)(DA)(DA)(DT)(DC)(DC)(DC)(DG)(DG)(DT)(DG)(DC)(DC)(DG)(DA)
(DG)(DG)(DC)(DC)(DG)(DC)(DT)(DC)(DA)(DA)(DT)(DT)(DG)(DG)(DT)(DC)(DG)(DT)(DA)(DG)
(DA)(DC)(DA)(DG)(DC)(DT)(DC)(DT)(DA)(DG)(DC)(DA)(DC)(DC)(DG)(DC)(DT)(DT)(DA)(DA)
(DA)(DC)(DG)(DC)(DA)(DC)(DG)(DT)(DA)(DC)(DG)(DC)(DG)(DC)(DT)(DG)(DT)(DC)(DC)(DC)
(DC)(DC)(DG)(DC)(DG)(DT)(DT)(DT)(DT)(DA)(DA)(DC)(DC)(DG)(DC)(DC)(DA)(DA)(DG)(DG)
(DG)(DG)(DA)(DT)(DT)(DA)(DC)(DT)(DC)(DC)(DC)(DT)(DA)(DG)(DT)(DC)(DT)(DC)(DC)(DA)
(DG)(DG)(DC)(DA)(DC)(DG)(DT)(DG)(DT)(DC)(DA)(DG)(DA)(DT)(DA)(DT)(DA)(DT)(DA)(DC)
(DA)(DT)(DC)(DC)(DT)(DG)(DT)(DG)(DC)(DA)(DT)(DG)(DT)(DA)(DT)(DT)(DG)(DA)(DA)(DC)
(DA)(DG)(DC)(DG)(DA)(DC)(DC)(DT)(DT)(DG)(DC)(DC)(DG)(DG)(DT)(DG)(DC)(DC)(DA)(DG)
(DT)(DC)(DG)(DG)(DA)(DT)(DA)(DG)(DT)(DG)(DT)(DT)(DC)(DC)(DG)(DA)(DG)(DC)(DT)(DC)
(DC)(DC)(DA)(DC)(DT)(DC)(DT)
;
J
7 'polypeptide(L)'
;MSSAAEPPPPPPPESAPSKPAASIASGGSNSSNKGGPEGVAAQAVASAASAGPADAEMEEIFDDASPGKQKEIQEPDPTY
EEKMQTDRANRFEYLLKQTELFAHFIQPAAQKTPTSPLKMKPGRPRIKKDEKQNLLSVGDYRHRRTEQEEDEELLTESSK
ATNVCTRFEDSPSYVKWGKLRDYQVRGLNWLISLYENGINGILADEMGLGKTLQTISLLGYMKHYRNIPGPHMVLVPKST
LHNWMSEFKRWVPTLRSVCLIGDKEQRAAFVRDVLLPGEWDVCVTSYEMLIKEKSVFKKFNWRYLVIDEAHRIKNEKSKL
SEIVREFKTTNRLLLTGTPLQNNLHELWSLLNFLLPDVFNSADDFDSWFDTNNCLGDQKLVERLHMVLRPFLLRRIKADV
EKSLPPKKEVKIYVGLSKMQREWYTRILMKDIDILNSAGKMDKMRLLNILMQLRKCCNHPYLFDGAEPGPPYTTDMHLVT
NSGKMVVLDKLLPKLKEQGSRVLIFSQMTRVLDILEDYCMWRNYEYCRLDGQTPHDERQDSINAYNEPNSTKFVFMLSTR
AGGLGINLATADVVILYDSDWNPQVDLQAMDRAHRIGQTKTVRVFRFITDNTVEERIVERAEMKLRLDSIVIQQGRLVDQ
NLNKIGKDEMLQMIRHGATHVFASKESEITDEDIDGILERGAKKTAEMNEKLSKMGESSLRNFTMDTESSVYNFEGEDYR
EKQKIAFTEWIEPPKRERKANYAVDAYFREALRVSEPKAPKAPRPPKQPNVQDFQFFPPRLFELLEKEILFYRKTIGYKV
PRNPELPNAAQAQKEEQLKIDEAESLNDEELEEKEKLLTQGFTNWNKRDFNQFIKANEKWGRDDIENIAREVEGKTPEEV
IEYSAVFWERCNELQDIEKIMAQIERGEARIQRRISIKKALDTKIGRYKAPFHQLRISYGTNKGKNYTEEEDRFLICMLH
KLGFDKENVYDELRQCIRNSPQFRFDWFLKSRTAMELQRRCNTLITLIERENMELEEKEKAEKKKRGPKPSTQKRKMDGA
PDGRGRKKKLKL
;
W,X
#
loop_
_chem_comp.id
_chem_comp.type
_chem_comp.name
_chem_comp.formula
ADP non-polymer ADENOSINE-5'-DIPHOSPHATE 'C10 H15 N5 O10 P2'
DA DNA linking 2'-DEOXYADENOSINE-5'-MONOPHOSPHATE 'C10 H14 N5 O6 P'
DC DNA linking 2'-DEOXYCYTIDINE-5'-MONOPHOSPHATE 'C9 H14 N3 O7 P'
DG DNA linking 2'-DEOXYGUANOSINE-5'-MONOPHOSPHATE 'C10 H14 N5 O7 P'
DT DNA linking THYMIDINE-5'-MONOPHOSPHATE 'C10 H15 N2 O8 P'
MG non-polymer 'MAGNESIUM ION' 'Mg 2'
#
# COMPACT_ATOMS: atom_id res chain seq x y z
N HIS A 39 -27.12 -40.93 20.46
CA HIS A 39 -27.43 -39.71 19.75
C HIS A 39 -26.17 -39.24 19.13
N ARG A 40 -26.18 -39.03 17.83
CA ARG A 40 -25.04 -38.52 17.15
C ARG A 40 -25.55 -37.45 16.26
N TYR A 41 -25.00 -36.25 16.29
CA TYR A 41 -25.41 -35.22 15.34
C TYR A 41 -24.82 -35.53 13.98
N ARG A 42 -25.45 -35.13 12.89
CA ARG A 42 -25.01 -35.46 11.54
C ARG A 42 -23.79 -34.73 11.09
N PRO A 43 -23.01 -35.31 10.18
CA PRO A 43 -21.80 -34.59 9.86
C PRO A 43 -22.12 -33.24 9.38
N GLY A 44 -21.42 -32.22 9.81
CA GLY A 44 -21.69 -30.84 9.47
C GLY A 44 -22.51 -29.96 10.41
N THR A 45 -23.21 -30.48 11.41
CA THR A 45 -24.04 -29.64 12.23
C THR A 45 -23.32 -29.09 13.39
N VAL A 46 -22.38 -29.81 13.98
CA VAL A 46 -21.58 -29.27 15.05
C VAL A 46 -20.68 -28.21 14.51
N ALA A 47 -20.18 -28.35 13.32
CA ALA A 47 -19.33 -27.36 12.72
C ALA A 47 -19.98 -26.06 12.48
N LEU A 48 -21.21 -26.03 12.03
CA LEU A 48 -21.90 -24.78 11.87
C LEU A 48 -22.13 -24.11 13.19
N ARG A 49 -22.39 -24.85 14.23
CA ARG A 49 -22.55 -24.29 15.56
C ARG A 49 -21.31 -23.61 15.96
N GLU A 50 -20.18 -24.20 15.69
CA GLU A 50 -18.92 -23.58 15.96
C GLU A 50 -18.62 -22.33 15.17
N ILE A 51 -18.99 -22.25 13.91
CA ILE A 51 -18.69 -21.10 13.12
C ILE A 51 -19.40 -20.00 13.80
N ARG A 52 -20.58 -20.22 14.29
CA ARG A 52 -21.29 -19.21 15.06
C ARG A 52 -20.71 -18.81 16.41
N ARG A 53 -20.21 -19.71 17.22
CA ARG A 53 -19.59 -19.33 18.48
C ARG A 53 -18.39 -18.52 18.29
N TYR A 54 -17.37 -19.02 17.68
CA TYR A 54 -16.10 -18.33 17.51
C TYR A 54 -16.25 -16.99 16.83
N GLN A 55 -17.17 -16.85 15.89
CA GLN A 55 -17.40 -15.55 15.27
C GLN A 55 -17.94 -14.53 16.27
N LYS A 56 -18.81 -14.94 17.19
CA LYS A 56 -19.28 -14.04 18.27
C LYS A 56 -18.21 -13.60 19.26
N SER A 57 -17.35 -14.51 19.71
CA SER A 57 -16.31 -14.20 20.69
C SER A 57 -15.27 -13.27 20.12
N THR A 58 -14.43 -12.66 20.96
CA THR A 58 -13.32 -11.83 20.49
C THR A 58 -11.97 -12.29 21.07
N GLU A 59 -11.93 -13.48 21.70
CA GLU A 59 -10.70 -14.00 22.30
C GLU A 59 -9.57 -14.51 21.40
N LEU A 60 -8.34 -14.61 21.89
CA LEU A 60 -7.24 -15.24 21.14
C LEU A 60 -7.38 -16.77 21.17
N LEU A 61 -7.18 -17.42 20.02
CA LEU A 61 -7.40 -18.87 19.88
C LEU A 61 -6.17 -19.76 20.03
N ILE A 62 -4.97 -19.22 19.87
CA ILE A 62 -3.72 -19.99 20.04
C ILE A 62 -3.30 -19.88 21.50
N ARG A 63 -2.75 -20.94 22.07
CA ARG A 63 -2.40 -20.91 23.44
C ARG A 63 -1.21 -20.03 23.52
N LYS A 64 -1.03 -19.30 24.59
CA LYS A 64 0.00 -18.31 24.65
C LYS A 64 1.40 -18.70 24.97
N LEU A 65 1.64 -19.76 25.73
CA LEU A 65 3.00 -20.24 25.95
C LEU A 65 3.56 -20.85 24.73
N PRO A 66 2.81 -21.70 24.07
CA PRO A 66 3.33 -22.20 22.82
C PRO A 66 3.78 -21.18 21.78
N PHE A 67 3.13 -20.03 21.65
CA PHE A 67 3.45 -19.01 20.67
C PHE A 67 4.65 -18.24 21.06
N GLN A 68 4.83 -18.00 22.32
CA GLN A 68 5.95 -17.24 22.78
C GLN A 68 7.22 -17.97 22.54
N ARG A 69 7.23 -19.26 22.63
CA ARG A 69 8.39 -20.03 22.31
C ARG A 69 8.75 -19.99 20.85
N LEU A 70 7.80 -19.99 19.93
CA LEU A 70 8.10 -19.86 18.52
C LEU A 70 8.62 -18.50 18.21
N VAL A 71 8.12 -17.47 18.86
CA VAL A 71 8.54 -16.13 18.58
C VAL A 71 9.95 -16.01 19.00
N ARG A 72 10.35 -16.69 20.03
CA ARG A 72 11.68 -16.53 20.54
C ARG A 72 12.70 -17.30 19.79
N GLU A 73 12.29 -18.33 19.10
CA GLU A 73 13.18 -19.14 18.31
C GLU A 73 13.44 -18.50 16.99
N ILE A 74 12.46 -17.82 16.43
CA ILE A 74 12.60 -17.16 15.16
C ILE A 74 13.56 -16.04 15.32
N ALA A 75 13.56 -15.40 16.46
CA ALA A 75 14.40 -14.23 16.66
C ALA A 75 15.82 -14.51 16.94
N GLN A 76 16.18 -15.71 17.32
CA GLN A 76 17.55 -16.03 17.66
C GLN A 76 18.37 -15.99 16.41
N ASP A 77 17.77 -16.31 15.28
CA ASP A 77 18.48 -16.28 14.01
C ASP A 77 18.99 -14.89 13.65
N PHE A 78 18.16 -13.87 13.81
CA PHE A 78 18.53 -12.48 13.50
C PHE A 78 19.50 -11.81 14.45
N LYS A 79 19.32 -11.96 15.75
CA LYS A 79 20.25 -11.42 16.71
C LYS A 79 20.11 -12.33 17.86
N THR A 80 21.11 -12.42 18.71
CA THR A 80 21.12 -13.36 19.80
C THR A 80 20.92 -12.75 21.15
N ASP A 81 20.39 -13.52 22.10
CA ASP A 81 20.17 -13.05 23.46
C ASP A 81 19.29 -11.83 23.58
N LEU A 82 18.09 -11.79 22.98
CA LEU A 82 17.18 -10.66 23.12
C LEU A 82 16.19 -10.90 24.20
N ARG A 83 15.64 -9.86 24.80
CA ARG A 83 14.62 -9.97 25.83
C ARG A 83 13.39 -9.45 25.18
N PHE A 84 12.23 -9.58 25.76
CA PHE A 84 10.99 -9.20 25.12
C PHE A 84 9.98 -8.68 26.10
N GLN A 85 9.49 -7.48 25.92
CA GLN A 85 8.39 -6.97 26.75
C GLN A 85 7.19 -7.90 26.69
N SER A 86 6.47 -8.09 27.80
CA SER A 86 5.28 -8.94 27.81
C SER A 86 4.20 -8.48 26.84
N SER A 87 4.01 -7.17 26.67
CA SER A 87 3.10 -6.59 25.68
C SER A 87 3.55 -6.76 24.22
N ALA A 88 4.85 -6.90 23.93
CA ALA A 88 5.33 -7.07 22.55
C ALA A 88 4.92 -8.42 21.94
N VAL A 89 4.88 -9.49 22.71
CA VAL A 89 4.46 -10.81 22.23
C VAL A 89 2.98 -10.83 22.02
N MET A 90 2.19 -10.13 22.79
CA MET A 90 0.75 -9.97 22.55
C MET A 90 0.44 -9.17 21.28
N ALA A 91 1.21 -8.14 20.93
CA ALA A 91 1.05 -7.47 19.66
C ALA A 91 1.33 -8.41 18.49
N LEU A 92 2.38 -9.23 18.57
CA LEU A 92 2.65 -10.26 17.58
C LEU A 92 1.53 -11.29 17.49
N GLN A 93 0.95 -11.75 18.60
CA GLN A 93 -0.13 -12.74 18.53
C GLN A 93 -1.42 -12.18 17.94
N GLU A 94 -1.84 -10.97 18.33
CA GLU A 94 -2.97 -10.28 17.72
C GLU A 94 -2.79 -10.10 16.20
N ALA A 95 -1.63 -9.60 15.77
CA ALA A 95 -1.33 -9.44 14.35
C ALA A 95 -1.30 -10.76 13.58
N SER A 96 -0.78 -11.83 14.18
CA SER A 96 -0.73 -13.16 13.55
C SER A 96 -2.11 -13.77 13.38
N GLU A 97 -2.93 -13.79 14.44
CA GLU A 97 -4.26 -14.36 14.36
C GLU A 97 -5.17 -13.54 13.45
N ALA A 98 -5.03 -12.21 13.37
CA ALA A 98 -5.76 -11.38 12.41
C ALA A 98 -5.41 -11.71 10.95
N TYR A 99 -4.12 -11.93 10.67
CA TYR A 99 -3.63 -12.33 9.36
C TYR A 99 -4.17 -13.70 8.92
N LEU A 100 -4.13 -14.70 9.79
CA LEU A 100 -4.60 -16.04 9.44
C LEU A 100 -6.12 -16.09 9.25
N VAL A 101 -6.91 -15.47 10.11
CA VAL A 101 -8.37 -15.40 9.94
C VAL A 101 -8.73 -14.76 8.60
N ALA A 102 -8.10 -13.64 8.22
CA ALA A 102 -8.37 -12.99 6.94
C ALA A 102 -7.97 -13.86 5.73
N LEU A 103 -6.86 -14.58 5.80
CA LEU A 103 -6.44 -15.52 4.75
C LEU A 103 -7.41 -16.72 4.63
N PHE A 104 -7.99 -17.21 5.72
CA PHE A 104 -9.01 -18.24 5.66
C PHE A 104 -10.31 -17.79 5.02
N GLU A 105 -10.71 -16.52 5.07
CA GLU A 105 -11.84 -16.02 4.27
C GLU A 105 -11.57 -16.09 2.76
N ASP A 106 -10.42 -15.62 2.28
CA ASP A 106 -10.06 -15.68 0.86
C ASP A 106 -9.91 -17.12 0.37
N THR A 107 -9.37 -18.01 1.19
CA THR A 107 -9.31 -19.44 0.92
C THR A 107 -10.70 -20.05 0.78
N ASN A 108 -11.71 -19.62 1.48
CA ASN A 108 -13.02 -20.26 1.38
C ASN A 108 -13.80 -19.77 0.21
N LEU A 109 -13.52 -18.60 -0.33
CA LEU A 109 -14.17 -18.10 -1.51
C LEU A 109 -13.48 -18.72 -2.69
N ALA A 110 -12.23 -19.08 -2.63
CA ALA A 110 -11.57 -19.76 -3.71
C ALA A 110 -11.88 -21.20 -3.76
N ALA A 111 -12.54 -21.73 -2.76
CA ALA A 111 -12.91 -23.13 -2.72
C ALA A 111 -14.26 -23.26 -3.25
N ILE A 112 -15.11 -22.32 -2.90
CA ILE A 112 -16.49 -22.34 -3.37
C ILE A 112 -16.55 -22.02 -4.84
N HIS A 113 -15.60 -21.26 -5.37
CA HIS A 113 -15.51 -20.97 -6.78
C HIS A 113 -15.26 -22.21 -7.57
N ALA A 114 -14.50 -23.15 -7.04
CA ALA A 114 -14.24 -24.42 -7.68
C ALA A 114 -15.29 -25.45 -7.34
N LYS A 115 -16.39 -25.03 -6.77
CA LYS A 115 -17.56 -25.85 -6.42
C LYS A 115 -17.31 -26.93 -5.37
N ARG A 116 -16.56 -26.61 -4.35
CA ARG A 116 -16.28 -27.53 -3.28
C ARG A 116 -16.63 -26.83 -2.00
N VAL A 117 -16.80 -27.55 -0.89
CA VAL A 117 -16.98 -26.97 0.46
C VAL A 117 -15.74 -27.18 1.34
N THR A 118 -14.91 -28.16 1.00
CA THR A 118 -13.65 -28.49 1.67
C THR A 118 -12.53 -27.57 1.20
N ILE A 119 -11.89 -26.81 2.08
CA ILE A 119 -10.68 -26.06 1.72
C ILE A 119 -9.47 -26.99 1.59
N MET A 120 -8.55 -26.69 0.67
CA MET A 120 -7.37 -27.49 0.33
C MET A 120 -6.13 -26.63 0.13
N PRO A 121 -4.90 -27.19 0.17
CA PRO A 121 -3.66 -26.41 0.06
C PRO A 121 -3.57 -25.51 -1.18
N LYS A 122 -4.13 -25.94 -2.31
CA LYS A 122 -4.17 -25.13 -3.54
C LYS A 122 -4.98 -23.85 -3.44
N ASP A 123 -5.94 -23.76 -2.54
CA ASP A 123 -6.81 -22.60 -2.38
C ASP A 123 -6.07 -21.57 -1.60
N ILE A 124 -5.27 -21.96 -0.65
CA ILE A 124 -4.37 -21.06 0.10
C ILE A 124 -3.37 -20.44 -0.88
N GLN A 125 -2.78 -21.26 -1.75
CA GLN A 125 -1.80 -20.79 -2.74
C GLN A 125 -2.40 -19.85 -3.78
N LEU A 126 -3.62 -20.02 -4.27
CA LEU A 126 -4.22 -19.05 -5.18
C LEU A 126 -4.54 -17.75 -4.47
N ALA A 127 -5.03 -17.78 -3.25
CA ALA A 127 -5.28 -16.56 -2.51
C ALA A 127 -3.99 -15.74 -2.33
N ARG A 128 -2.89 -16.37 -1.91
CA ARG A 128 -1.60 -15.69 -1.71
C ARG A 128 -1.00 -15.17 -3.01
N ARG A 129 -1.27 -15.81 -4.15
CA ARG A 129 -0.81 -15.34 -5.46
C ARG A 129 -1.60 -14.15 -5.97
N ILE A 130 -2.94 -14.15 -5.92
CA ILE A 130 -3.76 -13.01 -6.34
C ILE A 130 -3.54 -11.79 -5.42
N ARG A 131 -3.26 -11.99 -4.17
CA ARG A 131 -2.92 -10.87 -3.30
C ARG A 131 -1.52 -10.34 -3.57
N GLY A 132 -0.69 -11.06 -4.31
CA GLY A 132 0.65 -10.61 -4.71
C GLY A 132 1.73 -10.85 -3.65
N GLU A 133 1.61 -11.91 -2.85
CA GLU A 133 2.52 -12.23 -1.74
C GLU A 133 2.86 -13.72 -1.68
N ALA B 15 13.21 -45.26 31.79
CA ALA B 15 14.05 -44.36 32.60
C ALA B 15 13.28 -43.14 33.04
N LYS B 16 13.39 -42.79 34.31
CA LYS B 16 12.71 -41.62 34.80
C LYS B 16 13.32 -40.46 34.06
N ARG B 17 14.63 -40.50 33.81
CA ARG B 17 15.33 -39.38 33.17
C ARG B 17 14.88 -39.03 31.76
N HIS B 18 14.36 -40.00 31.02
CA HIS B 18 13.99 -39.77 29.60
C HIS B 18 12.49 -39.85 29.35
N ARG B 19 11.66 -39.74 30.38
CA ARG B 19 10.20 -39.93 30.21
C ARG B 19 9.58 -38.91 29.26
N LYS B 20 10.07 -37.69 29.28
CA LYS B 20 9.54 -36.60 28.46
C LYS B 20 10.27 -36.48 27.12
N VAL B 21 9.53 -36.14 26.06
CA VAL B 21 10.06 -35.89 24.70
C VAL B 21 9.50 -34.59 24.14
N LEU B 22 10.35 -33.81 23.46
CA LEU B 22 10.10 -32.44 23.03
C LEU B 22 9.80 -32.37 21.52
N ARG B 23 8.83 -31.54 21.13
CA ARG B 23 8.50 -31.39 19.73
C ARG B 23 9.16 -30.13 19.25
N ASP B 24 9.10 -29.87 17.96
CA ASP B 24 9.65 -28.64 17.43
C ASP B 24 8.72 -27.54 17.85
N ASN B 25 9.12 -26.28 17.86
CA ASN B 25 8.24 -25.23 18.37
C ASN B 25 7.15 -24.86 17.38
N ILE B 26 7.30 -25.20 16.11
CA ILE B 26 6.22 -24.97 15.15
C ILE B 26 5.03 -25.85 15.51
N GLN B 27 5.30 -27.05 16.02
CA GLN B 27 4.24 -28.00 16.37
C GLN B 27 3.36 -27.50 17.49
N GLY B 28 3.79 -26.50 18.24
CA GLY B 28 3.01 -25.94 19.31
C GLY B 28 1.78 -25.29 18.78
N ILE B 29 1.80 -24.85 17.54
CA ILE B 29 0.56 -24.36 16.92
C ILE B 29 -0.13 -25.69 16.61
N THR B 30 -1.10 -26.09 17.43
CA THR B 30 -1.72 -27.41 17.28
C THR B 30 -2.83 -27.46 16.22
N LYS B 31 -3.32 -28.65 15.84
CA LYS B 31 -4.43 -28.80 14.91
C LYS B 31 -5.67 -28.24 15.52
N PRO B 32 -6.00 -28.54 16.79
CA PRO B 32 -7.12 -27.83 17.41
C PRO B 32 -7.03 -26.30 17.35
N ALA B 33 -5.86 -25.70 17.47
CA ALA B 33 -5.65 -24.24 17.36
C ALA B 33 -5.92 -23.69 15.97
N ILE B 34 -5.68 -24.43 14.90
CA ILE B 34 -5.88 -23.97 13.52
C ILE B 34 -7.32 -24.11 13.11
N ARG B 35 -7.96 -25.14 13.58
CA ARG B 35 -9.34 -25.33 13.29
C ARG B 35 -10.21 -24.22 13.80
N ARG B 36 -9.99 -23.68 14.98
CA ARG B 36 -10.75 -22.56 15.49
C ARG B 36 -10.57 -21.31 14.70
N LEU B 37 -9.38 -21.05 14.22
CA LEU B 37 -9.12 -19.90 13.36
C LEU B 37 -9.85 -19.99 12.05
N ALA B 38 -9.95 -21.17 11.48
CA ALA B 38 -10.70 -21.38 10.29
C ALA B 38 -12.16 -21.32 10.60
N ARG B 39 -12.61 -21.77 11.76
CA ARG B 39 -14.00 -21.56 12.10
C ARG B 39 -14.38 -20.10 12.29
N ARG B 40 -13.51 -19.25 12.82
CA ARG B 40 -13.81 -17.82 12.91
C ARG B 40 -13.87 -17.24 11.51
N GLY B 41 -13.12 -17.79 10.57
CA GLY B 41 -13.14 -17.35 9.20
C GLY B 41 -14.27 -17.91 8.40
N GLY B 42 -15.12 -18.75 8.98
CA GLY B 42 -16.27 -19.29 8.32
C GLY B 42 -16.03 -20.50 7.48
N VAL B 43 -14.97 -21.23 7.74
CA VAL B 43 -14.70 -22.50 7.03
C VAL B 43 -15.42 -23.67 7.70
N LYS B 44 -16.22 -24.41 6.94
CA LYS B 44 -16.96 -25.58 7.43
C LYS B 44 -16.19 -26.91 7.43
N ARG B 45 -15.36 -27.20 6.42
CA ARG B 45 -14.66 -28.49 6.28
C ARG B 45 -13.21 -28.34 5.82
N ILE B 46 -12.25 -29.04 6.39
CA ILE B 46 -10.84 -28.81 6.13
C ILE B 46 -10.14 -30.09 5.74
N SER B 47 -9.30 -30.08 4.73
CA SER B 47 -8.53 -31.22 4.33
C SER B 47 -7.42 -31.38 5.24
N GLY B 48 -6.77 -32.52 5.26
CA GLY B 48 -5.76 -32.79 6.23
C GLY B 48 -4.39 -32.36 5.96
N LEU B 49 -4.15 -31.78 4.82
CA LEU B 49 -2.85 -31.32 4.46
C LEU B 49 -2.78 -29.86 4.62
N ILE B 50 -3.80 -29.25 5.17
CA ILE B 50 -3.84 -27.85 5.32
C ILE B 50 -3.17 -27.49 6.58
N TYR B 51 -2.89 -28.43 7.44
CA TYR B 51 -2.33 -28.07 8.71
C TYR B 51 -0.85 -27.79 8.61
N GLU B 52 -0.12 -28.46 7.75
CA GLU B 52 1.31 -28.21 7.53
C GLU B 52 1.54 -27.02 6.64
N GLU B 53 0.70 -26.80 5.66
CA GLU B 53 0.68 -25.60 4.82
C GLU B 53 0.52 -24.31 5.63
N THR B 54 -0.36 -24.31 6.64
CA THR B 54 -0.62 -23.15 7.49
C THR B 54 0.58 -22.81 8.35
N ARG B 55 1.27 -23.82 8.88
CA ARG B 55 2.48 -23.56 9.67
C ARG B 55 3.55 -22.89 8.81
N GLY B 56 3.79 -23.40 7.60
CA GLY B 56 4.72 -22.77 6.67
C GLY B 56 4.41 -21.30 6.42
N VAL B 57 3.13 -20.97 6.21
CA VAL B 57 2.66 -19.60 5.97
C VAL B 57 2.82 -18.69 7.18
N LEU B 58 2.45 -19.12 8.38
CA LEU B 58 2.68 -18.30 9.57
C LEU B 58 4.16 -18.03 9.80
N LYS B 59 5.00 -19.03 9.64
CA LYS B 59 6.43 -18.87 9.87
C LYS B 59 7.04 -17.80 8.98
N VAL B 60 6.64 -17.74 7.71
CA VAL B 60 7.06 -16.69 6.78
C VAL B 60 6.54 -15.32 7.19
N PHE B 61 5.32 -15.22 7.73
CA PHE B 61 4.80 -13.96 8.26
C PHE B 61 5.61 -13.48 9.47
N LEU B 62 5.85 -14.35 10.46
CA LEU B 62 6.63 -13.99 11.65
C LEU B 62 8.07 -13.61 11.33
N GLU B 63 8.73 -14.29 10.40
CA GLU B 63 10.08 -13.93 9.96
C GLU B 63 10.17 -12.49 9.44
N ASN B 64 9.28 -12.10 8.53
CA ASN B 64 9.27 -10.76 7.97
C ASN B 64 8.95 -9.66 8.99
N VAL B 65 8.03 -9.89 9.94
CA VAL B 65 7.74 -8.88 10.98
C VAL B 65 8.88 -8.78 11.99
N ILE B 66 9.39 -9.92 12.47
CA ILE B 66 10.42 -9.93 13.52
C ILE B 66 11.74 -9.34 12.98
N ARG B 67 12.13 -9.67 11.77
CA ARG B 67 13.40 -9.17 11.26
C ARG B 67 13.43 -7.65 11.38
N ASP B 68 12.34 -6.98 11.02
CA ASP B 68 12.27 -5.51 11.09
C ASP B 68 12.17 -5.00 12.51
N ALA B 69 11.32 -5.62 13.34
CA ALA B 69 11.27 -5.23 14.75
C ALA B 69 12.65 -5.29 15.43
N VAL B 70 13.52 -6.20 15.02
CA VAL B 70 14.87 -6.26 15.55
C VAL B 70 15.79 -5.21 14.94
N THR B 71 15.57 -4.80 13.71
CA THR B 71 16.36 -3.74 13.10
C THR B 71 16.12 -2.46 13.83
N TYR B 72 14.90 -2.18 14.21
CA TYR B 72 14.59 -1.01 15.01
C TYR B 72 15.22 -1.05 16.39
N THR B 73 15.30 -2.22 17.00
CA THR B 73 15.83 -2.35 18.34
C THR B 73 17.33 -2.14 18.33
N GLU B 74 18.00 -2.68 17.33
CA GLU B 74 19.44 -2.50 17.19
C GLU B 74 19.79 -1.05 16.96
N HIS B 75 19.00 -0.34 16.19
CA HIS B 75 19.24 1.07 15.90
C HIS B 75 19.16 1.90 17.15
N ALA B 76 18.27 1.55 18.06
CA ALA B 76 18.12 2.25 19.32
C ALA B 76 19.13 1.79 20.36
N LYS B 77 19.96 0.82 20.02
CA LYS B 77 20.96 0.29 20.94
C LYS B 77 20.37 -0.31 22.19
N ARG B 78 19.32 -1.10 22.05
CA ARG B 78 18.66 -1.75 23.18
C ARG B 78 18.67 -3.24 22.96
N LYS B 79 18.67 -4.04 24.03
CA LYS B 79 18.61 -5.50 23.93
C LYS B 79 17.19 -6.07 24.05
N THR B 80 16.24 -5.27 24.54
CA THR B 80 14.84 -5.66 24.71
C THR B 80 13.98 -5.24 23.51
N VAL B 81 13.22 -6.15 22.91
CA VAL B 81 12.18 -5.80 21.91
C VAL B 81 10.96 -5.25 22.64
N THR B 82 10.51 -4.06 22.27
CA THR B 82 9.34 -3.40 22.87
C THR B 82 8.08 -3.57 22.03
N ALA B 83 6.91 -3.21 22.58
CA ALA B 83 5.68 -3.18 21.80
C ALA B 83 5.72 -2.17 20.64
N MET B 84 6.37 -1.03 20.79
CA MET B 84 6.50 -0.04 19.72
C MET B 84 7.32 -0.54 18.54
N ASP B 85 8.38 -1.33 18.77
CA ASP B 85 9.16 -1.95 17.70
C ASP B 85 8.33 -2.85 16.80
N VAL B 86 7.37 -3.59 17.38
CA VAL B 86 6.43 -4.45 16.66
C VAL B 86 5.40 -3.61 15.91
N VAL B 87 4.84 -2.58 16.55
CA VAL B 87 3.84 -1.71 15.91
C VAL B 87 4.40 -0.95 14.70
N TYR B 88 5.61 -0.40 14.78
CA TYR B 88 6.26 0.25 13.64
C TYR B 88 6.57 -0.71 12.50
N ALA B 89 7.03 -1.92 12.77
CA ALA B 89 7.25 -2.94 11.74
C ALA B 89 5.98 -3.33 11.00
N LEU B 90 4.87 -3.54 11.70
CA LEU B 90 3.58 -3.84 11.08
C LEU B 90 3.08 -2.67 10.24
N LYS B 91 3.20 -1.44 10.73
CA LYS B 91 2.81 -0.21 10.01
C LYS B 91 3.57 -0.05 8.69
N ARG B 92 4.88 -0.30 8.72
CA ARG B 92 5.72 -0.16 7.53
C ARG B 92 5.32 -1.18 6.47
N GLN B 93 4.75 -2.32 6.83
CA GLN B 93 4.28 -3.34 5.87
C GLN B 93 2.81 -3.28 5.50
N GLY B 94 2.11 -2.25 5.87
CA GLY B 94 0.69 -2.14 5.62
C GLY B 94 -0.16 -2.96 6.55
N ARG B 95 0.28 -3.28 7.77
CA ARG B 95 -0.46 -4.14 8.71
C ARG B 95 -0.78 -3.32 9.96
N THR B 96 -1.13 -2.03 9.79
CA THR B 96 -1.44 -1.15 10.93
C THR B 96 -2.19 -1.85 12.07
N LEU B 97 -1.74 -1.71 13.33
CA LEU B 97 -2.42 -2.29 14.49
C LEU B 97 -2.81 -1.21 15.50
N TYR B 98 -4.08 -1.17 15.95
CA TYR B 98 -4.50 -0.22 17.00
C TYR B 98 -4.48 -0.90 18.37
N GLY B 99 -4.36 -0.13 19.46
CA GLY B 99 -4.43 -0.69 20.82
C GLY B 99 -3.13 -0.78 21.63
N PHE B 100 -1.98 -1.00 20.98
CA PHE B 100 -0.70 -1.15 21.67
C PHE B 100 0.14 0.15 21.76
N GLY B 101 -0.51 1.30 21.66
CA GLY B 101 0.14 2.63 21.62
C GLY B 101 0.42 3.13 20.20
N GLY B 102 1.05 4.29 20.09
CA GLY B 102 1.30 4.98 18.82
C GLY B 102 0.03 5.51 18.17
N ARG C 11 42.97 30.99 -1.56
CA ARG C 11 41.99 29.89 -1.61
C ARG C 11 42.57 28.75 -2.40
N ALA C 12 42.42 27.54 -1.91
CA ALA C 12 42.97 26.39 -2.58
C ALA C 12 42.09 25.97 -3.73
N LYS C 13 42.63 25.18 -4.65
CA LYS C 13 41.86 24.73 -5.78
C LYS C 13 40.71 23.91 -5.27
N ALA C 14 39.51 24.14 -5.79
CA ALA C 14 38.37 23.32 -5.40
C ALA C 14 38.44 21.87 -5.91
N LYS C 15 37.99 20.91 -5.09
CA LYS C 15 37.81 19.50 -5.43
C LYS C 15 36.41 19.04 -5.02
N THR C 16 35.54 18.79 -5.99
CA THR C 16 34.12 18.44 -5.73
C THR C 16 34.00 17.21 -4.83
N ARG C 17 33.09 17.22 -3.87
CA ARG C 17 33.01 16.14 -2.89
C ARG C 17 32.84 14.75 -3.47
N SER C 18 32.30 14.59 -4.67
CA SER C 18 32.20 13.29 -5.29
C SER C 18 33.56 12.77 -5.67
N SER C 19 34.49 13.65 -6.06
CA SER C 19 35.86 13.22 -6.37
C SER C 19 36.58 12.74 -5.10
N ARG C 20 36.29 13.36 -3.96
CA ARG C 20 36.94 12.99 -2.71
C ARG C 20 36.50 11.60 -2.24
N ALA C 21 35.24 11.24 -2.52
CA ALA C 21 34.70 9.96 -2.12
C ALA C 21 34.86 8.94 -3.19
N GLY C 22 35.07 9.33 -4.44
CA GLY C 22 35.39 8.36 -5.47
C GLY C 22 34.07 7.91 -5.98
N LEU C 23 33.26 8.84 -6.48
CA LEU C 23 31.92 8.55 -6.95
C LEU C 23 31.62 9.36 -8.19
N GLN C 24 30.68 8.90 -9.02
CA GLN C 24 30.25 9.63 -10.22
C GLN C 24 28.98 10.44 -10.01
N PHE C 25 28.10 10.02 -9.11
CA PHE C 25 26.87 10.76 -8.80
C PHE C 25 27.21 11.97 -7.98
N PRO C 26 26.34 13.00 -7.91
CA PRO C 26 26.69 14.26 -7.23
C PRO C 26 26.44 14.39 -5.71
N VAL C 27 27.47 14.49 -4.86
CA VAL C 27 27.29 14.59 -3.43
C VAL C 27 26.72 15.93 -3.05
N GLY C 28 27.14 16.98 -3.70
CA GLY C 28 26.64 18.30 -3.40
C GLY C 28 25.20 18.53 -3.66
N ARG C 29 24.67 17.99 -4.74
CA ARG C 29 23.29 18.15 -5.07
C ARG C 29 22.47 17.39 -4.11
N VAL C 30 22.89 16.20 -3.73
CA VAL C 30 22.14 15.35 -2.80
C VAL C 30 22.00 15.99 -1.48
N HIS C 31 23.00 16.70 -1.02
CA HIS C 31 22.92 17.44 0.21
C HIS C 31 21.91 18.55 0.17
N ARG C 32 21.82 19.30 -0.92
CA ARG C 32 20.80 20.32 -1.03
C ARG C 32 19.43 19.74 -1.04
N LEU C 33 19.24 18.67 -1.74
CA LEU C 33 17.94 18.10 -1.84
C LEU C 33 17.48 17.64 -0.51
N LEU C 34 18.34 17.05 0.30
CA LEU C 34 17.99 16.66 1.66
C LEU C 34 17.73 17.79 2.59
N ARG C 35 18.52 18.85 2.53
CA ARG C 35 18.34 20.01 3.40
C ARG C 35 17.08 20.75 3.17
N LYS C 36 16.67 20.85 1.93
CA LYS C 36 15.47 21.59 1.58
C LYS C 36 14.27 20.71 1.44
N GLY C 37 14.36 19.42 1.67
CA GLY C 37 13.24 18.52 1.49
C GLY C 37 12.41 18.18 2.69
N ASN C 38 12.67 18.82 3.85
CA ASN C 38 11.92 18.59 5.10
C ASN C 38 12.07 17.17 5.69
N TYR C 39 13.26 16.58 5.57
CA TYR C 39 13.53 15.26 6.16
C TYR C 39 13.99 15.32 7.61
N ALA C 40 14.68 16.40 8.00
CA ALA C 40 15.13 16.55 9.38
C ALA C 40 15.55 17.96 9.71
N GLU C 41 15.62 18.31 11.00
CA GLU C 41 16.14 19.64 11.36
C GLU C 41 17.59 19.84 10.87
N ARG C 42 18.42 18.80 11.01
CA ARG C 42 19.84 18.90 10.62
C ARG C 42 20.17 17.71 9.74
N VAL C 43 21.33 17.73 9.08
CA VAL C 43 21.78 16.62 8.24
C VAL C 43 23.30 16.60 8.25
N GLY C 44 23.90 15.46 8.53
CA GLY C 44 25.34 15.32 8.66
C GLY C 44 26.11 15.24 7.39
N ALA C 45 27.42 15.39 7.44
CA ALA C 45 28.21 15.47 6.22
C ALA C 45 28.53 14.15 5.61
N GLY C 46 28.51 13.09 6.38
CA GLY C 46 28.65 11.74 5.81
C GLY C 46 27.37 11.19 5.17
N ALA C 47 26.20 11.78 5.43
CA ALA C 47 24.92 11.29 4.93
C ALA C 47 24.78 11.39 3.40
N PRO C 48 25.13 12.53 2.76
CA PRO C 48 25.08 12.62 1.31
C PRO C 48 26.05 11.74 0.58
N VAL C 49 27.19 11.40 1.14
CA VAL C 49 28.21 10.49 0.60
C VAL C 49 27.70 9.06 0.60
N TYR C 50 27.10 8.60 1.70
CA TYR C 50 26.53 7.26 1.79
C TYR C 50 25.39 7.12 0.78
N LEU C 51 24.45 8.07 0.75
CA LEU C 51 23.31 8.02 -0.16
C LEU C 51 23.71 8.11 -1.64
N ALA C 52 24.64 8.98 -2.02
CA ALA C 52 25.15 9.03 -3.39
C ALA C 52 25.80 7.71 -3.84
N ALA C 53 26.52 7.01 -2.96
CA ALA C 53 27.11 5.73 -3.28
C ALA C 53 26.07 4.63 -3.55
N VAL C 54 24.99 4.61 -2.78
CA VAL C 54 23.89 3.64 -2.94
C VAL C 54 23.09 3.91 -4.22
N LEU C 55 22.80 5.17 -4.55
CA LEU C 55 22.13 5.53 -5.79
C LEU C 55 22.95 5.18 -7.04
N GLU C 56 24.27 5.26 -6.96
CA GLU C 56 25.11 4.89 -8.08
C GLU C 56 25.25 3.42 -8.21
N TYR C 57 25.34 2.70 -7.12
CA TYR C 57 25.31 1.24 -7.20
C TYR C 57 24.05 0.68 -7.78
N LEU C 58 22.89 1.12 -7.32
CA LEU C 58 21.61 0.66 -7.86
C LEU C 58 21.44 1.02 -9.34
N THR C 59 21.94 2.17 -9.76
CA THR C 59 21.94 2.57 -11.17
C THR C 59 22.80 1.64 -12.02
N ALA C 60 24.02 1.34 -11.60
CA ALA C 60 24.90 0.42 -12.30
C ALA C 60 24.34 -1.02 -12.36
N GLU C 61 23.66 -1.47 -11.31
CA GLU C 61 22.98 -2.77 -11.24
C GLU C 61 21.94 -2.93 -12.35
N ILE C 62 21.13 -1.91 -12.62
CA ILE C 62 20.12 -1.94 -13.69
C ILE C 62 20.78 -1.86 -15.06
N LEU C 63 21.60 -0.85 -15.28
CA LEU C 63 22.18 -0.63 -16.59
C LEU C 63 23.07 -1.73 -17.05
N GLU C 64 23.62 -2.51 -16.15
CA GLU C 64 24.39 -3.67 -16.55
C GLU C 64 23.55 -4.70 -17.23
N LEU C 65 22.36 -4.98 -16.71
CA LEU C 65 21.52 -6.04 -17.23
C LEU C 65 20.76 -5.51 -18.39
N ALA C 66 20.45 -4.23 -18.45
CA ALA C 66 19.87 -3.60 -19.61
C ALA C 66 20.79 -3.65 -20.83
N GLY C 67 22.06 -3.41 -20.66
CA GLY C 67 23.06 -3.50 -21.72
C GLY C 67 23.16 -4.87 -22.29
N ASN C 68 22.93 -5.88 -21.48
CA ASN C 68 23.05 -7.23 -21.92
C ASN C 68 21.80 -7.57 -22.67
N ALA C 69 20.64 -7.14 -22.23
CA ALA C 69 19.42 -7.32 -23.01
C ALA C 69 19.47 -6.61 -24.38
N ALA C 70 20.06 -5.42 -24.47
CA ALA C 70 20.27 -4.75 -25.75
C ALA C 70 21.17 -5.57 -26.69
N ARG C 71 22.29 -6.11 -26.21
CA ARG C 71 23.19 -6.95 -27.04
C ARG C 71 22.53 -8.26 -27.42
N ASP C 72 21.75 -8.86 -26.55
CA ASP C 72 20.96 -10.03 -26.92
C ASP C 72 19.97 -9.75 -28.07
N ASN C 73 19.34 -8.58 -28.11
CA ASN C 73 18.52 -8.13 -29.24
C ASN C 73 19.34 -7.62 -30.45
N LYS C 74 20.68 -7.66 -30.39
CA LYS C 74 21.62 -7.20 -31.43
C LYS C 74 21.55 -5.71 -31.78
N LYS C 75 21.07 -4.86 -30.87
CA LYS C 75 20.89 -3.41 -31.04
C LYS C 75 21.82 -2.63 -30.12
N THR C 76 22.37 -1.51 -30.58
CA THR C 76 23.43 -0.77 -29.85
C THR C 76 22.91 0.20 -28.79
N ARG C 77 21.62 0.56 -28.85
CA ARG C 77 21.05 1.53 -27.90
C ARG C 77 20.05 0.89 -26.95
N ILE C 78 20.14 1.21 -25.66
CA ILE C 78 19.16 0.71 -24.69
C ILE C 78 17.86 1.45 -24.95
N ILE C 79 16.71 0.77 -24.88
CA ILE C 79 15.41 1.38 -25.13
C ILE C 79 14.54 0.98 -23.95
N PRO C 80 13.33 1.56 -23.82
CA PRO C 80 12.52 1.24 -22.63
C PRO C 80 12.06 -0.21 -22.39
N ARG C 81 12.11 -1.08 -23.39
CA ARG C 81 11.68 -2.46 -23.25
C ARG C 81 12.79 -3.24 -22.62
N HIS C 82 14.02 -2.91 -22.95
CA HIS C 82 15.18 -3.59 -22.41
C HIS C 82 15.24 -3.42 -20.92
N LEU C 83 14.85 -2.28 -20.41
CA LEU C 83 14.79 -2.04 -18.99
C LEU C 83 13.75 -2.90 -18.32
N GLN C 84 12.62 -3.18 -18.96
CA GLN C 84 11.57 -4.01 -18.38
C GLN C 84 12.03 -5.44 -18.33
N LEU C 85 12.79 -5.90 -19.31
CA LEU C 85 13.15 -7.28 -19.39
C LEU C 85 14.16 -7.50 -18.35
N ALA C 86 15.00 -6.53 -18.04
CA ALA C 86 15.93 -6.69 -16.92
C ALA C 86 15.35 -6.73 -15.54
N VAL C 87 14.45 -5.84 -15.21
CA VAL C 87 13.89 -5.77 -13.88
C VAL C 87 13.04 -6.97 -13.58
N ARG C 88 12.21 -7.37 -14.51
CA ARG C 88 11.32 -8.50 -14.32
C ARG C 88 12.00 -9.84 -14.26
N ASN C 89 13.12 -10.02 -14.95
CA ASN C 89 13.87 -11.27 -14.94
C ASN C 89 14.82 -11.42 -13.75
N ASP C 90 15.00 -10.41 -12.91
CA ASP C 90 15.77 -10.51 -11.67
C ASP C 90 14.87 -10.46 -10.43
N GLU C 91 14.98 -11.42 -9.52
CA GLU C 91 14.07 -11.54 -8.37
C GLU C 91 14.09 -10.34 -7.42
N GLU C 92 15.27 -9.77 -7.17
CA GLU C 92 15.40 -8.65 -6.21
C GLU C 92 15.00 -7.32 -6.81
N LEU C 93 15.41 -7.00 -8.03
CA LEU C 93 14.88 -5.81 -8.70
C LEU C 93 13.37 -5.92 -8.89
N ASN C 94 12.81 -7.10 -9.21
CA ASN C 94 11.36 -7.25 -9.29
C ASN C 94 10.67 -7.10 -7.92
N LYS C 95 11.33 -7.42 -6.81
CA LYS C 95 10.81 -7.16 -5.45
C LYS C 95 10.92 -5.68 -5.06
N LEU C 96 11.99 -4.98 -5.46
CA LEU C 96 12.15 -3.55 -5.24
C LEU C 96 11.15 -2.72 -6.06
N LEU C 97 10.90 -3.09 -7.32
CA LEU C 97 10.06 -2.37 -8.28
C LEU C 97 8.74 -3.11 -8.57
N GLY C 98 8.19 -3.81 -7.59
CA GLY C 98 7.01 -4.68 -7.75
C GLY C 98 5.68 -3.95 -7.98
N ARG C 99 5.57 -2.70 -7.54
CA ARG C 99 4.39 -1.83 -7.73
C ARG C 99 4.55 -0.75 -8.81
N VAL C 100 5.55 -0.86 -9.68
CA VAL C 100 5.86 0.14 -10.71
C VAL C 100 5.41 -0.32 -12.11
N THR C 101 4.81 0.59 -12.89
CA THR C 101 4.62 0.45 -14.34
C THR C 101 5.69 1.24 -15.09
N ILE C 102 6.30 0.67 -16.12
CA ILE C 102 7.29 1.39 -16.94
C ILE C 102 6.68 1.61 -18.32
N ALA C 103 6.70 2.85 -18.80
CA ALA C 103 6.07 3.18 -20.07
C ALA C 103 6.77 2.58 -21.28
N GLN C 104 6.01 2.10 -22.27
CA GLN C 104 6.61 1.40 -23.41
C GLN C 104 7.32 0.15 -22.91
N GLY C 105 6.72 -0.50 -21.91
CA GLY C 105 7.29 -1.74 -21.36
C GLY C 105 6.32 -2.87 -21.66
N GLY C 106 6.80 -3.91 -22.32
CA GLY C 106 5.98 -5.06 -22.68
C GLY C 106 5.83 -6.04 -21.54
N VAL C 107 4.98 -7.04 -21.69
CA VAL C 107 4.86 -8.08 -20.67
C VAL C 107 5.87 -9.16 -21.01
N LEU C 108 6.59 -9.72 -20.02
CA LEU C 108 7.46 -10.86 -20.31
C LEU C 108 6.72 -11.97 -21.02
N PRO C 109 7.34 -12.63 -22.02
CA PRO C 109 6.57 -13.65 -22.77
C PRO C 109 6.16 -14.86 -21.92
N ASN C 110 4.89 -15.32 -21.93
CA ASN C 110 4.45 -16.31 -20.95
C ASN C 110 3.02 -16.81 -21.25
N ILE C 111 2.87 -18.13 -21.30
CA ILE C 111 1.59 -18.84 -21.40
C ILE C 111 1.53 -19.92 -20.31
N GLN C 112 0.40 -20.06 -19.60
CA GLN C 112 0.21 -21.16 -18.64
C GLN C 112 0.12 -22.51 -19.37
N SER C 113 0.84 -23.54 -18.93
CA SER C 113 1.03 -24.78 -19.72
C SER C 113 -0.26 -25.54 -19.99
N VAL C 114 -1.28 -25.37 -19.16
CA VAL C 114 -2.67 -25.82 -19.38
C VAL C 114 -3.24 -25.40 -20.75
N LEU C 115 -2.84 -24.23 -21.26
CA LEU C 115 -3.37 -23.62 -22.48
C LEU C 115 -2.63 -24.06 -23.77
N LEU C 116 -1.43 -24.62 -23.66
CA LEU C 116 -0.64 -25.08 -24.80
C LEU C 116 -1.27 -26.33 -25.46
N PRO C 117 -1.11 -26.56 -26.79
CA PRO C 117 -1.66 -27.72 -27.46
C PRO C 117 -1.01 -29.04 -27.03
N LYS C 118 -1.73 -30.16 -27.19
CA LYS C 118 -1.29 -31.50 -26.79
C LYS C 118 -0.04 -31.92 -27.57
N ARG D 27 15.83 33.74 -20.26
CA ARG D 27 14.36 33.63 -20.07
C ARG D 27 13.92 32.22 -19.68
N LYS D 28 13.95 31.25 -20.60
CA LYS D 28 13.52 29.85 -20.35
C LYS D 28 14.35 29.21 -19.23
N THR D 29 13.72 28.84 -18.13
CA THR D 29 14.42 28.34 -16.93
C THR D 29 14.98 26.92 -17.11
N ARG D 30 16.05 26.64 -16.34
CA ARG D 30 16.67 25.34 -16.40
C ARG D 30 15.94 24.25 -15.65
N LYS D 31 16.01 23.03 -16.15
CA LYS D 31 15.45 21.85 -15.46
C LYS D 31 16.57 20.87 -15.12
N GLU D 32 16.79 20.59 -13.84
CA GLU D 32 17.80 19.62 -13.40
C GLU D 32 17.40 18.16 -13.67
N SER D 33 18.37 17.27 -13.89
CA SER D 33 18.16 15.83 -14.04
C SER D 33 19.42 15.03 -13.71
N TYR D 34 19.31 13.70 -13.59
CA TYR D 34 20.44 12.81 -13.37
C TYR D 34 21.12 12.34 -14.67
N ALA D 35 20.68 12.79 -15.84
CA ALA D 35 21.05 12.17 -17.12
C ALA D 35 22.56 12.08 -17.37
N ILE D 36 23.32 13.13 -17.07
CA ILE D 36 24.76 13.13 -17.28
C ILE D 36 25.54 12.25 -16.36
N TYR D 37 24.99 11.84 -15.23
CA TYR D 37 25.61 10.89 -14.32
C TYR D 37 25.21 9.48 -14.77
N VAL D 38 23.96 9.23 -15.11
CA VAL D 38 23.50 7.97 -15.71
C VAL D 38 24.34 7.65 -16.95
N TYR D 39 24.62 8.62 -17.82
CA TYR D 39 25.43 8.40 -19.01
C TYR D 39 26.87 8.02 -18.65
N LYS D 40 27.44 8.66 -17.65
CA LYS D 40 28.82 8.38 -17.24
C LYS D 40 29.00 7.08 -16.53
N VAL D 41 27.93 6.52 -16.01
CA VAL D 41 27.99 5.25 -15.33
C VAL D 41 27.75 4.15 -16.36
N LEU D 42 26.96 4.39 -17.39
CA LEU D 42 26.78 3.42 -18.43
C LEU D 42 28.07 3.18 -19.13
N LYS D 43 28.80 4.22 -19.41
CA LYS D 43 30.02 4.09 -20.16
C LYS D 43 31.01 3.29 -19.42
N GLN D 44 30.99 3.36 -18.11
CA GLN D 44 31.89 2.60 -17.29
C GLN D 44 31.50 1.14 -17.30
N VAL D 45 30.21 0.84 -17.35
CA VAL D 45 29.73 -0.55 -17.43
C VAL D 45 29.77 -1.20 -18.79
N HIS D 46 29.28 -0.54 -19.82
CA HIS D 46 29.28 -1.06 -21.19
C HIS D 46 29.79 0.08 -22.00
N PRO D 47 31.05 0.05 -22.40
CA PRO D 47 31.60 1.20 -23.11
C PRO D 47 30.99 1.58 -24.43
N ASP D 48 30.59 0.63 -25.26
CA ASP D 48 30.08 0.93 -26.61
C ASP D 48 28.61 1.17 -26.74
N THR D 49 27.86 0.93 -25.67
CA THR D 49 26.41 1.03 -25.72
C THR D 49 25.90 2.44 -25.58
N GLY D 50 24.82 2.77 -26.28
CA GLY D 50 24.12 4.06 -26.14
C GLY D 50 22.77 3.92 -25.42
N ILE D 51 21.98 4.98 -25.31
CA ILE D 51 20.66 4.93 -24.65
C ILE D 51 19.68 5.93 -25.28
N SER D 52 18.42 5.57 -25.48
CA SER D 52 17.41 6.49 -26.05
C SER D 52 16.82 7.47 -25.02
N SER D 53 16.28 8.59 -25.47
CA SER D 53 15.74 9.67 -24.60
C SER D 53 14.60 9.23 -23.69
N LYS D 54 13.81 8.23 -24.10
CA LYS D 54 12.74 7.64 -23.28
C LYS D 54 13.29 6.75 -22.17
N ALA D 55 14.29 5.93 -22.45
CA ALA D 55 14.99 5.17 -21.42
C ALA D 55 15.70 6.10 -20.41
N MET D 56 16.25 7.24 -20.85
CA MET D 56 16.71 8.28 -19.92
C MET D 56 15.62 8.83 -19.00
N SER D 57 14.43 9.16 -19.51
CA SER D 57 13.31 9.61 -18.67
C SER D 57 12.93 8.59 -17.60
N ILE D 58 12.98 7.30 -17.92
CA ILE D 58 12.71 6.22 -16.97
C ILE D 58 13.82 6.09 -15.93
N MET D 59 15.11 6.16 -16.30
CA MET D 59 16.20 6.16 -15.31
C MET D 59 16.16 7.38 -14.39
N ASN D 60 15.84 8.56 -14.91
CA ASN D 60 15.67 9.75 -14.09
C ASN D 60 14.49 9.59 -13.10
N SER D 61 13.42 8.90 -13.48
CA SER D 61 12.29 8.59 -12.60
C SER D 61 12.68 7.59 -11.51
N PHE D 62 13.42 6.54 -11.87
CA PHE D 62 13.92 5.55 -10.92
C PHE D 62 14.79 6.16 -9.82
N VAL D 63 15.78 6.99 -10.16
CA VAL D 63 16.66 7.61 -9.15
C VAL D 63 15.88 8.46 -8.16
N ASN D 64 14.88 9.21 -8.63
CA ASN D 64 14.06 10.04 -7.76
C ASN D 64 13.12 9.23 -6.86
N ASP D 65 12.51 8.16 -7.36
CA ASP D 65 11.72 7.24 -6.52
C ASP D 65 12.57 6.64 -5.39
N VAL D 66 13.75 6.11 -5.69
CA VAL D 66 14.61 5.50 -4.66
C VAL D 66 15.16 6.52 -3.67
N PHE D 67 15.55 7.72 -4.10
CA PHE D 67 15.91 8.81 -3.19
C PHE D 67 14.79 9.13 -2.19
N GLU D 68 13.56 9.27 -2.66
CA GLU D 68 12.43 9.59 -1.78
C GLU D 68 12.11 8.47 -0.79
N ARG D 69 12.21 7.20 -1.19
CA ARG D 69 11.98 6.06 -0.28
C ARG D 69 13.00 6.03 0.85
N ILE D 70 14.28 6.12 0.54
CA ILE D 70 15.35 6.09 1.54
C ILE D 70 15.23 7.29 2.47
N ALA D 71 15.08 8.50 1.94
CA ALA D 71 14.96 9.69 2.76
C ALA D 71 13.72 9.71 3.67
N GLY D 72 12.58 9.14 3.26
CA GLY D 72 11.39 9.04 4.10
C GLY D 72 11.56 8.09 5.28
N GLU D 73 12.19 6.94 5.10
CA GLU D 73 12.47 6.01 6.19
C GLU D 73 13.53 6.57 7.15
N ALA D 74 14.60 7.17 6.63
CA ALA D 74 15.62 7.81 7.45
C ALA D 74 15.04 8.94 8.32
N SER D 75 14.04 9.64 7.83
CA SER D 75 13.39 10.70 8.62
C SER D 75 12.61 10.19 9.79
N ARG D 76 11.82 9.17 9.60
CA ARG D 76 11.03 8.58 10.66
C ARG D 76 11.80 7.94 11.75
N LEU D 77 12.90 7.30 11.43
CA LEU D 77 13.66 6.56 12.38
C LEU D 77 14.24 7.51 13.34
N ALA D 78 14.46 8.74 12.95
CA ALA D 78 15.03 9.74 13.82
C ALA D 78 13.98 10.27 14.73
N HIS D 79 12.79 10.49 14.25
CA HIS D 79 11.67 10.90 15.09
C HIS D 79 11.33 9.87 16.13
N TYR D 80 11.33 8.59 15.77
CA TYR D 80 11.03 7.53 16.72
C TYR D 80 12.01 7.59 17.87
N ASN D 81 13.29 7.81 17.58
CA ASN D 81 14.32 7.82 18.60
C ASN D 81 14.61 9.22 19.13
N LYS D 82 13.79 10.21 18.77
CA LYS D 82 13.94 11.59 19.27
C LYS D 82 15.23 12.30 19.03
N ARG D 83 15.79 12.17 17.83
CA ARG D 83 17.01 12.83 17.44
C ARG D 83 16.63 13.82 16.37
N SER D 84 17.33 14.96 16.24
CA SER D 84 17.03 15.97 15.22
C SER D 84 17.91 15.89 13.97
N THR D 85 18.97 15.08 13.97
CA THR D 85 19.95 14.97 12.89
C THR D 85 19.81 13.65 12.11
N ILE D 86 19.71 13.71 10.78
CA ILE D 86 19.96 12.55 9.90
C ILE D 86 21.45 12.37 9.71
N THR D 87 21.94 11.14 9.84
CA THR D 87 23.36 10.76 9.74
C THR D 87 23.51 9.47 8.93
N SER D 88 24.73 9.10 8.55
CA SER D 88 25.00 7.84 7.83
C SER D 88 24.46 6.60 8.53
N ARG D 89 24.40 6.57 9.86
CA ARG D 89 23.81 5.43 10.57
C ARG D 89 22.30 5.26 10.33
N GLU D 90 21.56 6.35 10.14
CA GLU D 90 20.12 6.29 9.96
C GLU D 90 19.88 5.95 8.54
N ILE D 91 20.75 6.32 7.63
CA ILE D 91 20.66 5.89 6.23
C ILE D 91 20.99 4.42 6.08
N GLN D 92 22.00 3.92 6.77
CA GLN D 92 22.31 2.50 6.80
C GLN D 92 21.14 1.65 7.30
N THR D 93 20.47 2.03 8.35
CA THR D 93 19.30 1.30 8.78
C THR D 93 18.18 1.43 7.77
N ALA D 94 17.92 2.60 7.22
CA ALA D 94 16.90 2.76 6.18
C ALA D 94 17.13 1.82 4.99
N VAL D 95 18.37 1.68 4.52
CA VAL D 95 18.75 0.79 3.41
C VAL D 95 18.46 -0.68 3.72
N ARG D 96 18.77 -1.15 4.93
CA ARG D 96 18.46 -2.51 5.39
C ARG D 96 16.96 -2.80 5.53
N LEU D 97 16.16 -1.82 5.88
CA LEU D 97 14.70 -1.95 5.90
C LEU D 97 14.10 -2.01 4.48
N LEU D 98 14.54 -1.16 3.55
CA LEU D 98 13.94 -1.05 2.22
C LEU D 98 14.42 -2.07 1.19
N LEU D 99 15.74 -2.28 1.08
CA LEU D 99 16.25 -3.13 -0.01
C LEU D 99 16.08 -4.62 0.25
N PRO D 100 15.91 -5.44 -0.82
CA PRO D 100 15.88 -6.90 -0.60
C PRO D 100 17.17 -7.41 0.03
N GLY D 101 17.26 -8.69 0.36
CA GLY D 101 18.41 -9.18 1.10
C GLY D 101 19.84 -9.11 0.54
N GLU D 102 20.04 -9.45 -0.71
CA GLU D 102 21.39 -9.46 -1.30
C GLU D 102 21.75 -8.06 -1.77
N LEU D 103 20.79 -7.36 -2.36
CA LEU D 103 21.02 -5.97 -2.78
C LEU D 103 21.44 -5.16 -1.58
N ALA D 104 20.82 -5.40 -0.44
CA ALA D 104 21.14 -4.65 0.77
C ALA D 104 22.57 -4.86 1.20
N LYS D 105 23.07 -6.08 1.09
CA LYS D 105 24.43 -6.39 1.54
C LYS D 105 25.48 -5.66 0.71
N HIS D 106 25.39 -5.75 -0.61
CA HIS D 106 26.36 -5.12 -1.47
C HIS D 106 26.31 -3.65 -1.34
N ALA D 107 25.12 -3.11 -1.23
CA ALA D 107 24.93 -1.67 -1.12
C ALA D 107 25.52 -1.13 0.13
N VAL D 108 25.36 -1.86 1.21
CA VAL D 108 25.86 -1.39 2.47
C VAL D 108 27.34 -1.31 2.35
N SER D 109 27.99 -2.26 1.71
CA SER D 109 29.43 -2.23 1.51
C SER D 109 29.90 -1.08 0.67
N GLU D 110 29.18 -0.73 -0.36
CA GLU D 110 29.53 0.39 -1.22
C GLU D 110 29.46 1.72 -0.53
N GLY D 111 28.50 1.91 0.34
CA GLY D 111 28.32 3.15 1.05
C GLY D 111 29.32 3.31 2.14
N THR D 112 29.52 2.28 2.96
CA THR D 112 30.59 2.34 3.98
C THR D 112 31.99 2.51 3.39
N LYS D 113 32.27 1.92 2.22
CA LYS D 113 33.51 2.19 1.46
C LYS D 113 33.64 3.66 1.09
N ALA D 114 32.60 4.26 0.51
CA ALA D 114 32.63 5.66 0.09
C ALA D 114 32.86 6.62 1.25
N VAL D 115 32.23 6.40 2.41
CA VAL D 115 32.47 7.24 3.61
C VAL D 115 33.89 7.05 4.15
N THR D 116 34.45 5.85 4.08
CA THR D 116 35.84 5.57 4.49
C THR D 116 36.83 6.32 3.61
N LYS D 117 36.65 6.29 2.29
CA LYS D 117 37.47 7.06 1.36
C LYS D 117 37.30 8.57 1.54
N TYR D 118 36.07 9.07 1.66
CA TYR D 118 35.79 10.49 1.83
C TYR D 118 36.43 11.06 3.10
N THR D 119 36.23 10.42 4.25
CA THR D 119 36.81 10.89 5.51
C THR D 119 38.34 10.81 5.56
N SER D 120 38.99 10.03 4.68
CA SER D 120 40.45 10.08 4.49
C SER D 120 40.95 11.32 3.72
N ALA D 121 40.06 12.07 3.07
CA ALA D 121 40.39 13.14 2.12
C ALA D 121 39.59 14.46 2.30
N LYS D 122 38.78 14.58 3.34
CA LYS D 122 38.02 15.80 3.69
C LYS D 122 38.94 16.96 4.13
N HIS E 39 -8.86 -23.71 -46.41
CA HIS E 39 -7.77 -24.20 -45.57
C HIS E 39 -8.18 -24.29 -44.12
N ARG E 40 -8.36 -23.18 -43.46
CA ARG E 40 -8.80 -23.14 -42.08
C ARG E 40 -7.94 -23.64 -40.93
N TYR E 41 -7.43 -22.79 -40.08
CA TYR E 41 -6.73 -23.30 -38.93
C TYR E 41 -7.79 -23.78 -37.96
N ARG E 42 -7.43 -24.46 -36.89
CA ARG E 42 -8.37 -25.03 -35.92
C ARG E 42 -8.70 -24.07 -34.76
N PRO E 43 -9.87 -24.23 -34.07
CA PRO E 43 -10.30 -23.29 -33.03
C PRO E 43 -9.25 -23.14 -31.91
N GLY E 44 -8.68 -21.95 -31.73
CA GLY E 44 -7.66 -21.73 -30.71
C GLY E 44 -6.22 -21.70 -31.25
N THR E 45 -5.94 -22.12 -32.48
CA THR E 45 -4.56 -22.05 -33.02
C THR E 45 -4.11 -20.61 -33.23
N VAL E 46 -4.96 -19.75 -33.80
CA VAL E 46 -4.62 -18.35 -34.06
C VAL E 46 -4.62 -17.54 -32.75
N ALA E 47 -5.40 -17.93 -31.74
CA ALA E 47 -5.34 -17.35 -30.40
C ALA E 47 -3.93 -17.42 -29.79
N LEU E 48 -3.18 -18.51 -30.00
CA LEU E 48 -1.79 -18.64 -29.56
C LEU E 48 -0.83 -17.69 -30.30
N ARG E 49 -0.97 -17.54 -31.63
CA ARG E 49 -0.16 -16.56 -32.40
C ARG E 49 -0.43 -15.13 -31.93
N GLU E 50 -1.65 -14.86 -31.55
CA GLU E 50 -1.99 -13.56 -31.10
C GLU E 50 -1.43 -13.33 -29.74
N ILE E 51 -1.52 -14.27 -28.82
CA ILE E 51 -0.85 -14.12 -27.53
C ILE E 51 0.63 -13.80 -27.74
N ARG E 52 1.37 -14.58 -28.53
CA ARG E 52 2.81 -14.38 -28.74
C ARG E 52 3.11 -13.03 -29.38
N ARG E 53 2.38 -12.64 -30.43
CA ARG E 53 2.58 -11.35 -31.10
C ARG E 53 2.36 -10.17 -30.16
N TYR E 54 1.27 -10.13 -29.41
CA TYR E 54 1.05 -9.04 -28.44
C TYR E 54 1.91 -9.12 -27.18
N GLN E 55 2.52 -10.25 -26.89
CA GLN E 55 3.42 -10.35 -25.74
C GLN E 55 4.84 -10.04 -26.16
N LYS E 56 5.09 -9.75 -27.45
CA LYS E 56 6.42 -9.29 -27.90
C LYS E 56 6.40 -7.77 -27.99
N SER E 57 5.37 -7.18 -28.61
CA SER E 57 5.30 -5.73 -28.82
C SER E 57 5.01 -4.89 -27.59
N THR E 58 5.40 -3.62 -27.60
CA THR E 58 5.11 -2.68 -26.50
C THR E 58 4.12 -1.55 -26.94
N GLU E 59 3.45 -1.67 -28.10
CA GLU E 59 2.51 -0.63 -28.55
C GLU E 59 1.30 -0.52 -27.62
N LEU E 60 0.59 0.61 -27.67
CA LEU E 60 -0.72 0.73 -27.05
C LEU E 60 -1.77 0.01 -27.92
N LEU E 61 -2.70 -0.73 -27.31
CA LEU E 61 -3.65 -1.55 -28.06
C LEU E 61 -4.99 -0.93 -28.27
N ILE E 62 -5.45 -0.11 -27.34
CA ILE E 62 -6.70 0.61 -27.51
C ILE E 62 -6.38 1.75 -28.48
N ARG E 63 -7.35 2.20 -29.28
CA ARG E 63 -7.12 3.26 -30.25
C ARG E 63 -7.10 4.59 -29.57
N LYS E 64 -6.19 5.48 -29.94
CA LYS E 64 -6.01 6.72 -29.16
C LYS E 64 -7.14 7.73 -29.15
N LEU E 65 -7.75 8.00 -30.29
CA LEU E 65 -8.84 8.97 -30.38
C LEU E 65 -10.10 8.57 -29.71
N PRO E 66 -10.50 7.32 -29.82
CA PRO E 66 -11.63 6.95 -29.01
C PRO E 66 -11.41 7.04 -27.48
N PHE E 67 -10.18 7.01 -26.94
CA PHE E 67 -9.91 7.00 -25.51
C PHE E 67 -9.83 8.39 -25.06
N GLN E 68 -9.32 9.26 -25.89
CA GLN E 68 -9.31 10.68 -25.55
C GLN E 68 -10.72 11.25 -25.33
N ARG E 69 -11.71 10.83 -26.09
CA ARG E 69 -13.09 11.26 -25.88
C ARG E 69 -13.67 10.66 -24.62
N LEU E 70 -13.39 9.42 -24.29
CA LEU E 70 -13.79 8.82 -23.02
C LEU E 70 -13.23 9.58 -21.79
N VAL E 71 -11.94 9.93 -21.83
CA VAL E 71 -11.32 10.64 -20.69
C VAL E 71 -12.01 11.98 -20.48
N ARG E 72 -12.35 12.68 -21.55
CA ARG E 72 -12.94 13.99 -21.46
C ARG E 72 -14.33 14.05 -20.97
N GLU E 73 -15.12 13.05 -21.24
CA GLU E 73 -16.48 12.97 -20.74
C GLU E 73 -16.57 12.66 -19.29
N ILE E 74 -15.75 11.75 -18.80
CA ILE E 74 -15.74 11.41 -17.42
C ILE E 74 -15.40 12.64 -16.68
N ALA E 75 -14.51 13.44 -17.21
CA ALA E 75 -14.04 14.58 -16.48
C ALA E 75 -14.98 15.71 -16.37
N GLN E 76 -15.92 15.85 -17.27
CA GLN E 76 -16.79 17.02 -17.24
C GLN E 76 -17.78 16.95 -16.13
N ASP E 77 -17.82 15.87 -15.38
CA ASP E 77 -18.67 15.78 -14.22
C ASP E 77 -17.95 16.32 -13.01
N PHE E 78 -16.64 16.31 -13.00
CA PHE E 78 -15.88 16.77 -11.88
C PHE E 78 -15.59 18.26 -11.97
N LYS E 79 -15.46 18.81 -13.16
CA LYS E 79 -15.29 20.25 -13.32
C LYS E 79 -15.47 20.51 -14.77
N THR E 80 -15.89 21.70 -15.17
CA THR E 80 -16.17 22.00 -16.57
C THR E 80 -15.18 22.89 -17.26
N ASP E 81 -15.01 22.73 -18.55
CA ASP E 81 -14.08 23.54 -19.34
C ASP E 81 -12.60 23.29 -19.12
N LEU E 82 -12.24 22.08 -18.75
CA LEU E 82 -10.84 21.66 -18.61
C LEU E 82 -10.21 21.50 -19.99
N ARG E 83 -8.93 21.88 -20.10
CA ARG E 83 -8.17 21.71 -21.33
C ARG E 83 -7.25 20.60 -20.88
N PHE E 84 -6.40 20.06 -21.75
CA PHE E 84 -5.57 18.91 -21.38
C PHE E 84 -4.24 18.87 -22.10
N GLN E 85 -3.14 18.59 -21.40
CA GLN E 85 -1.87 18.38 -22.09
C GLN E 85 -1.92 17.07 -22.89
N SER E 86 -1.27 17.00 -24.04
CA SER E 86 -1.33 15.80 -24.89
C SER E 86 -0.71 14.58 -24.20
N SER E 87 0.37 14.77 -23.45
CA SER E 87 1.04 13.73 -22.69
C SER E 87 0.29 13.31 -21.44
N ALA E 88 -0.64 14.12 -20.92
CA ALA E 88 -1.49 13.73 -19.81
C ALA E 88 -2.47 12.64 -20.23
N VAL E 89 -2.99 12.70 -21.46
CA VAL E 89 -3.82 11.62 -22.00
C VAL E 89 -3.00 10.34 -22.26
N MET E 90 -1.77 10.45 -22.75
CA MET E 90 -0.90 9.27 -22.90
C MET E 90 -0.50 8.64 -21.58
N ALA E 91 -0.27 9.41 -20.53
CA ALA E 91 -0.06 8.90 -19.18
C ALA E 91 -1.28 8.15 -18.64
N LEU E 92 -2.50 8.66 -18.87
CA LEU E 92 -3.72 7.94 -18.55
C LEU E 92 -3.86 6.65 -19.36
N GLN E 93 -3.49 6.59 -20.61
CA GLN E 93 -3.65 5.39 -21.42
C GLN E 93 -2.67 4.33 -21.04
N GLU E 94 -1.42 4.69 -20.84
CA GLU E 94 -0.41 3.74 -20.37
C GLU E 94 -0.80 3.10 -19.04
N ALA E 95 -1.25 3.89 -18.07
CA ALA E 95 -1.71 3.36 -16.78
C ALA E 95 -2.95 2.47 -16.91
N SER E 96 -3.89 2.82 -17.80
CA SER E 96 -5.13 2.08 -17.99
C SER E 96 -4.92 0.73 -18.66
N GLU E 97 -4.09 0.65 -19.70
CA GLU E 97 -3.81 -0.62 -20.34
C GLU E 97 -2.96 -1.52 -19.43
N ALA E 98 -2.02 -0.98 -18.66
CA ALA E 98 -1.27 -1.76 -17.69
C ALA E 98 -2.15 -2.40 -16.60
N TYR E 99 -3.15 -1.68 -16.08
CA TYR E 99 -4.13 -2.19 -15.13
C TYR E 99 -4.98 -3.32 -15.73
N LEU E 100 -5.55 -3.16 -16.92
CA LEU E 100 -6.40 -4.20 -17.51
C LEU E 100 -5.61 -5.46 -17.83
N VAL E 101 -4.42 -5.36 -18.42
CA VAL E 101 -3.59 -6.55 -18.70
C VAL E 101 -3.32 -7.34 -17.43
N ALA E 102 -2.94 -6.69 -16.33
CA ALA E 102 -2.66 -7.36 -15.06
C ALA E 102 -3.90 -8.01 -14.43
N LEU E 103 -5.07 -7.39 -14.54
CA LEU E 103 -6.31 -7.98 -14.07
C LEU E 103 -6.70 -9.23 -14.87
N PHE E 104 -6.54 -9.20 -16.19
CA PHE E 104 -6.76 -10.39 -17.02
C PHE E 104 -5.84 -11.55 -16.66
N GLU E 105 -4.60 -11.33 -16.23
CA GLU E 105 -3.76 -12.41 -15.73
C GLU E 105 -4.31 -13.05 -14.44
N ASP E 106 -4.70 -12.28 -13.44
CA ASP E 106 -5.33 -12.81 -12.22
C ASP E 106 -6.66 -13.54 -12.49
N THR E 107 -7.44 -13.00 -13.41
CA THR E 107 -8.70 -13.58 -13.88
C THR E 107 -8.45 -14.93 -14.54
N ASN E 108 -7.33 -15.13 -15.23
CA ASN E 108 -7.09 -16.39 -15.96
C ASN E 108 -6.70 -17.47 -15.03
N LEU E 109 -6.02 -17.14 -13.96
CA LEU E 109 -5.63 -18.09 -12.96
C LEU E 109 -6.83 -18.67 -12.28
N ALA E 110 -7.81 -17.84 -12.01
CA ALA E 110 -9.03 -18.29 -11.41
C ALA E 110 -9.79 -19.21 -12.28
N ALA E 111 -9.72 -19.11 -13.59
CA ALA E 111 -10.54 -19.99 -14.41
C ALA E 111 -9.85 -21.31 -14.51
N ILE E 112 -8.53 -21.32 -14.60
CA ILE E 112 -7.76 -22.57 -14.60
C ILE E 112 -7.98 -23.29 -13.27
N HIS E 113 -8.09 -22.57 -12.17
CA HIS E 113 -8.35 -23.16 -10.85
C HIS E 113 -9.67 -23.89 -10.84
N ALA E 114 -10.65 -23.37 -11.56
CA ALA E 114 -11.97 -23.98 -11.62
C ALA E 114 -12.01 -25.00 -12.74
N LYS E 115 -10.86 -25.38 -13.28
CA LYS E 115 -10.77 -26.40 -14.32
C LYS E 115 -11.43 -26.04 -15.62
N ARG E 116 -11.26 -24.81 -16.05
CA ARG E 116 -11.80 -24.35 -17.31
C ARG E 116 -10.72 -23.61 -18.07
N VAL E 117 -10.94 -23.30 -19.36
CA VAL E 117 -10.03 -22.45 -20.15
C VAL E 117 -10.68 -21.14 -20.58
N THR E 118 -11.99 -20.97 -20.42
CA THR E 118 -12.68 -19.77 -20.81
C THR E 118 -12.92 -18.89 -19.63
N ILE E 119 -12.55 -17.64 -19.72
CA ILE E 119 -12.81 -16.63 -18.70
C ILE E 119 -14.31 -16.29 -18.65
N MET E 120 -14.85 -16.12 -17.44
CA MET E 120 -16.25 -15.81 -17.14
C MET E 120 -16.35 -14.56 -16.24
N PRO E 121 -17.49 -13.83 -16.20
CA PRO E 121 -17.62 -12.62 -15.38
C PRO E 121 -17.34 -12.84 -13.88
N LYS E 122 -17.73 -13.99 -13.32
CA LYS E 122 -17.41 -14.39 -11.93
C LYS E 122 -15.92 -14.53 -11.61
N ASP E 123 -15.06 -14.73 -12.61
CA ASP E 123 -13.61 -14.79 -12.43
C ASP E 123 -12.98 -13.41 -12.26
N ILE E 124 -13.52 -12.40 -12.95
CA ILE E 124 -13.12 -11.02 -12.73
C ILE E 124 -13.57 -10.60 -11.34
N GLN E 125 -14.81 -10.93 -10.95
CA GLN E 125 -15.34 -10.60 -9.64
C GLN E 125 -14.57 -11.28 -8.50
N LEU E 126 -14.20 -12.56 -8.61
CA LEU E 126 -13.35 -13.21 -7.62
C LEU E 126 -11.98 -12.53 -7.51
N ALA E 127 -11.30 -12.27 -8.62
CA ALA E 127 -9.98 -11.65 -8.58
C ALA E 127 -10.02 -10.28 -7.90
N ARG E 128 -10.96 -9.40 -8.29
CA ARG E 128 -11.07 -8.10 -7.64
C ARG E 128 -11.38 -8.23 -6.14
N ARG E 129 -12.25 -9.16 -5.77
CA ARG E 129 -12.62 -9.34 -4.36
C ARG E 129 -11.42 -9.80 -3.51
N ILE E 130 -10.68 -10.80 -4.00
CA ILE E 130 -9.50 -11.31 -3.27
C ILE E 130 -8.37 -10.25 -3.24
N ARG E 131 -8.24 -9.44 -4.30
CA ARG E 131 -7.27 -8.34 -4.29
C ARG E 131 -7.59 -7.31 -3.22
N GLY E 132 -8.88 -7.06 -2.95
CA GLY E 132 -9.29 -6.02 -2.01
C GLY E 132 -9.84 -4.76 -2.68
N GLU E 133 -10.25 -4.86 -3.95
CA GLU E 133 -10.79 -3.71 -4.70
C GLU E 133 -12.27 -3.46 -4.36
N ALA F 15 -32.21 10.71 -45.49
CA ALA F 15 -31.79 12.12 -45.38
C ALA F 15 -30.28 12.23 -45.29
N LYS F 16 -29.71 13.12 -46.06
CA LYS F 16 -28.28 13.33 -46.01
C LYS F 16 -27.98 13.80 -44.61
N ARG F 17 -28.81 14.68 -44.06
CA ARG F 17 -28.59 15.23 -42.74
C ARG F 17 -28.44 14.22 -41.61
N HIS F 18 -29.15 13.09 -41.66
CA HIS F 18 -29.17 12.12 -40.55
C HIS F 18 -28.44 10.81 -40.85
N ARG F 19 -27.56 10.80 -41.86
CA ARG F 19 -26.89 9.54 -42.26
C ARG F 19 -26.05 8.93 -41.17
N LYS F 20 -25.40 9.76 -40.37
CA LYS F 20 -24.51 9.31 -39.29
C LYS F 20 -25.25 9.16 -37.95
N VAL F 21 -24.88 8.15 -37.16
CA VAL F 21 -25.40 7.90 -35.81
C VAL F 21 -24.26 7.65 -34.83
N LEU F 22 -24.38 8.20 -33.61
CA LEU F 22 -23.32 8.27 -32.61
C LEU F 22 -23.53 7.25 -31.48
N ARG F 23 -22.47 6.60 -31.02
CA ARG F 23 -22.57 5.65 -29.94
C ARG F 23 -22.15 6.35 -28.69
N ASP F 24 -22.30 5.69 -27.55
CA ASP F 24 -21.86 6.26 -26.30
C ASP F 24 -20.36 6.19 -26.32
N ASN F 25 -19.66 6.96 -25.48
CA ASN F 25 -18.20 7.00 -25.56
C ASN F 25 -17.55 5.77 -24.95
N ILE F 26 -18.28 5.03 -24.12
CA ILE F 26 -17.75 3.78 -23.57
C ILE F 26 -17.62 2.76 -24.69
N GLN F 27 -18.52 2.80 -25.66
CA GLN F 27 -18.52 1.85 -26.77
C GLN F 27 -17.29 2.00 -27.65
N GLY F 28 -16.62 3.17 -27.59
CA GLY F 28 -15.37 3.38 -28.32
C GLY F 28 -14.34 2.36 -27.96
N ILE F 29 -14.36 1.82 -26.71
CA ILE F 29 -13.46 0.73 -26.34
C ILE F 29 -14.14 -0.43 -27.04
N THR F 30 -13.63 -0.87 -28.19
CA THR F 30 -14.31 -1.90 -28.98
C THR F 30 -14.02 -3.34 -28.52
N LYS F 31 -14.68 -4.35 -29.07
CA LYS F 31 -14.42 -5.76 -28.76
C LYS F 31 -13.13 -6.22 -29.34
N PRO F 32 -12.83 -5.88 -30.59
CA PRO F 32 -11.52 -6.23 -31.07
C PRO F 32 -10.38 -5.81 -30.14
N ALA F 33 -10.48 -4.71 -29.44
CA ALA F 33 -9.44 -4.24 -28.56
C ALA F 33 -9.36 -4.86 -27.23
N ILE F 34 -10.49 -5.26 -26.66
CA ILE F 34 -10.52 -5.93 -25.38
C ILE F 34 -9.94 -7.27 -25.58
N ARG F 35 -10.13 -7.86 -26.73
CA ARG F 35 -9.63 -9.16 -27.01
C ARG F 35 -8.16 -9.16 -27.11
N ARG F 36 -7.56 -8.09 -27.54
CA ARG F 36 -6.11 -7.98 -27.62
C ARG F 36 -5.44 -7.75 -26.32
N LEU F 37 -6.07 -7.10 -25.39
CA LEU F 37 -5.52 -6.86 -24.08
C LEU F 37 -5.64 -8.10 -23.27
N ALA F 38 -6.52 -9.00 -23.63
CA ALA F 38 -6.62 -10.29 -22.98
C ALA F 38 -5.56 -11.16 -23.51
N ARG F 39 -5.29 -11.13 -24.79
CA ARG F 39 -4.22 -11.89 -25.37
C ARG F 39 -2.87 -11.47 -24.88
N ARG F 40 -2.56 -10.19 -24.65
CA ARG F 40 -1.29 -9.85 -24.02
C ARG F 40 -1.23 -10.45 -22.64
N GLY F 41 -2.36 -10.61 -21.97
CA GLY F 41 -2.42 -11.21 -20.66
C GLY F 41 -2.43 -12.71 -20.69
N GLY F 42 -2.39 -13.32 -21.86
CA GLY F 42 -2.31 -14.76 -21.99
C GLY F 42 -3.61 -15.48 -21.93
N VAL F 43 -4.71 -14.81 -22.21
CA VAL F 43 -6.04 -15.46 -22.26
C VAL F 43 -6.30 -16.06 -23.63
N LYS F 44 -6.62 -17.36 -23.69
CA LYS F 44 -6.92 -18.08 -24.94
C LYS F 44 -8.36 -17.99 -25.42
N ARG F 45 -9.37 -18.02 -24.54
CA ARG F 45 -10.79 -18.04 -24.92
C ARG F 45 -11.67 -17.16 -24.04
N ILE F 46 -12.55 -16.36 -24.61
CA ILE F 46 -13.26 -15.34 -23.87
C ILE F 46 -14.73 -15.43 -24.03
N SER F 47 -15.47 -15.36 -22.94
CA SER F 47 -16.93 -15.34 -22.98
C SER F 47 -17.53 -14.02 -23.47
N GLY F 48 -18.63 -14.06 -24.19
CA GLY F 48 -19.29 -12.89 -24.79
C GLY F 48 -19.85 -11.85 -23.82
N LEU F 49 -20.02 -12.18 -22.54
CA LEU F 49 -20.48 -11.24 -21.51
C LEU F 49 -19.35 -10.34 -20.94
N ILE F 50 -18.08 -10.62 -21.25
CA ILE F 50 -16.93 -9.91 -20.67
C ILE F 50 -16.76 -8.50 -21.19
N TYR F 51 -17.31 -8.19 -22.33
CA TYR F 51 -17.08 -6.90 -22.88
C TYR F 51 -17.83 -5.90 -22.01
N GLU F 52 -19.11 -6.06 -21.71
CA GLU F 52 -19.90 -5.26 -20.77
C GLU F 52 -19.21 -5.14 -19.39
N GLU F 53 -18.71 -6.24 -18.84
CA GLU F 53 -18.06 -6.29 -17.53
C GLU F 53 -16.74 -5.48 -17.52
N THR F 54 -15.93 -5.58 -18.56
CA THR F 54 -14.65 -4.89 -18.67
C THR F 54 -14.84 -3.39 -18.80
N ARG F 55 -15.85 -2.94 -19.55
CA ARG F 55 -16.13 -1.52 -19.66
C ARG F 55 -16.51 -0.94 -18.30
N GLY F 56 -17.39 -1.61 -17.56
CA GLY F 56 -17.74 -1.19 -16.21
C GLY F 56 -16.52 -1.02 -15.30
N VAL F 57 -15.59 -1.97 -15.35
CA VAL F 57 -14.35 -1.96 -14.56
C VAL F 57 -13.40 -0.84 -14.96
N LEU F 58 -13.15 -0.62 -16.25
CA LEU F 58 -12.30 0.52 -16.66
C LEU F 58 -12.90 1.85 -16.24
N LYS F 59 -14.20 2.02 -16.40
CA LYS F 59 -14.84 3.29 -16.06
C LYS F 59 -14.68 3.65 -14.59
N VAL F 60 -14.77 2.67 -13.69
CA VAL F 60 -14.49 2.85 -12.26
C VAL F 60 -13.03 3.20 -11.99
N PHE F 61 -12.08 2.62 -12.73
CA PHE F 61 -10.68 2.99 -12.62
C PHE F 61 -10.42 4.43 -13.06
N LEU F 62 -10.92 4.84 -14.23
CA LEU F 62 -10.76 6.20 -14.74
C LEU F 62 -11.42 7.25 -13.83
N GLU F 63 -12.60 6.98 -13.28
CA GLU F 63 -13.24 7.89 -12.32
C GLU F 63 -12.37 8.20 -11.11
N ASN F 64 -11.82 7.17 -10.45
CA ASN F 64 -10.97 7.35 -9.28
C ASN F 64 -9.65 8.06 -9.58
N VAL F 65 -9.00 7.82 -10.73
CA VAL F 65 -7.76 8.54 -11.08
C VAL F 65 -8.06 9.99 -11.47
N ILE F 66 -9.07 10.22 -12.31
CA ILE F 66 -9.38 11.56 -12.81
C ILE F 66 -9.86 12.48 -11.68
N ARG F 67 -10.70 11.99 -10.79
CA ARG F 67 -11.22 12.85 -9.73
C ARG F 67 -10.06 13.49 -8.98
N ASP F 68 -9.02 12.72 -8.67
CA ASP F 68 -7.85 13.25 -7.95
C ASP F 68 -6.99 14.14 -8.82
N ALA F 69 -6.71 13.73 -10.06
CA ALA F 69 -5.97 14.61 -10.95
C ALA F 69 -6.62 15.98 -11.10
N VAL F 70 -7.93 16.09 -11.01
CA VAL F 70 -8.61 17.38 -11.05
C VAL F 70 -8.54 18.12 -9.73
N THR F 71 -8.46 17.43 -8.60
CA THR F 71 -8.31 18.07 -7.31
C THR F 71 -6.99 18.76 -7.25
N TYR F 72 -5.95 18.16 -7.76
CA TYR F 72 -4.65 18.80 -7.85
C TYR F 72 -4.65 20.01 -8.76
N THR F 73 -5.39 19.97 -9.85
CA THR F 73 -5.40 21.07 -10.81
C THR F 73 -6.12 22.25 -10.22
N GLU F 74 -7.23 22.02 -9.54
CA GLU F 74 -7.97 23.09 -8.90
C GLU F 74 -7.15 23.76 -7.81
N HIS F 75 -6.38 23.00 -7.06
CA HIS F 75 -5.54 23.54 -6.00
C HIS F 75 -4.51 24.47 -6.55
N ALA F 76 -3.98 24.17 -7.72
CA ALA F 76 -2.98 25.01 -8.37
C ALA F 76 -3.61 26.17 -9.12
N LYS F 77 -4.93 26.26 -9.13
CA LYS F 77 -5.65 27.31 -9.83
C LYS F 77 -5.39 27.34 -11.32
N ARG F 78 -5.40 26.18 -11.96
CA ARG F 78 -5.17 26.06 -13.40
C ARG F 78 -6.37 25.41 -14.04
N LYS F 79 -6.66 25.70 -15.31
CA LYS F 79 -7.75 25.06 -16.04
C LYS F 79 -7.30 23.86 -16.88
N THR F 80 -6.01 23.71 -17.11
CA THR F 80 -5.43 22.60 -17.89
C THR F 80 -4.95 21.45 -16.98
N VAL F 81 -5.37 20.22 -17.24
CA VAL F 81 -4.80 19.02 -16.59
C VAL F 81 -3.46 18.71 -17.24
N THR F 82 -2.41 18.60 -16.44
CA THR F 82 -1.04 18.29 -16.89
C THR F 82 -0.68 16.83 -16.71
N ALA F 83 0.43 16.39 -17.30
CA ALA F 83 0.96 15.05 -17.06
C ALA F 83 1.33 14.81 -15.59
N MET F 84 1.86 15.80 -14.88
CA MET F 84 2.21 15.67 -13.47
C MET F 84 1.00 15.45 -12.57
N ASP F 85 -0.13 16.09 -12.85
CA ASP F 85 -1.38 15.86 -12.12
C ASP F 85 -1.84 14.40 -12.17
N VAL F 86 -1.65 13.73 -13.31
CA VAL F 86 -1.96 12.32 -13.50
C VAL F 86 -0.96 11.44 -12.78
N VAL F 87 0.34 11.75 -12.88
CA VAL F 87 1.39 10.96 -12.21
C VAL F 87 1.28 11.00 -10.69
N TYR F 88 0.99 12.16 -10.08
CA TYR F 88 0.78 12.26 -8.63
C TYR F 88 -0.47 11.51 -8.17
N ALA F 89 -1.58 11.56 -8.91
CA ALA F 89 -2.78 10.79 -8.58
C ALA F 89 -2.54 9.28 -8.61
N LEU F 90 -1.84 8.75 -9.62
CA LEU F 90 -1.50 7.33 -9.68
C LEU F 90 -0.56 6.93 -8.53
N LYS F 91 0.44 7.74 -8.21
CA LYS F 91 1.38 7.51 -7.10
C LYS F 91 0.66 7.40 -5.75
N ARG F 92 -0.28 8.32 -5.51
CA ARG F 92 -1.03 8.34 -4.25
C ARG F 92 -1.88 7.08 -4.10
N GLN F 93 -2.29 6.44 -5.17
CA GLN F 93 -3.07 5.18 -5.12
C GLN F 93 -2.28 3.90 -5.24
N GLY F 94 -0.97 3.96 -5.19
CA GLY F 94 -0.14 2.80 -5.37
C GLY F 94 0.02 2.37 -6.80
N ARG F 95 -0.13 3.25 -7.80
CA ARG F 95 -0.05 2.89 -9.22
C ARG F 95 1.12 3.65 -9.84
N THR F 96 2.25 3.76 -9.12
CA THR F 96 3.44 4.48 -9.63
C THR F 96 3.69 4.28 -11.13
N LEU F 97 3.90 5.36 -11.90
CA LEU F 97 4.20 5.28 -13.34
C LEU F 97 5.55 5.93 -13.64
N TYR F 98 6.45 5.25 -14.36
CA TYR F 98 7.73 5.86 -14.80
C TYR F 98 7.61 6.37 -16.23
N GLY F 99 8.45 7.34 -16.63
CA GLY F 99 8.47 7.83 -18.02
C GLY F 99 7.88 9.21 -18.30
N PHE F 100 6.84 9.64 -17.56
CA PHE F 100 6.19 10.94 -17.79
C PHE F 100 6.70 12.09 -16.90
N GLY F 101 7.93 11.97 -16.39
CA GLY F 101 8.53 12.92 -15.44
C GLY F 101 8.32 12.54 -13.98
N GLY F 102 8.79 13.38 -13.06
CA GLY F 102 8.78 13.12 -11.62
C GLY F 102 9.74 12.01 -11.21
N ARG G 11 -1.99 42.29 31.39
CA ARG G 11 -2.52 41.62 30.18
C ARG G 11 -3.92 41.06 30.40
N ALA G 12 -4.72 40.89 29.35
CA ALA G 12 -6.05 40.28 29.47
C ALA G 12 -6.00 38.80 29.90
N LYS G 13 -7.09 38.32 30.53
CA LYS G 13 -7.22 36.92 30.99
C LYS G 13 -7.36 35.96 29.81
N ALA G 14 -6.66 34.83 29.87
CA ALA G 14 -6.52 33.89 28.77
C ALA G 14 -7.84 33.20 28.36
N LYS G 15 -8.06 33.02 27.05
CA LYS G 15 -9.08 32.13 26.47
C LYS G 15 -8.42 31.15 25.51
N THR G 16 -8.69 29.87 25.64
CA THR G 16 -8.14 28.85 24.73
C THR G 16 -8.59 29.10 23.29
N ARG G 17 -7.75 28.83 22.30
CA ARG G 17 -8.17 28.97 20.91
C ARG G 17 -9.23 27.96 20.54
N SER G 18 -9.39 26.85 21.24
CA SER G 18 -10.45 25.93 20.95
C SER G 18 -11.76 26.54 21.34
N SER G 19 -11.80 27.22 22.46
CA SER G 19 -13.02 27.90 22.88
C SER G 19 -13.47 28.97 21.88
N ARG G 20 -12.55 29.71 21.29
CA ARG G 20 -12.83 30.68 20.23
C ARG G 20 -13.37 30.06 18.95
N ALA G 21 -12.85 28.91 18.54
CA ALA G 21 -13.32 28.16 17.38
C ALA G 21 -14.62 27.38 17.61
N GLY G 22 -14.91 27.04 18.87
CA GLY G 22 -16.12 26.32 19.26
C GLY G 22 -15.87 24.87 19.07
N LEU G 23 -14.79 24.36 19.67
CA LEU G 23 -14.38 22.98 19.50
C LEU G 23 -13.94 22.39 20.82
N GLN G 24 -13.99 21.08 20.95
CA GLN G 24 -13.52 20.39 22.14
C GLN G 24 -12.08 19.89 22.06
N PHE G 25 -11.58 19.62 20.86
CA PHE G 25 -10.20 19.14 20.66
C PHE G 25 -9.21 20.27 20.83
N PRO G 26 -7.92 19.99 21.07
CA PRO G 26 -6.95 21.07 21.37
C PRO G 26 -6.24 21.83 20.22
N VAL G 27 -6.53 23.10 19.93
CA VAL G 27 -5.94 23.80 18.81
C VAL G 27 -4.49 24.04 19.07
N GLY G 28 -4.12 24.35 20.30
CA GLY G 28 -2.75 24.57 20.64
C GLY G 28 -1.84 23.41 20.51
N ARG G 29 -2.26 22.24 20.94
CA ARG G 29 -1.46 21.03 20.78
C ARG G 29 -1.29 20.67 19.35
N VAL G 30 -2.34 20.80 18.56
CA VAL G 30 -2.26 20.50 17.15
C VAL G 30 -1.30 21.41 16.44
N HIS G 31 -1.26 22.68 16.77
CA HIS G 31 -0.31 23.59 16.16
C HIS G 31 1.10 23.23 16.48
N ARG G 32 1.37 22.83 17.72
CA ARG G 32 2.72 22.43 18.11
C ARG G 32 3.13 21.16 17.37
N LEU G 33 2.23 20.18 17.32
CA LEU G 33 2.52 18.93 16.60
C LEU G 33 2.92 19.20 15.17
N LEU G 34 2.18 20.06 14.47
CA LEU G 34 2.48 20.41 13.09
C LEU G 34 3.77 21.17 12.93
N ARG G 35 4.05 22.09 13.81
CA ARG G 35 5.30 22.86 13.78
C ARG G 35 6.53 22.05 14.04
N LYS G 36 6.43 21.00 14.81
CA LYS G 36 7.55 20.16 15.16
C LYS G 36 7.60 18.85 14.42
N GLY G 37 6.64 18.55 13.56
CA GLY G 37 6.67 17.36 12.75
C GLY G 37 7.40 17.39 11.44
N ASN G 38 8.00 18.55 11.08
CA ASN G 38 8.75 18.72 9.82
C ASN G 38 7.88 18.52 8.59
N TYR G 39 6.66 19.10 8.59
CA TYR G 39 5.79 19.03 7.40
C TYR G 39 6.18 20.17 6.47
N ALA G 40 6.11 21.42 6.94
CA ALA G 40 6.50 22.58 6.13
C ALA G 40 7.34 23.52 6.99
N GLU G 41 8.17 24.37 6.37
CA GLU G 41 8.94 25.34 7.17
C GLU G 41 8.07 26.43 7.82
N ARG G 42 6.83 26.65 7.37
CA ARG G 42 5.83 27.52 8.03
C ARG G 42 4.45 26.87 8.15
N VAL G 43 3.68 27.24 9.18
CA VAL G 43 2.34 26.76 9.36
C VAL G 43 1.47 27.95 9.55
N GLY G 44 0.28 27.99 8.95
CA GLY G 44 -0.64 29.09 9.01
C GLY G 44 -1.46 29.10 10.24
N ALA G 45 -2.23 30.14 10.48
CA ALA G 45 -2.99 30.27 11.71
C ALA G 45 -4.29 29.55 11.68
N GLY G 46 -4.89 29.42 10.51
CA GLY G 46 -6.13 28.66 10.36
C GLY G 46 -5.95 27.15 10.17
N ALA G 47 -4.76 26.69 9.78
CA ALA G 47 -4.47 25.27 9.57
C ALA G 47 -4.72 24.38 10.81
N PRO G 48 -4.31 24.81 12.02
CA PRO G 48 -4.60 24.05 13.24
C PRO G 48 -6.07 24.00 13.61
N VAL G 49 -6.87 25.01 13.31
CA VAL G 49 -8.31 25.10 13.60
C VAL G 49 -9.10 24.22 12.65
N TYR G 50 -8.79 24.27 11.36
CA TYR G 50 -9.42 23.40 10.38
C TYR G 50 -9.14 21.93 10.70
N LEU G 51 -7.90 21.58 11.05
CA LEU G 51 -7.53 20.20 11.36
C LEU G 51 -8.17 19.70 12.65
N ALA G 52 -8.24 20.51 13.70
CA ALA G 52 -8.92 20.12 14.93
C ALA G 52 -10.43 19.89 14.72
N ALA G 53 -11.09 20.70 13.89
CA ALA G 53 -12.49 20.49 13.52
C ALA G 53 -12.72 19.14 12.84
N VAL G 54 -11.83 18.74 11.93
CA VAL G 54 -11.96 17.48 11.17
C VAL G 54 -11.73 16.26 12.06
N LEU G 55 -10.72 16.29 12.93
CA LEU G 55 -10.47 15.20 13.87
C LEU G 55 -11.61 15.04 14.87
N GLU G 56 -12.24 16.11 15.33
CA GLU G 56 -13.40 15.99 16.23
C GLU G 56 -14.61 15.51 15.55
N TYR G 57 -14.85 15.94 14.33
CA TYR G 57 -15.95 15.38 13.56
C TYR G 57 -15.81 13.88 13.36
N LEU G 58 -14.66 13.40 12.90
CA LEU G 58 -14.41 11.97 12.69
C LEU G 58 -14.49 11.19 14.00
N THR G 59 -14.05 11.75 15.12
CA THR G 59 -14.23 11.15 16.44
C THR G 59 -15.70 10.96 16.77
N ALA G 60 -16.54 11.99 16.59
CA ALA G 60 -17.96 11.90 16.87
C ALA G 60 -18.69 10.87 16.00
N GLU G 61 -18.35 10.77 14.70
CA GLU G 61 -18.94 9.77 13.81
C GLU G 61 -18.73 8.33 14.27
N ILE G 62 -17.53 7.98 14.77
CA ILE G 62 -17.28 6.64 15.31
C ILE G 62 -18.01 6.42 16.62
N LEU G 63 -17.95 7.36 17.57
CA LEU G 63 -18.56 7.15 18.88
C LEU G 63 -20.09 7.10 18.84
N GLU G 64 -20.73 7.78 17.90
CA GLU G 64 -22.18 7.65 17.71
C GLU G 64 -22.57 6.22 17.31
N LEU G 65 -21.88 5.63 16.33
CA LEU G 65 -22.14 4.25 15.92
C LEU G 65 -21.72 3.25 16.99
N ALA G 66 -20.61 3.46 17.70
CA ALA G 66 -20.18 2.58 18.76
C ALA G 66 -21.17 2.58 19.93
N GLY G 67 -21.70 3.74 20.32
CA GLY G 67 -22.67 3.83 21.38
C GLY G 67 -23.99 3.14 21.03
N ASN G 68 -24.44 3.20 19.77
CA ASN G 68 -25.60 2.42 19.32
C ASN G 68 -25.34 0.92 19.43
N ALA G 69 -24.16 0.45 19.00
CA ALA G 69 -23.80 -0.96 19.12
C ALA G 69 -23.75 -1.44 20.59
N ALA G 70 -23.21 -0.63 21.51
CA ALA G 70 -23.23 -0.93 22.94
C ALA G 70 -24.66 -1.03 23.49
N ARG G 71 -25.54 -0.09 23.12
CA ARG G 71 -26.95 -0.04 23.49
C ARG G 71 -27.74 -1.27 23.00
N ASP G 72 -27.57 -1.66 21.74
CA ASP G 72 -28.23 -2.85 21.19
C ASP G 72 -27.79 -4.15 21.90
N ASN G 73 -26.52 -4.19 22.33
CA ASN G 73 -25.95 -5.27 23.14
C ASN G 73 -26.27 -5.12 24.65
N LYS G 74 -27.10 -4.15 25.06
CA LYS G 74 -27.56 -3.88 26.44
C LYS G 74 -26.46 -3.47 27.43
N LYS G 75 -25.32 -2.99 26.95
CA LYS G 75 -24.17 -2.53 27.76
C LYS G 75 -24.21 -1.01 27.92
N THR G 76 -23.81 -0.48 29.07
CA THR G 76 -23.59 0.96 29.24
C THR G 76 -22.16 1.39 28.88
N ARG G 77 -21.28 0.42 28.63
CA ARG G 77 -19.91 0.71 28.32
C ARG G 77 -19.43 0.27 26.94
N ILE G 78 -18.89 1.19 26.17
CA ILE G 78 -18.24 0.89 24.89
C ILE G 78 -16.96 0.09 25.14
N ILE G 79 -16.78 -1.03 24.43
CA ILE G 79 -15.59 -1.91 24.46
C ILE G 79 -15.11 -2.14 23.02
N PRO G 80 -13.86 -2.67 22.84
CA PRO G 80 -13.30 -2.84 21.50
C PRO G 80 -14.11 -3.58 20.46
N ARG G 81 -15.09 -4.36 20.87
CA ARG G 81 -15.89 -5.14 19.95
C ARG G 81 -16.92 -4.23 19.36
N HIS G 82 -17.47 -3.33 20.16
CA HIS G 82 -18.48 -2.41 19.68
C HIS G 82 -17.90 -1.52 18.63
N LEU G 83 -16.67 -1.10 18.79
CA LEU G 83 -16.00 -0.28 17.81
C LEU G 83 -15.79 -0.97 16.48
N GLN G 84 -15.45 -2.25 16.48
CA GLN G 84 -15.28 -3.00 15.25
C GLN G 84 -16.60 -3.06 14.54
N LEU G 85 -17.69 -3.32 15.26
CA LEU G 85 -18.97 -3.51 14.63
C LEU G 85 -19.38 -2.25 13.97
N ALA G 86 -19.13 -1.13 14.58
CA ALA G 86 -19.43 0.15 13.99
C ALA G 86 -18.67 0.48 12.74
N VAL G 87 -17.37 0.26 12.73
CA VAL G 87 -16.54 0.56 11.57
C VAL G 87 -16.86 -0.34 10.41
N ARG G 88 -17.06 -1.61 10.65
CA ARG G 88 -17.24 -2.56 9.58
C ARG G 88 -18.60 -2.61 8.97
N ASN G 89 -19.62 -2.09 9.64
CA ASN G 89 -20.97 -2.00 9.09
C ASN G 89 -21.24 -0.66 8.38
N ASP G 90 -20.34 0.32 8.45
CA ASP G 90 -20.43 1.60 7.74
C ASP G 90 -19.54 1.60 6.50
N GLU G 91 -20.11 1.88 5.33
CA GLU G 91 -19.40 1.75 4.06
C GLU G 91 -18.29 2.78 3.85
N GLU G 92 -18.35 3.96 4.47
CA GLU G 92 -17.29 4.96 4.38
C GLU G 92 -16.22 4.74 5.44
N LEU G 93 -16.57 4.47 6.70
CA LEU G 93 -15.56 4.18 7.72
C LEU G 93 -14.77 2.91 7.39
N ASN G 94 -15.41 1.86 6.87
CA ASN G 94 -14.68 0.68 6.45
C ASN G 94 -13.77 0.91 5.24
N LYS G 95 -14.01 1.94 4.41
CA LYS G 95 -13.08 2.35 3.35
C LYS G 95 -11.93 3.21 3.90
N LEU G 96 -12.20 4.10 4.85
CA LEU G 96 -11.19 4.88 5.55
C LEU G 96 -10.22 4.00 6.33
N LEU G 97 -10.72 2.90 6.91
CA LEU G 97 -10.04 2.00 7.83
C LEU G 97 -9.91 0.57 7.30
N GLY G 98 -9.79 0.39 5.99
CA GLY G 98 -9.74 -0.94 5.35
C GLY G 98 -8.46 -1.75 5.60
N ARG G 99 -7.39 -1.10 6.04
CA ARG G 99 -6.06 -1.68 6.27
C ARG G 99 -5.59 -1.65 7.73
N VAL G 100 -6.45 -1.31 8.70
CA VAL G 100 -6.13 -1.32 10.14
C VAL G 100 -6.71 -2.54 10.84
N THR G 101 -5.98 -3.09 11.81
CA THR G 101 -6.43 -4.18 12.68
C THR G 101 -6.78 -3.59 14.04
N ILE G 102 -7.99 -3.85 14.56
CA ILE G 102 -8.40 -3.34 15.87
C ILE G 102 -8.26 -4.51 16.83
N ALA G 103 -7.55 -4.30 17.93
CA ALA G 103 -7.30 -5.39 18.88
C ALA G 103 -8.52 -5.78 19.67
N GLN G 104 -8.70 -7.07 19.96
CA GLN G 104 -9.88 -7.55 20.66
C GLN G 104 -11.13 -7.12 19.91
N GLY G 105 -11.01 -6.98 18.59
CA GLY G 105 -12.12 -6.61 17.75
C GLY G 105 -12.44 -7.92 17.08
N GLY G 106 -13.70 -8.35 17.10
CA GLY G 106 -14.05 -9.64 16.56
C GLY G 106 -14.14 -9.66 15.05
N VAL G 107 -15.04 -10.48 14.49
CA VAL G 107 -15.24 -10.52 13.06
C VAL G 107 -16.74 -10.36 12.91
N LEU G 108 -17.21 -9.58 11.94
CA LEU G 108 -18.65 -9.50 11.76
C LEU G 108 -19.19 -10.87 11.44
N PRO G 109 -20.35 -11.22 11.97
CA PRO G 109 -20.80 -12.57 11.65
C PRO G 109 -21.29 -12.79 10.22
N ASN G 110 -20.75 -13.77 9.48
CA ASN G 110 -21.17 -14.07 8.12
C ASN G 110 -20.86 -15.49 7.81
N ILE G 111 -21.83 -16.26 7.33
CA ILE G 111 -21.61 -17.63 6.92
C ILE G 111 -22.14 -17.64 5.50
N GLN G 112 -21.40 -18.20 4.55
CA GLN G 112 -21.82 -18.19 3.16
C GLN G 112 -22.99 -19.11 3.02
N SER G 113 -23.87 -18.85 2.07
CA SER G 113 -25.10 -19.63 1.89
C SER G 113 -24.98 -21.09 1.52
N VAL G 114 -24.01 -21.42 0.70
CA VAL G 114 -23.84 -22.78 0.24
C VAL G 114 -23.62 -23.63 1.45
N LEU G 115 -22.92 -23.11 2.43
CA LEU G 115 -22.57 -23.89 3.60
C LEU G 115 -23.71 -24.28 4.50
N LEU G 116 -24.87 -23.66 4.42
CA LEU G 116 -25.96 -23.91 5.38
C LEU G 116 -26.80 -25.20 5.15
N PRO G 117 -27.48 -25.72 6.21
CA PRO G 117 -28.25 -26.96 6.03
C PRO G 117 -29.31 -26.86 4.93
N LYS G 118 -29.64 -28.01 4.31
CA LYS G 118 -30.61 -28.10 3.22
C LYS G 118 -32.05 -28.21 3.72
N LYS G 119 -32.97 -27.64 2.92
CA LYS G 119 -34.42 -27.61 3.15
C LYS G 119 -35.17 -27.37 1.83
N ARG H 27 5.25 8.11 36.03
CA ARG H 27 5.94 8.67 37.18
C ARG H 27 7.21 9.36 36.77
N LYS H 28 7.38 10.62 37.14
CA LYS H 28 8.61 11.36 36.86
C LYS H 28 8.69 11.63 35.38
N THR H 29 7.59 11.38 34.65
CA THR H 29 7.56 11.55 33.24
C THR H 29 6.08 11.51 32.91
N ARG H 30 5.57 12.55 32.23
CA ARG H 30 4.16 12.61 31.85
C ARG H 30 3.98 11.96 30.49
N LYS H 31 2.75 11.59 30.14
CA LYS H 31 2.45 11.00 28.84
C LYS H 31 1.20 11.68 28.29
N GLU H 32 1.36 12.52 27.27
CA GLU H 32 0.18 13.14 26.65
C GLU H 32 -0.68 12.13 25.87
N SER H 33 -1.99 12.35 25.84
CA SER H 33 -2.91 11.58 25.00
C SER H 33 -4.16 12.39 24.67
N TYR H 34 -4.95 11.95 23.69
CA TYR H 34 -6.22 12.58 23.38
C TYR H 34 -7.38 12.18 24.29
N ALA H 35 -7.17 11.35 25.32
CA ALA H 35 -8.24 10.67 26.07
C ALA H 35 -9.32 11.62 26.63
N ILE H 36 -8.94 12.74 27.23
CA ILE H 36 -9.92 13.67 27.80
C ILE H 36 -10.80 14.31 26.73
N TYR H 37 -10.29 14.53 25.54
CA TYR H 37 -11.04 15.11 24.45
C TYR H 37 -12.02 14.10 23.89
N VAL H 38 -11.60 12.87 23.70
CA VAL H 38 -12.48 11.77 23.31
C VAL H 38 -13.62 11.60 24.33
N TYR H 39 -13.36 11.76 25.62
CA TYR H 39 -14.42 11.65 26.63
C TYR H 39 -15.38 12.84 26.65
N LYS H 40 -14.93 14.03 26.27
CA LYS H 40 -15.77 15.19 26.32
C LYS H 40 -16.70 15.16 25.19
N VAL H 41 -16.35 14.45 24.13
CA VAL H 41 -17.18 14.37 22.94
C VAL H 41 -18.10 13.23 23.17
N LEU H 42 -17.60 12.14 23.68
CA LEU H 42 -18.51 11.04 24.04
C LEU H 42 -19.73 11.53 24.81
N LYS H 43 -19.55 12.34 25.84
CA LYS H 43 -20.70 12.76 26.64
C LYS H 43 -21.64 13.71 25.92
N GLN H 44 -21.24 14.32 24.80
CA GLN H 44 -22.19 15.12 24.02
C GLN H 44 -23.00 14.20 23.14
N VAL H 45 -22.38 13.16 22.61
CA VAL H 45 -23.05 12.22 21.69
C VAL H 45 -23.96 11.25 22.45
N HIS H 46 -23.50 10.67 23.56
CA HIS H 46 -24.25 9.73 24.41
C HIS H 46 -23.99 10.05 25.89
N PRO H 47 -24.84 10.85 26.55
CA PRO H 47 -24.67 11.25 27.94
C PRO H 47 -24.61 10.10 28.94
N ASP H 48 -25.37 9.03 28.68
CA ASP H 48 -25.49 7.86 29.56
C ASP H 48 -24.26 6.93 29.55
N THR H 49 -23.58 6.75 28.42
CA THR H 49 -22.57 5.70 28.27
C THR H 49 -21.23 6.05 28.93
N GLY H 50 -20.36 5.03 29.08
CA GLY H 50 -18.99 5.22 29.57
C GLY H 50 -18.14 4.53 28.53
N ILE H 51 -16.85 4.30 28.79
CA ILE H 51 -15.96 3.59 27.87
C ILE H 51 -14.84 2.90 28.64
N SER H 52 -14.37 1.76 28.12
CA SER H 52 -13.30 1.00 28.78
C SER H 52 -11.92 1.54 28.46
N SER H 53 -10.91 1.13 29.21
CA SER H 53 -9.54 1.57 28.96
C SER H 53 -8.98 0.98 27.67
N LYS H 54 -9.31 -0.25 27.35
CA LYS H 54 -8.89 -0.82 26.06
C LYS H 54 -9.47 -0.04 24.88
N ALA H 55 -10.75 0.26 24.91
CA ALA H 55 -11.39 1.04 23.86
C ALA H 55 -10.83 2.46 23.75
N MET H 56 -10.55 3.14 24.86
CA MET H 56 -9.92 4.46 24.84
C MET H 56 -8.51 4.46 24.24
N SER H 57 -7.74 3.40 24.44
CA SER H 57 -6.44 3.23 23.78
C SER H 57 -6.53 3.05 22.25
N ILE H 58 -7.54 2.33 21.75
CA ILE H 58 -7.84 2.28 20.31
C ILE H 58 -8.25 3.67 19.80
N MET H 59 -9.08 4.41 20.52
CA MET H 59 -9.49 5.75 20.12
C MET H 59 -8.33 6.72 20.03
N ASN H 60 -7.37 6.67 20.96
CA ASN H 60 -6.16 7.47 20.85
C ASN H 60 -5.34 7.13 19.61
N SER H 61 -5.24 5.84 19.25
CA SER H 61 -4.54 5.39 18.03
C SER H 61 -5.21 5.88 16.75
N PHE H 62 -6.55 5.88 16.67
CA PHE H 62 -7.29 6.44 15.54
C PHE H 62 -6.96 7.92 15.28
N VAL H 63 -6.94 8.75 16.32
CA VAL H 63 -6.65 10.19 16.15
C VAL H 63 -5.22 10.43 15.66
N ASN H 64 -4.24 9.70 16.19
CA ASN H 64 -2.86 9.76 15.74
C ASN H 64 -2.66 9.34 14.28
N ASP H 65 -3.30 8.25 13.85
CA ASP H 65 -3.23 7.78 12.47
C ASP H 65 -3.81 8.81 11.49
N VAL H 66 -5.02 9.31 11.74
CA VAL H 66 -5.68 10.28 10.87
C VAL H 66 -4.88 11.57 10.80
N PHE H 67 -4.32 12.07 11.91
CA PHE H 67 -3.49 13.27 11.91
C PHE H 67 -2.30 13.13 10.96
N GLU H 68 -1.55 12.03 11.05
CA GLU H 68 -0.39 11.77 10.20
C GLU H 68 -0.73 11.63 8.71
N ARG H 69 -1.90 11.10 8.34
CA ARG H 69 -2.35 11.04 6.95
C ARG H 69 -2.59 12.42 6.36
N ILE H 70 -3.38 13.26 7.02
CA ILE H 70 -3.76 14.58 6.52
C ILE H 70 -2.54 15.50 6.43
N ALA H 71 -1.63 15.48 7.39
CA ALA H 71 -0.44 16.33 7.34
C ALA H 71 0.59 15.87 6.29
N GLY H 72 0.68 14.58 5.97
CA GLY H 72 1.52 14.07 4.89
C GLY H 72 1.06 14.54 3.51
N GLU H 73 -0.24 14.48 3.19
CA GLU H 73 -0.73 15.02 1.93
C GLU H 73 -0.57 16.55 1.87
N ALA H 74 -0.84 17.28 2.92
CA ALA H 74 -0.66 18.70 2.89
C ALA H 74 0.74 19.07 2.57
N SER H 75 1.70 18.44 3.20
CA SER H 75 3.10 18.75 2.97
C SER H 75 3.52 18.51 1.57
N ARG H 76 3.10 17.41 0.99
CA ARG H 76 3.40 17.13 -0.39
C ARG H 76 2.79 18.13 -1.33
N LEU H 77 1.57 18.57 -1.08
CA LEU H 77 0.90 19.50 -1.94
C LEU H 77 1.66 20.77 -2.01
N ALA H 78 2.18 21.24 -0.92
CA ALA H 78 2.92 22.46 -0.89
C ALA H 78 4.16 22.38 -1.68
N HIS H 79 4.85 21.27 -1.60
CA HIS H 79 6.07 21.06 -2.31
C HIS H 79 5.90 21.00 -3.79
N TYR H 80 4.86 20.35 -4.27
CA TYR H 80 4.58 20.25 -5.68
C TYR H 80 4.32 21.59 -6.24
N ASN H 81 3.64 22.45 -5.51
CA ASN H 81 3.29 23.76 -5.98
C ASN H 81 4.33 24.79 -5.61
N LYS H 82 5.45 24.36 -5.04
CA LYS H 82 6.55 25.24 -4.62
C LYS H 82 6.26 26.29 -3.59
N ARG H 83 5.58 25.93 -2.52
CA ARG H 83 5.22 26.84 -1.46
C ARG H 83 5.89 26.53 -0.13
N SER H 84 6.15 27.54 0.67
CA SER H 84 6.84 27.41 1.96
C SER H 84 5.88 27.13 3.14
N THR H 85 4.60 27.49 3.03
CA THR H 85 3.60 27.42 4.10
C THR H 85 2.56 26.32 3.90
N ILE H 86 2.16 25.60 4.96
CA ILE H 86 0.89 24.87 4.98
C ILE H 86 -0.20 25.79 5.48
N THR H 87 -1.27 25.98 4.72
CA THR H 87 -2.43 26.81 5.08
C THR H 87 -3.68 25.94 5.22
N SER H 88 -4.81 26.52 5.60
CA SER H 88 -6.08 25.80 5.60
C SER H 88 -6.50 25.34 4.20
N ARG H 89 -6.06 26.01 3.14
CA ARG H 89 -6.43 25.61 1.79
C ARG H 89 -5.75 24.31 1.39
N GLU H 90 -4.61 23.99 1.98
CA GLU H 90 -3.90 22.75 1.70
C GLU H 90 -4.49 21.66 2.52
N ILE H 91 -4.90 21.93 3.75
CA ILE H 91 -5.60 20.95 4.59
C ILE H 91 -6.99 20.62 4.05
N GLN H 92 -7.75 21.58 3.54
CA GLN H 92 -9.00 21.31 2.82
C GLN H 92 -8.79 20.37 1.64
N THR H 93 -7.80 20.59 0.80
CA THR H 93 -7.52 19.69 -0.31
C THR H 93 -7.04 18.32 0.17
N ALA H 94 -6.19 18.21 1.18
CA ALA H 94 -5.80 16.93 1.75
C ALA H 94 -7.01 16.13 2.25
N VAL H 95 -7.96 16.77 2.92
CA VAL H 95 -9.22 16.13 3.37
C VAL H 95 -10.01 15.60 2.19
N ARG H 96 -10.15 16.40 1.12
CA ARG H 96 -10.79 15.96 -0.12
C ARG H 96 -10.07 14.81 -0.84
N LEU H 97 -8.74 14.71 -0.77
CA LEU H 97 -8.02 13.58 -1.35
C LEU H 97 -8.12 12.31 -0.50
N LEU H 98 -8.18 12.43 0.83
CA LEU H 98 -8.16 11.28 1.74
C LEU H 98 -9.53 10.66 2.06
N LEU H 99 -10.56 11.44 2.40
CA LEU H 99 -11.82 10.88 2.89
C LEU H 99 -12.74 10.39 1.74
N PRO H 100 -13.51 9.30 1.93
CA PRO H 100 -14.63 8.92 1.07
C PRO H 100 -15.73 9.98 0.99
N GLY H 101 -16.49 10.01 -0.09
CA GLY H 101 -17.26 11.19 -0.52
C GLY H 101 -18.23 11.79 0.49
N GLU H 102 -19.03 10.99 1.18
CA GLU H 102 -19.96 11.51 2.19
C GLU H 102 -19.24 12.07 3.42
N LEU H 103 -18.17 11.43 3.89
CA LEU H 103 -17.34 12.00 4.95
C LEU H 103 -16.62 13.27 4.50
N ALA H 104 -16.13 13.34 3.27
CA ALA H 104 -15.37 14.50 2.79
C ALA H 104 -16.23 15.77 2.78
N LYS H 105 -17.47 15.69 2.27
CA LYS H 105 -18.39 16.82 2.20
C LYS H 105 -18.79 17.34 3.58
N HIS H 106 -19.00 16.46 4.55
CA HIS H 106 -19.25 16.86 5.93
C HIS H 106 -18.00 17.37 6.64
N ALA H 107 -16.84 16.74 6.52
CA ALA H 107 -15.61 17.22 7.14
C ALA H 107 -15.23 18.62 6.66
N VAL H 108 -15.41 18.91 5.36
CA VAL H 108 -15.17 20.24 4.80
C VAL H 108 -16.14 21.29 5.34
N SER H 109 -17.41 20.92 5.52
CA SER H 109 -18.39 21.79 6.16
C SER H 109 -18.02 22.10 7.60
N GLU H 110 -17.55 21.13 8.39
CA GLU H 110 -17.16 21.34 9.78
C GLU H 110 -15.88 22.20 9.89
N GLY H 111 -14.90 21.98 9.02
CA GLY H 111 -13.69 22.81 9.00
C GLY H 111 -13.96 24.27 8.63
N THR H 112 -14.75 24.54 7.60
CA THR H 112 -15.09 25.91 7.18
C THR H 112 -15.96 26.66 8.19
N LYS H 113 -16.86 25.99 8.90
CA LYS H 113 -17.63 26.59 10.01
C LYS H 113 -16.74 27.03 11.16
N ALA H 114 -15.78 26.18 11.57
CA ALA H 114 -14.83 26.51 12.62
C ALA H 114 -13.94 27.69 12.25
N VAL H 115 -13.36 27.72 11.05
CA VAL H 115 -12.46 28.83 10.63
C VAL H 115 -13.21 30.16 10.53
N THR H 116 -14.46 30.17 10.09
CA THR H 116 -15.28 31.39 10.06
C THR H 116 -15.54 31.91 11.49
N LYS H 117 -15.98 31.04 12.39
CA LYS H 117 -16.23 31.40 13.79
C LYS H 117 -14.96 31.88 14.49
N TYR H 118 -13.84 31.16 14.34
CA TYR H 118 -12.54 31.57 14.89
C TYR H 118 -12.11 32.95 14.42
N THR H 119 -12.26 33.24 13.12
CA THR H 119 -11.87 34.54 12.55
C THR H 119 -12.73 35.69 13.08
N SER H 120 -14.00 35.44 13.42
CA SER H 120 -14.88 36.48 14.00
C SER H 120 -14.44 36.94 15.41
N ALA H 121 -13.83 36.05 16.20
CA ALA H 121 -13.32 36.35 17.54
C ALA H 121 -11.88 36.88 17.56
N LYS H 122 -11.03 36.39 16.65
CA LYS H 122 -9.62 36.82 16.48
C LYS H 122 -9.47 38.33 16.33
N TYR K 174 -9.51 -32.87 80.27
CA TYR K 174 -10.15 -33.11 78.95
C TYR K 174 -9.24 -33.85 77.95
N VAL K 175 -7.99 -33.42 77.72
CA VAL K 175 -7.04 -34.11 76.82
C VAL K 175 -6.84 -35.57 77.24
N LYS K 176 -7.00 -36.53 76.31
CA LYS K 176 -7.12 -37.95 76.65
C LYS K 176 -5.84 -38.78 76.47
N TRP K 177 -5.39 -38.99 75.22
CA TRP K 177 -4.30 -39.99 74.96
C TRP K 177 -2.91 -39.88 75.58
N GLY K 178 -2.53 -38.68 76.00
CA GLY K 178 -1.24 -38.54 76.68
C GLY K 178 -1.11 -37.19 77.39
N LYS K 179 0.09 -36.90 77.95
CA LYS K 179 0.33 -35.65 78.71
C LYS K 179 1.15 -34.53 78.06
N LEU K 180 0.69 -33.29 78.16
CA LEU K 180 1.44 -32.14 77.65
C LEU K 180 2.71 -31.95 78.45
N ARG K 181 3.85 -31.73 77.81
CA ARG K 181 5.05 -31.48 78.61
C ARG K 181 4.99 -30.10 79.25
N ASP K 182 5.71 -29.85 80.34
CA ASP K 182 5.57 -28.59 81.10
C ASP K 182 5.58 -27.33 80.22
N TYR K 183 6.46 -27.27 79.22
CA TYR K 183 6.45 -26.14 78.28
C TYR K 183 5.18 -26.09 77.42
N GLN K 184 4.57 -27.23 77.15
CA GLN K 184 3.30 -27.23 76.41
C GLN K 184 2.20 -26.69 77.35
N VAL K 185 2.20 -27.06 78.63
CA VAL K 185 1.29 -26.50 79.64
C VAL K 185 1.45 -24.98 79.75
N ARG K 186 2.69 -24.50 79.87
CA ARG K 186 2.93 -23.06 79.94
C ARG K 186 2.50 -22.34 78.67
N GLY K 187 2.66 -22.98 77.51
CA GLY K 187 2.23 -22.40 76.26
C GLY K 187 0.72 -22.29 76.20
N LEU K 188 0.00 -23.32 76.64
CA LEU K 188 -1.46 -23.26 76.71
C LEU K 188 -1.92 -22.11 77.60
N ASN K 189 -1.37 -21.98 78.81
CA ASN K 189 -1.72 -20.90 79.73
C ASN K 189 -1.45 -19.52 79.12
N TRP K 190 -0.39 -19.41 78.30
CA TRP K 190 -0.10 -18.14 77.59
C TRP K 190 -1.11 -17.88 76.48
N LEU K 191 -1.49 -18.87 75.69
CA LEU K 191 -2.56 -18.70 74.70
C LEU K 191 -3.90 -18.31 75.34
N ILE K 192 -4.27 -18.94 76.46
CA ILE K 192 -5.47 -18.55 77.21
C ILE K 192 -5.35 -17.10 77.69
N SER K 193 -4.19 -16.70 78.20
CA SER K 193 -3.99 -15.31 78.62
C SER K 193 -4.10 -14.32 77.47
N LEU K 194 -3.67 -14.67 76.25
CA LEU K 194 -3.92 -13.83 75.09
C LEU K 194 -5.43 -13.68 74.84
N TYR K 195 -6.20 -14.77 74.87
CA TYR K 195 -7.64 -14.72 74.68
C TYR K 195 -8.34 -13.83 75.70
N GLU K 196 -8.04 -14.00 76.97
CA GLU K 196 -8.66 -13.21 78.05
C GLU K 196 -8.24 -11.74 78.03
N ASN K 197 -7.00 -11.42 77.60
CA ASN K 197 -6.57 -10.04 77.34
C ASN K 197 -7.13 -9.47 76.02
N GLY K 198 -7.73 -10.29 75.16
CA GLY K 198 -8.32 -9.88 73.89
C GLY K 198 -7.31 -9.59 72.78
N ILE K 199 -6.23 -10.38 72.69
CA ILE K 199 -5.15 -10.15 71.72
C ILE K 199 -4.93 -11.42 70.92
N ASN K 200 -4.21 -11.35 69.79
CA ASN K 200 -4.08 -12.50 68.88
C ASN K 200 -2.76 -13.26 69.02
N GLY K 201 -1.62 -12.70 68.55
CA GLY K 201 -0.33 -13.33 68.79
C GLY K 201 0.27 -14.42 67.91
N ILE K 202 1.54 -14.77 68.17
CA ILE K 202 2.29 -15.78 67.39
C ILE K 202 2.92 -16.83 68.32
N LEU K 203 2.73 -18.12 68.05
CA LEU K 203 3.43 -19.20 68.74
C LEU K 203 4.51 -19.76 67.80
N ALA K 204 5.78 -19.63 68.20
CA ALA K 204 6.92 -19.85 67.32
C ALA K 204 8.07 -20.61 68.00
N ASP K 205 7.74 -21.62 68.81
CA ASP K 205 8.70 -22.63 69.26
C ASP K 205 9.53 -23.20 68.10
N GLU K 206 10.77 -23.58 68.38
CA GLU K 206 11.62 -24.25 67.41
C GLU K 206 10.95 -25.51 66.83
N MET K 207 11.26 -25.83 65.58
CA MET K 207 10.66 -27.00 64.94
C MET K 207 10.94 -28.23 65.76
N GLY K 208 10.08 -29.23 65.69
CA GLY K 208 10.25 -30.42 66.49
C GLY K 208 9.92 -30.27 67.95
N LEU K 209 9.23 -29.21 68.35
CA LEU K 209 8.81 -29.00 69.74
C LEU K 209 7.32 -29.28 69.98
N GLY K 210 6.71 -30.06 69.12
CA GLY K 210 5.31 -30.41 69.33
C GLY K 210 4.34 -29.27 69.33
N LYS K 211 4.52 -28.32 68.44
CA LYS K 211 3.61 -27.20 68.38
C LYS K 211 2.19 -27.67 68.10
N THR K 212 2.01 -28.74 67.36
CA THR K 212 0.66 -29.11 66.99
C THR K 212 -0.25 -29.34 68.18
N LEU K 213 0.23 -29.96 69.25
CA LEU K 213 -0.69 -30.29 70.33
C LEU K 213 -1.11 -29.09 71.16
N GLN K 214 -0.26 -28.08 71.29
CA GLN K 214 -0.61 -26.83 71.96
C GLN K 214 -1.85 -26.16 71.34
N THR K 215 -1.97 -26.21 70.02
CA THR K 215 -3.13 -25.66 69.30
C THR K 215 -4.39 -26.48 69.52
N ILE K 216 -4.31 -27.81 69.40
CA ILE K 216 -5.48 -28.69 69.61
C ILE K 216 -6.02 -28.54 71.03
N SER K 217 -5.15 -28.45 72.03
CA SER K 217 -5.56 -28.24 73.42
C SER K 217 -6.27 -26.90 73.64
N LEU K 218 -5.86 -25.82 72.98
CA LEU K 218 -6.55 -24.52 73.05
C LEU K 218 -8.00 -24.63 72.59
N LEU K 219 -8.26 -25.32 71.50
CA LEU K 219 -9.61 -25.42 71.00
C LEU K 219 -10.47 -26.23 71.97
N GLY K 220 -9.95 -27.32 72.53
CA GLY K 220 -10.67 -28.06 73.57
C GLY K 220 -11.09 -27.15 74.74
N TYR K 221 -10.21 -26.26 75.18
CA TYR K 221 -10.52 -25.31 76.26
C TYR K 221 -11.67 -24.36 75.89
N MET K 222 -11.63 -23.85 74.66
CA MET K 222 -12.61 -22.86 74.26
C MET K 222 -13.96 -23.46 74.13
N LYS K 223 -14.06 -24.78 74.16
CA LYS K 223 -15.37 -25.43 74.13
C LYS K 223 -15.75 -25.90 75.51
N HIS K 224 -14.89 -26.63 76.17
CA HIS K 224 -15.22 -27.18 77.49
C HIS K 224 -15.36 -26.16 78.62
N TYR K 225 -14.70 -25.02 78.55
CA TYR K 225 -14.66 -24.06 79.66
C TYR K 225 -15.33 -22.73 79.34
N ARG K 226 -15.25 -22.28 78.08
CA ARG K 226 -15.93 -21.06 77.66
C ARG K 226 -17.24 -21.35 76.94
N ASN K 227 -17.57 -22.63 76.71
CA ASN K 227 -18.82 -23.03 76.06
C ASN K 227 -18.96 -22.39 74.67
N ILE K 228 -17.91 -22.49 73.85
CA ILE K 228 -17.93 -21.89 72.52
C ILE K 228 -17.72 -23.07 71.60
N PRO K 229 -18.79 -23.65 71.04
CA PRO K 229 -18.60 -24.73 70.08
C PRO K 229 -18.61 -24.17 68.68
N GLY K 230 -18.50 -22.86 68.54
CA GLY K 230 -18.64 -22.21 67.25
C GLY K 230 -17.60 -22.56 66.24
N PRO K 231 -17.84 -22.19 64.95
CA PRO K 231 -16.90 -22.64 63.93
C PRO K 231 -15.46 -22.12 64.04
N HIS K 232 -14.47 -22.97 63.82
CA HIS K 232 -13.07 -22.57 63.87
C HIS K 232 -12.43 -23.05 62.57
N MET K 233 -11.40 -22.39 62.05
CA MET K 233 -10.77 -22.77 60.78
C MET K 233 -9.31 -22.99 60.93
N VAL K 234 -8.72 -23.93 60.21
CA VAL K 234 -7.30 -24.12 60.21
C VAL K 234 -6.82 -24.16 58.76
N LEU K 235 -5.81 -23.38 58.38
CA LEU K 235 -5.18 -23.43 57.06
C LEU K 235 -3.83 -24.14 57.12
N VAL K 236 -3.58 -25.09 56.22
CA VAL K 236 -2.35 -25.89 56.26
C VAL K 236 -1.74 -26.14 54.86
N PRO K 237 -0.46 -26.58 54.84
CA PRO K 237 0.07 -26.99 53.54
C PRO K 237 -0.58 -28.33 53.18
N LYS K 238 -0.70 -28.66 51.91
CA LYS K 238 -1.39 -29.86 51.49
C LYS K 238 -0.79 -31.11 52.03
N SER K 239 0.48 -31.13 52.35
CA SER K 239 1.11 -32.36 52.73
C SER K 239 0.90 -32.69 54.17
N THR K 240 0.26 -31.81 54.93
CA THR K 240 0.04 -32.04 56.35
C THR K 240 -1.43 -32.16 56.71
N LEU K 241 -2.32 -32.37 55.74
CA LEU K 241 -3.73 -32.36 56.06
C LEU K 241 -4.13 -33.61 56.74
N HIS K 242 -3.41 -34.69 56.54
CA HIS K 242 -3.80 -35.96 57.10
C HIS K 242 -3.18 -36.14 58.45
N ASN K 243 -2.18 -35.33 58.81
CA ASN K 243 -1.58 -35.43 60.12
C ASN K 243 -2.47 -34.68 61.06
N TRP K 244 -2.82 -33.44 60.71
CA TRP K 244 -3.62 -32.64 61.61
C TRP K 244 -4.85 -33.44 61.96
N MET K 245 -5.49 -34.04 60.97
CA MET K 245 -6.75 -34.73 61.21
C MET K 245 -6.55 -35.88 62.17
N SER K 246 -5.48 -36.61 62.00
CA SER K 246 -5.22 -37.72 62.87
C SER K 246 -5.04 -37.24 64.27
N GLU K 247 -4.36 -36.13 64.48
CA GLU K 247 -4.08 -35.73 65.84
C GLU K 247 -5.39 -35.27 66.52
N PHE K 248 -6.24 -34.50 65.85
CA PHE K 248 -7.56 -34.16 66.41
C PHE K 248 -8.24 -35.43 66.92
N LYS K 249 -8.32 -36.47 66.09
CA LYS K 249 -8.95 -37.73 66.46
C LYS K 249 -8.29 -38.38 67.67
N ARG K 250 -6.98 -38.19 67.84
CA ARG K 250 -6.26 -38.84 68.95
C ARG K 250 -6.31 -38.16 70.30
N TRP K 251 -5.88 -36.92 70.39
CA TRP K 251 -5.77 -36.28 71.71
C TRP K 251 -7.10 -35.73 72.25
N VAL K 252 -7.94 -35.09 71.44
CA VAL K 252 -9.18 -34.45 71.94
C VAL K 252 -10.38 -34.88 71.08
N PRO K 253 -10.96 -36.06 71.31
CA PRO K 253 -12.02 -36.63 70.48
C PRO K 253 -13.38 -35.90 70.55
N THR K 254 -13.55 -34.98 71.50
CA THR K 254 -14.78 -34.17 71.67
C THR K 254 -14.92 -33.01 70.68
N LEU K 255 -13.88 -32.74 69.91
CA LEU K 255 -14.01 -31.74 68.88
C LEU K 255 -14.53 -32.46 67.64
N ARG K 256 -15.32 -31.80 66.82
CA ARG K 256 -15.94 -32.35 65.61
C ARG K 256 -15.25 -31.74 64.39
N SER K 257 -14.09 -32.22 64.03
CA SER K 257 -13.25 -31.77 62.92
C SER K 257 -13.73 -32.32 61.58
N VAL K 258 -13.75 -31.46 60.54
CA VAL K 258 -14.07 -31.83 59.14
C VAL K 258 -13.02 -31.26 58.19
N CYS K 259 -12.80 -31.95 57.05
CA CYS K 259 -11.74 -31.58 56.08
C CYS K 259 -12.16 -31.40 54.62
N LEU K 260 -11.88 -30.23 54.00
CA LEU K 260 -12.24 -29.95 52.58
C LEU K 260 -11.06 -30.25 51.69
N ILE K 261 -11.24 -31.07 50.63
CA ILE K 261 -10.18 -31.36 49.67
C ILE K 261 -10.82 -32.13 48.53
N GLY K 262 -10.22 -32.11 47.33
CA GLY K 262 -10.70 -32.92 46.21
C GLY K 262 -11.12 -32.22 44.92
N ASP K 263 -11.66 -32.93 43.92
CA ASP K 263 -12.15 -32.37 42.66
C ASP K 263 -13.40 -31.48 42.84
N LYS K 264 -13.76 -30.68 41.84
CA LYS K 264 -14.92 -29.77 41.87
C LYS K 264 -16.20 -30.42 42.38
N GLU K 265 -16.56 -31.61 41.87
CA GLU K 265 -17.71 -32.37 42.33
C GLU K 265 -17.61 -32.75 43.82
N GLN K 266 -16.44 -33.20 44.29
CA GLN K 266 -16.23 -33.52 45.70
C GLN K 266 -16.36 -32.29 46.59
N ARG K 267 -15.83 -31.13 46.17
CA ARG K 267 -15.96 -29.88 46.95
C ARG K 267 -17.41 -29.40 47.00
N ALA K 268 -18.12 -29.44 45.87
CA ALA K 268 -19.55 -29.13 45.83
C ALA K 268 -20.37 -30.08 46.73
N ALA K 269 -20.13 -31.39 46.65
CA ALA K 269 -20.79 -32.37 47.49
C ALA K 269 -20.52 -32.14 48.99
N PHE K 270 -19.26 -31.95 49.39
CA PHE K 270 -18.89 -31.65 50.78
C PHE K 270 -19.50 -30.34 51.28
N VAL K 271 -19.43 -29.25 50.49
CA VAL K 271 -20.05 -27.97 50.86
C VAL K 271 -21.54 -28.16 51.11
N ARG K 272 -22.25 -28.77 50.16
CA ARG K 272 -23.69 -29.01 50.20
C ARG K 272 -24.12 -29.95 51.34
N ASP K 273 -23.40 -31.05 51.54
CA ASP K 273 -23.87 -32.17 52.36
C ASP K 273 -23.23 -32.24 53.77
N VAL K 274 -22.22 -31.41 54.04
CA VAL K 274 -21.44 -31.51 55.30
C VAL K 274 -21.18 -30.13 55.90
N LEU K 275 -20.58 -29.22 55.14
CA LEU K 275 -20.23 -27.90 55.65
C LEU K 275 -21.47 -27.08 56.03
N LEU K 276 -22.33 -26.77 55.04
CA LEU K 276 -23.47 -25.90 55.29
C LEU K 276 -24.45 -26.46 56.34
N PRO K 277 -24.57 -27.81 56.45
CA PRO K 277 -25.41 -28.32 57.56
C PRO K 277 -25.07 -27.77 58.95
N GLY K 278 -23.80 -27.49 59.22
CA GLY K 278 -23.41 -26.91 60.50
C GLY K 278 -23.40 -27.94 61.62
N GLU K 279 -22.93 -29.17 61.36
CA GLU K 279 -22.81 -30.23 62.38
C GLU K 279 -21.38 -30.42 62.87
N TRP K 280 -20.51 -29.41 62.74
CA TRP K 280 -19.08 -29.56 63.02
C TRP K 280 -18.57 -28.34 63.74
N ASP K 281 -17.43 -28.43 64.43
CA ASP K 281 -16.82 -27.26 65.07
C ASP K 281 -15.42 -26.84 64.63
N VAL K 282 -14.65 -27.66 63.92
CA VAL K 282 -13.36 -27.25 63.36
C VAL K 282 -13.37 -27.58 61.90
N CYS K 283 -12.90 -26.70 61.03
CA CYS K 283 -12.78 -26.98 59.60
C CYS K 283 -11.33 -26.88 59.17
N VAL K 284 -10.79 -27.92 58.57
CA VAL K 284 -9.38 -27.99 58.15
C VAL K 284 -9.27 -27.93 56.62
N THR K 285 -8.43 -27.04 56.08
CA THR K 285 -8.34 -26.82 54.62
C THR K 285 -6.91 -26.50 54.16
N SER K 286 -6.59 -26.70 52.89
CA SER K 286 -5.35 -26.19 52.30
C SER K 286 -5.48 -24.75 51.81
N TYR K 287 -4.36 -24.11 51.50
CA TYR K 287 -4.40 -22.75 50.98
C TYR K 287 -5.07 -22.67 49.61
N GLU K 288 -4.97 -23.70 48.79
CA GLU K 288 -5.64 -23.75 47.49
C GLU K 288 -7.13 -23.95 47.66
N MET K 289 -7.54 -24.81 48.59
CA MET K 289 -8.95 -25.02 48.85
C MET K 289 -9.62 -23.75 49.38
N LEU K 290 -8.94 -22.94 50.19
CA LEU K 290 -9.45 -21.63 50.57
C LEU K 290 -9.58 -20.69 49.38
N ILE K 291 -8.56 -20.58 48.52
CA ILE K 291 -8.59 -19.69 47.35
C ILE K 291 -9.72 -20.10 46.38
N LYS K 292 -10.00 -21.40 46.24
CA LYS K 292 -11.14 -21.89 45.44
C LYS K 292 -12.49 -21.59 46.08
N GLU K 293 -12.69 -21.93 47.35
CA GLU K 293 -14.00 -21.83 48.02
C GLU K 293 -14.19 -20.54 48.85
N LYS K 294 -13.47 -19.46 48.53
CA LYS K 294 -13.48 -18.20 49.30
C LYS K 294 -14.88 -17.61 49.50
N SER K 295 -15.74 -17.72 48.49
CA SER K 295 -17.11 -17.21 48.55
C SER K 295 -18.03 -18.03 49.45
N VAL K 296 -17.76 -19.32 49.66
CA VAL K 296 -18.49 -20.17 50.60
C VAL K 296 -18.06 -19.84 52.02
N PHE K 297 -16.76 -19.85 52.29
CA PHE K 297 -16.25 -19.66 53.64
C PHE K 297 -16.52 -18.27 54.21
N LYS K 298 -16.61 -17.22 53.37
CA LYS K 298 -16.99 -15.88 53.86
C LYS K 298 -18.44 -15.76 54.36
N LYS K 299 -19.30 -16.75 54.09
CA LYS K 299 -20.65 -16.71 54.61
C LYS K 299 -20.56 -16.83 56.11
N PHE K 300 -19.83 -17.82 56.58
CA PHE K 300 -19.77 -18.10 58.03
C PHE K 300 -19.09 -17.02 58.84
N ASN K 301 -19.43 -16.93 60.12
CA ASN K 301 -18.76 -15.99 61.02
C ASN K 301 -17.90 -16.91 61.86
N TRP K 302 -16.59 -16.69 61.87
CA TRP K 302 -15.67 -17.62 62.53
C TRP K 302 -15.22 -17.17 63.89
N ARG K 303 -14.99 -18.12 64.80
CA ARG K 303 -14.48 -17.80 66.13
C ARG K 303 -12.96 -17.79 66.22
N TYR K 304 -12.27 -18.60 65.45
CA TYR K 304 -10.81 -18.60 65.46
C TYR K 304 -10.28 -18.87 64.07
N LEU K 305 -9.19 -18.23 63.65
CA LEU K 305 -8.57 -18.50 62.35
C LEU K 305 -7.13 -18.81 62.63
N VAL K 306 -6.74 -20.07 62.49
CA VAL K 306 -5.35 -20.51 62.70
C VAL K 306 -4.69 -20.73 61.35
N ILE K 307 -3.53 -20.11 61.11
CA ILE K 307 -2.77 -20.33 59.89
C ILE K 307 -1.55 -21.06 60.40
N ASP K 308 -0.97 -21.98 59.63
CA ASP K 308 0.22 -22.78 60.02
C ASP K 308 1.28 -22.48 58.97
N GLU K 309 2.57 -22.58 59.26
CA GLU K 309 3.63 -22.22 58.32
C GLU K 309 3.25 -20.85 57.85
N ALA K 310 2.96 -19.95 58.77
CA ALA K 310 2.54 -18.59 58.48
C ALA K 310 3.49 -17.78 57.65
N HIS K 311 4.71 -18.26 57.46
CA HIS K 311 5.64 -17.58 56.56
C HIS K 311 5.05 -17.48 55.15
N ARG K 312 4.09 -18.34 54.79
CA ARG K 312 3.45 -18.30 53.48
C ARG K 312 2.78 -16.95 53.17
N ILE K 313 2.31 -16.21 54.17
CA ILE K 313 1.63 -14.91 53.98
C ILE K 313 2.54 -13.69 54.17
N LYS K 314 3.86 -13.89 54.15
CA LYS K 314 4.84 -12.80 54.38
C LYS K 314 4.79 -11.64 53.41
N ASN K 315 4.38 -11.89 52.18
CA ASN K 315 4.19 -10.84 51.18
C ASN K 315 2.72 -10.41 51.19
N GLU K 316 2.42 -9.21 51.68
CA GLU K 316 1.05 -8.74 51.82
C GLU K 316 0.30 -8.59 50.48
N LYS K 317 1.01 -8.39 49.36
CA LYS K 317 0.40 -8.32 48.03
C LYS K 317 0.01 -9.69 47.42
N SER K 318 0.38 -10.80 48.03
CA SER K 318 -0.02 -12.14 47.57
C SER K 318 -1.52 -12.33 47.70
N LYS K 319 -2.16 -13.06 46.79
CA LYS K 319 -3.61 -13.23 46.75
C LYS K 319 -4.16 -13.91 48.00
N LEU K 320 -3.45 -14.90 48.57
CA LEU K 320 -3.85 -15.48 49.85
C LEU K 320 -3.90 -14.43 50.95
N SER K 321 -2.92 -13.52 51.00
CA SER K 321 -2.85 -12.50 52.05
C SER K 321 -3.98 -11.50 52.00
N GLU K 322 -4.40 -11.10 50.81
CA GLU K 322 -5.59 -10.27 50.60
C GLU K 322 -6.85 -11.03 51.00
N ILE K 323 -7.09 -12.22 50.45
CA ILE K 323 -8.27 -13.04 50.73
C ILE K 323 -8.46 -13.25 52.23
N VAL K 324 -7.39 -13.57 52.95
CA VAL K 324 -7.41 -13.88 54.39
C VAL K 324 -7.79 -12.68 55.28
N ARG K 325 -7.60 -11.45 54.81
CA ARG K 325 -8.01 -10.27 55.58
C ARG K 325 -9.49 -9.87 55.41
N GLU K 326 -10.24 -10.56 54.55
CA GLU K 326 -11.66 -10.24 54.31
C GLU K 326 -12.61 -11.05 55.22
N PHE K 327 -12.06 -11.97 56.02
CA PHE K 327 -12.88 -12.86 56.86
C PHE K 327 -13.35 -12.25 58.18
N LYS K 328 -14.54 -12.70 58.64
CA LYS K 328 -15.09 -12.25 59.91
C LYS K 328 -14.55 -13.22 60.94
N THR K 329 -13.71 -12.77 61.85
CA THR K 329 -13.03 -13.64 62.81
C THR K 329 -12.89 -12.97 64.17
N THR K 330 -13.40 -13.59 65.23
CA THR K 330 -13.19 -13.03 66.57
C THR K 330 -11.72 -13.10 66.96
N ASN K 331 -11.03 -14.20 66.60
CA ASN K 331 -9.62 -14.39 66.97
C ASN K 331 -8.70 -14.88 65.85
N ARG K 332 -7.41 -14.53 65.90
CA ARG K 332 -6.48 -14.92 64.84
C ARG K 332 -5.26 -15.51 65.51
N LEU K 333 -4.56 -16.39 64.79
CA LEU K 333 -3.41 -17.06 65.35
C LEU K 333 -2.43 -17.49 64.26
N LEU K 334 -1.12 -17.28 64.49
CA LEU K 334 -0.10 -17.75 63.56
C LEU K 334 0.78 -18.81 64.23
N LEU K 335 1.09 -19.91 63.54
CA LEU K 335 2.03 -20.89 64.05
C LEU K 335 3.14 -20.88 63.02
N THR K 336 4.41 -20.74 63.41
CA THR K 336 5.54 -20.82 62.48
C THR K 336 6.81 -21.00 63.28
N GLY K 337 7.78 -21.80 62.88
CA GLY K 337 9.05 -21.88 63.62
C GLY K 337 10.14 -21.04 63.01
N THR K 338 9.88 -20.32 61.93
CA THR K 338 10.85 -19.47 61.28
C THR K 338 10.21 -18.10 61.20
N PRO K 339 9.93 -17.48 62.36
CA PRO K 339 9.18 -16.23 62.25
C PRO K 339 9.87 -15.15 61.43
N LEU K 340 11.21 -15.10 61.43
CA LEU K 340 11.95 -14.16 60.56
C LEU K 340 12.31 -14.91 59.29
N GLN K 341 12.23 -14.26 58.12
CA GLN K 341 12.57 -14.88 56.83
C GLN K 341 13.71 -14.14 56.12
N ASN K 342 13.45 -12.94 55.56
CA ASN K 342 14.49 -12.14 54.89
C ASN K 342 14.61 -10.66 55.35
N ASN K 343 13.51 -9.99 55.70
CA ASN K 343 13.55 -8.58 56.10
C ASN K 343 12.46 -8.18 57.12
N LEU K 344 12.63 -7.01 57.76
CA LEU K 344 11.65 -6.54 58.76
C LEU K 344 10.24 -6.27 58.17
N HIS K 345 10.11 -5.98 56.87
CA HIS K 345 8.80 -5.80 56.24
C HIS K 345 8.02 -7.13 56.11
N GLU K 346 8.75 -8.23 55.95
CA GLU K 346 8.11 -9.54 55.83
C GLU K 346 7.63 -10.07 57.19
N LEU K 347 8.00 -9.39 58.27
CA LEU K 347 7.52 -9.74 59.62
C LEU K 347 6.44 -8.74 59.92
N TRP K 348 6.62 -7.50 59.51
CA TRP K 348 5.50 -6.56 59.67
C TRP K 348 4.21 -7.06 58.99
N SER K 349 4.34 -7.71 57.84
CA SER K 349 3.21 -8.25 57.09
C SER K 349 2.41 -9.29 57.86
N LEU K 350 3.01 -9.92 58.86
CA LEU K 350 2.31 -10.87 59.73
C LEU K 350 1.63 -10.12 60.85
N LEU K 351 2.31 -9.17 61.46
CA LEU K 351 1.73 -8.32 62.49
C LEU K 351 0.51 -7.55 62.00
N ASN K 352 0.52 -7.11 60.74
CA ASN K 352 -0.61 -6.43 60.11
C ASN K 352 -1.83 -7.35 59.85
N PHE K 353 -1.69 -8.67 59.80
CA PHE K 353 -2.84 -9.57 59.87
C PHE K 353 -3.39 -9.67 61.30
N LEU K 354 -2.51 -9.79 62.30
CA LEU K 354 -2.93 -10.00 63.69
C LEU K 354 -3.61 -8.77 64.31
N LEU K 355 -2.99 -7.60 64.24
CA LEU K 355 -3.44 -6.37 64.89
C LEU K 355 -3.28 -5.19 63.92
N PRO K 356 -4.10 -5.15 62.84
CA PRO K 356 -3.98 -4.15 61.77
C PRO K 356 -4.16 -2.70 62.27
N ASP K 357 -4.93 -2.54 63.34
CA ASP K 357 -5.22 -1.28 64.04
C ASP K 357 -4.09 -0.85 64.99
N VAL K 358 -3.13 -1.72 65.30
CA VAL K 358 -1.91 -1.38 66.06
C VAL K 358 -0.77 -1.02 65.11
N PHE K 359 -0.42 -1.95 64.21
CA PHE K 359 0.71 -1.78 63.30
C PHE K 359 0.10 -1.21 62.06
N ASN K 360 -0.31 0.05 62.14
CA ASN K 360 -1.04 0.66 61.03
C ASN K 360 -0.23 0.71 59.74
N SER K 361 1.09 0.83 59.85
CA SER K 361 1.93 0.92 58.66
C SER K 361 3.35 0.39 58.80
N ALA K 362 3.99 0.01 57.69
CA ALA K 362 5.39 -0.38 57.70
C ALA K 362 6.34 0.81 57.92
N ASP K 363 5.90 2.00 57.54
CA ASP K 363 6.60 3.26 57.82
C ASP K 363 6.54 3.66 59.29
N ASP K 364 5.54 3.15 60.03
CA ASP K 364 5.44 3.28 61.48
C ASP K 364 6.19 2.16 62.21
N PHE K 365 6.29 0.98 61.59
CA PHE K 365 7.06 -0.12 62.16
C PHE K 365 8.49 0.25 61.96
N ASP K 366 8.81 0.94 60.86
CA ASP K 366 10.18 1.44 60.66
C ASP K 366 10.32 2.49 61.73
N SER K 367 11.50 2.66 62.33
CA SER K 367 11.73 3.58 63.47
C SER K 367 11.38 2.94 64.82
N TRP K 368 10.19 2.35 64.97
CA TRP K 368 9.88 1.62 66.21
C TRP K 368 10.93 0.54 66.38
N PHE K 369 11.26 -0.17 65.29
CA PHE K 369 12.21 -1.28 65.38
C PHE K 369 11.85 -2.17 66.55
N GLU K 382 18.89 -2.03 68.86
CA GLU K 382 18.91 -2.37 70.27
C GLU K 382 17.48 -2.45 70.81
N ARG K 383 16.48 -2.26 69.95
CA ARG K 383 15.07 -2.37 70.37
C ARG K 383 14.78 -3.85 70.22
N LEU K 384 15.44 -4.68 71.02
CA LEU K 384 15.34 -6.12 70.83
C LEU K 384 14.28 -6.64 71.76
N HIS K 385 13.27 -7.37 71.26
CA HIS K 385 12.20 -7.99 72.08
C HIS K 385 11.19 -7.02 72.69
N MET K 386 11.32 -5.72 72.48
CA MET K 386 10.41 -4.77 73.13
C MET K 386 9.05 -4.91 72.45
N VAL K 387 9.02 -4.83 71.12
CA VAL K 387 7.77 -4.96 70.37
C VAL K 387 7.30 -6.39 70.41
N LEU K 388 8.23 -7.32 70.27
CA LEU K 388 7.88 -8.74 70.21
C LEU K 388 7.31 -9.42 71.42
N ARG K 389 7.77 -9.09 72.61
CA ARG K 389 7.36 -9.86 73.79
C ARG K 389 5.86 -9.88 74.05
N PRO K 390 5.17 -8.76 73.86
CA PRO K 390 3.72 -8.88 74.06
C PRO K 390 3.04 -9.89 73.13
N PHE K 391 3.41 -9.94 71.86
CA PHE K 391 2.74 -10.80 70.88
C PHE K 391 3.48 -12.02 70.34
N LEU K 392 4.60 -12.42 70.94
CA LEU K 392 5.36 -13.58 70.46
C LEU K 392 5.91 -14.42 71.59
N LEU K 393 5.98 -15.74 71.42
CA LEU K 393 6.61 -16.62 72.42
C LEU K 393 7.47 -17.61 71.68
N ARG K 394 8.72 -17.78 72.08
CA ARG K 394 9.58 -18.79 71.46
C ARG K 394 10.41 -19.60 72.45
N ARG K 395 10.54 -20.92 72.28
CA ARG K 395 11.44 -21.73 73.13
C ARG K 395 12.29 -22.58 72.22
N ILE K 396 13.50 -22.93 72.65
CA ILE K 396 14.44 -23.67 71.80
C ILE K 396 14.68 -25.09 72.35
N LYS K 397 14.87 -26.09 71.47
CA LYS K 397 15.04 -27.48 71.91
C LYS K 397 16.21 -27.64 72.87
N ALA K 398 17.30 -26.90 72.65
CA ALA K 398 18.47 -26.86 73.50
C ALA K 398 18.21 -26.41 74.95
N ASP K 399 17.16 -25.63 75.21
CA ASP K 399 16.70 -25.29 76.56
C ASP K 399 15.68 -26.28 77.11
N VAL K 400 14.63 -26.60 76.33
CA VAL K 400 13.44 -27.28 76.87
C VAL K 400 13.43 -28.80 76.71
N GLU K 401 14.27 -29.37 75.85
CA GLU K 401 14.45 -30.81 75.70
C GLU K 401 15.94 -31.21 75.76
N LYS K 402 16.50 -31.16 76.97
CA LYS K 402 17.90 -31.55 77.24
C LYS K 402 18.22 -32.99 76.82
N SER K 403 17.22 -33.86 76.71
CA SER K 403 17.38 -35.26 76.30
C SER K 403 17.55 -35.46 74.80
N LEU K 404 17.13 -34.54 73.93
CA LEU K 404 17.29 -34.68 72.48
C LEU K 404 18.76 -34.41 72.06
N PRO K 405 19.44 -35.33 71.34
CA PRO K 405 20.81 -35.12 70.88
C PRO K 405 20.91 -33.94 69.89
N PRO K 406 21.83 -32.98 70.07
CA PRO K 406 22.07 -31.91 69.10
C PRO K 406 22.51 -32.39 67.71
N LYS K 407 22.28 -31.57 66.67
CA LYS K 407 22.69 -31.86 65.29
C LYS K 407 24.21 -31.78 65.08
N LYS K 408 24.74 -32.57 64.14
CA LYS K 408 26.10 -32.43 63.59
C LYS K 408 26.02 -31.99 62.13
N GLU K 409 26.75 -30.93 61.77
CA GLU K 409 26.73 -30.35 60.41
C GLU K 409 28.10 -30.46 59.72
N VAL K 410 28.13 -31.04 58.51
CA VAL K 410 29.34 -31.26 57.71
C VAL K 410 29.18 -30.66 56.31
N LYS K 411 30.01 -29.70 55.93
CA LYS K 411 30.20 -29.29 54.54
C LYS K 411 31.16 -30.26 53.84
N ILE K 412 30.80 -30.76 52.66
CA ILE K 412 31.72 -31.51 51.80
C ILE K 412 31.94 -30.71 50.52
N TYR K 413 33.14 -30.15 50.36
CA TYR K 413 33.54 -29.49 49.13
C TYR K 413 33.97 -30.52 48.09
N VAL K 414 33.50 -30.38 46.85
CA VAL K 414 33.78 -31.32 45.75
C VAL K 414 34.29 -30.57 44.52
N GLY K 415 35.20 -31.18 43.76
CA GLY K 415 35.58 -30.68 42.44
C GLY K 415 34.58 -31.08 41.35
N LEU K 416 34.58 -30.35 40.23
CA LEU K 416 33.86 -30.73 39.02
C LEU K 416 34.48 -31.96 38.34
N SER K 417 33.68 -32.76 37.63
CA SER K 417 34.23 -33.71 36.65
C SER K 417 34.86 -32.97 35.46
N LYS K 418 35.68 -33.65 34.65
CA LYS K 418 36.22 -33.05 33.41
C LYS K 418 35.12 -32.59 32.46
N MET K 419 34.03 -33.35 32.33
CA MET K 419 32.87 -32.94 31.54
C MET K 419 32.19 -31.69 32.11
N GLN K 420 32.00 -31.64 33.41
CA GLN K 420 31.42 -30.46 34.02
C GLN K 420 32.34 -29.24 33.83
N ARG K 421 33.65 -29.44 33.86
CA ARG K 421 34.58 -28.33 33.70
C ARG K 421 34.48 -27.82 32.27
N GLU K 422 34.24 -28.72 31.32
CA GLU K 422 34.08 -28.32 29.92
C GLU K 422 32.79 -27.50 29.75
N TRP K 423 31.65 -28.05 30.15
CA TRP K 423 30.38 -27.33 30.03
C TRP K 423 30.37 -26.01 30.79
N TYR K 424 30.88 -25.95 32.02
CA TYR K 424 30.93 -24.73 32.81
C TYR K 424 31.75 -23.64 32.10
N THR K 425 32.78 -24.00 31.35
CA THR K 425 33.51 -22.99 30.58
C THR K 425 32.77 -22.60 29.31
N ARG K 426 32.19 -23.55 28.59
CA ARG K 426 31.44 -23.19 27.39
C ARG K 426 30.20 -22.38 27.72
N ILE K 427 29.55 -22.66 28.85
CA ILE K 427 28.36 -21.89 29.25
C ILE K 427 28.75 -20.44 29.50
N LEU K 428 29.87 -20.21 30.16
CA LEU K 428 30.32 -18.85 30.44
C LEU K 428 30.62 -18.11 29.15
N MET K 429 31.30 -18.78 28.22
CA MET K 429 31.57 -18.18 26.91
C MET K 429 30.27 -17.97 26.18
N LYS K 430 29.22 -18.75 26.49
CA LYS K 430 27.91 -18.67 25.81
C LYS K 430 28.00 -19.26 24.43
N ASP K 431 28.82 -20.29 24.27
CA ASP K 431 28.94 -20.97 22.99
C ASP K 431 28.50 -22.41 23.26
N ILE K 432 27.34 -22.59 23.90
CA ILE K 432 26.89 -23.94 24.24
C ILE K 432 26.63 -24.67 22.93
N ASP K 433 26.05 -23.98 21.95
CA ASP K 433 25.68 -24.61 20.68
C ASP K 433 24.52 -25.57 20.99
N ILE K 434 24.64 -26.90 20.84
CA ILE K 434 23.54 -27.86 21.06
C ILE K 434 22.24 -27.66 20.26
N LEU K 435 22.02 -28.46 19.22
CA LEU K 435 20.74 -28.43 18.49
C LEU K 435 20.56 -29.87 18.04
N ASN K 436 19.44 -30.50 18.40
CA ASN K 436 19.25 -31.91 18.08
C ASN K 436 18.83 -32.03 16.63
N SER K 437 18.09 -31.05 16.11
CA SER K 437 17.71 -31.03 14.70
C SER K 437 18.79 -30.42 13.80
N ALA K 438 19.96 -31.08 13.71
CA ALA K 438 21.05 -30.61 12.85
C ALA K 438 21.34 -29.10 12.98
N GLY K 439 21.30 -28.32 11.89
CA GLY K 439 21.63 -26.91 11.96
C GLY K 439 22.98 -26.63 12.54
N LYS K 440 23.99 -27.50 12.31
CA LYS K 440 25.33 -27.34 12.89
C LYS K 440 25.32 -26.97 14.36
N MET K 441 24.43 -27.57 15.15
CA MET K 441 24.30 -27.29 16.60
C MET K 441 23.73 -25.90 16.98
N ASP K 442 23.52 -24.99 16.00
CA ASP K 442 22.94 -23.68 16.23
C ASP K 442 23.49 -22.98 17.50
N LYS K 443 22.65 -22.44 18.38
CA LYS K 443 23.11 -21.84 19.63
C LYS K 443 21.99 -22.07 20.61
N MET K 444 22.31 -22.25 21.89
CA MET K 444 21.29 -22.39 22.91
C MET K 444 21.20 -20.98 23.46
N ARG K 445 20.01 -20.50 23.79
CA ARG K 445 19.85 -19.16 24.37
C ARG K 445 20.16 -19.09 25.86
N LEU K 446 20.85 -18.03 26.31
CA LEU K 446 21.20 -17.87 27.73
C LEU K 446 20.89 -16.46 28.32
N LEU K 447 19.63 -16.12 28.52
CA LEU K 447 19.30 -14.81 29.07
C LEU K 447 19.61 -14.79 30.58
N ASN K 448 19.54 -15.93 31.26
CA ASN K 448 19.90 -16.09 32.66
C ASN K 448 21.03 -17.12 32.73
N ILE K 449 22.29 -16.72 32.92
CA ILE K 449 23.40 -17.69 32.92
C ILE K 449 23.51 -18.35 34.28
N LEU K 450 23.16 -17.65 35.37
CA LEU K 450 23.34 -18.23 36.70
C LEU K 450 22.61 -19.55 36.87
N MET K 451 21.37 -19.67 36.38
CA MET K 451 20.65 -20.94 36.46
C MET K 451 21.32 -22.05 35.66
N GLN K 452 21.93 -21.75 34.50
CA GLN K 452 22.66 -22.74 33.71
C GLN K 452 23.89 -23.25 34.46
N LEU K 453 24.64 -22.35 35.09
CA LEU K 453 25.80 -22.73 35.91
C LEU K 453 25.36 -23.61 37.09
N ARG K 454 24.25 -23.27 37.75
CA ARG K 454 23.70 -24.06 38.86
C ARG K 454 23.28 -25.48 38.45
N LYS K 455 22.65 -25.60 37.28
CA LYS K 455 22.28 -26.89 36.74
C LYS K 455 23.48 -27.74 36.57
N CYS K 456 24.50 -27.18 35.93
CA CYS K 456 25.71 -27.94 35.61
C CYS K 456 26.36 -28.52 36.82
N CYS K 457 26.41 -27.78 37.90
CA CYS K 457 27.05 -28.27 39.06
C CYS K 457 26.38 -29.53 39.55
N ASN K 458 25.07 -29.57 39.52
CA ASN K 458 24.35 -30.76 39.94
C ASN K 458 24.57 -31.97 39.04
N HIS K 459 24.39 -31.83 37.72
CA HIS K 459 24.68 -32.93 36.80
C HIS K 459 24.80 -32.42 35.38
N PRO K 460 25.69 -32.98 34.57
CA PRO K 460 25.73 -32.57 33.17
C PRO K 460 24.59 -33.06 32.34
N TYR K 461 23.96 -34.18 32.68
CA TYR K 461 22.94 -34.72 31.80
C TYR K 461 21.66 -33.88 31.78
N LEU K 462 21.51 -32.95 32.73
CA LEU K 462 20.33 -32.10 32.72
C LEU K 462 20.26 -31.41 31.38
N PHE K 463 21.42 -31.09 30.79
CA PHE K 463 21.48 -30.42 29.48
C PHE K 463 21.11 -31.36 28.35
N ASP K 464 20.66 -30.80 27.23
CA ASP K 464 20.26 -31.60 26.07
C ASP K 464 21.45 -32.18 25.32
N GLY K 465 21.31 -33.39 24.80
CA GLY K 465 22.38 -34.02 24.03
C GLY K 465 23.66 -34.28 24.79
N ALA K 466 23.66 -34.11 26.10
CA ALA K 466 24.87 -34.27 26.89
C ALA K 466 25.18 -35.73 27.27
N GLU K 467 24.16 -36.55 27.51
CA GLU K 467 24.40 -37.95 27.83
C GLU K 467 25.08 -38.58 26.65
N PRO K 468 26.16 -39.33 26.90
CA PRO K 468 26.74 -40.04 25.76
C PRO K 468 25.90 -41.18 25.23
N GLY K 469 25.60 -41.19 23.93
CA GLY K 469 24.92 -42.32 23.33
C GLY K 469 23.42 -42.21 23.41
N PRO K 470 22.72 -41.86 22.29
CA PRO K 470 21.24 -41.88 22.34
C PRO K 470 20.58 -43.12 22.92
N PRO K 471 21.19 -44.33 22.79
CA PRO K 471 20.53 -45.45 23.47
C PRO K 471 20.40 -45.25 24.98
N TYR K 472 21.34 -44.53 25.61
CA TYR K 472 21.31 -44.18 27.05
C TYR K 472 22.18 -45.08 27.86
N THR K 473 21.91 -46.38 27.87
CA THR K 473 22.78 -47.36 28.54
C THR K 473 22.90 -47.38 30.06
N THR K 474 22.86 -46.24 30.74
CA THR K 474 23.02 -46.17 32.18
C THR K 474 24.41 -46.70 32.54
N ASP K 475 24.59 -47.33 33.71
CA ASP K 475 25.89 -47.82 34.17
C ASP K 475 26.72 -46.71 34.77
N MET K 476 27.91 -47.04 35.28
CA MET K 476 28.73 -46.06 35.95
C MET K 476 29.20 -44.89 35.09
N HIS K 477 28.99 -44.90 33.79
CA HIS K 477 29.37 -43.73 33.00
C HIS K 477 28.64 -42.50 33.52
N LEU K 478 27.39 -42.67 33.93
CA LEU K 478 26.61 -41.57 34.48
C LEU K 478 27.26 -41.13 35.77
N VAL K 479 27.59 -42.09 36.63
CA VAL K 479 28.14 -41.74 37.93
C VAL K 479 29.46 -41.02 37.80
N THR K 480 30.23 -41.35 36.78
CA THR K 480 31.56 -40.77 36.68
C THR K 480 31.56 -39.36 36.18
N ASN K 481 30.44 -38.88 35.65
CA ASN K 481 30.38 -37.53 35.10
C ASN K 481 29.82 -36.43 36.03
N SER K 482 29.64 -36.69 37.33
CA SER K 482 29.16 -35.66 38.24
C SER K 482 29.93 -35.70 39.53
N GLY K 483 30.67 -34.64 39.86
CA GLY K 483 31.49 -34.69 41.07
C GLY K 483 30.71 -34.96 42.36
N LYS K 484 29.48 -34.46 42.45
CA LYS K 484 28.55 -34.80 43.55
C LYS K 484 28.23 -36.30 43.56
N MET K 485 27.92 -36.90 42.43
CA MET K 485 27.53 -38.33 42.43
C MET K 485 28.73 -39.22 42.79
N VAL K 486 29.92 -38.91 42.29
CA VAL K 486 31.11 -39.66 42.72
C VAL K 486 31.16 -39.79 44.24
N VAL K 487 30.95 -38.69 44.98
CA VAL K 487 30.94 -38.70 46.44
C VAL K 487 29.72 -39.44 47.01
N LEU K 488 28.57 -39.39 46.34
CA LEU K 488 27.31 -39.97 46.85
C LEU K 488 27.35 -41.49 47.06
N ASP K 489 28.29 -42.23 46.47
CA ASP K 489 28.53 -43.63 46.85
C ASP K 489 28.89 -43.84 48.34
N LYS K 490 29.12 -42.78 49.12
CA LYS K 490 29.08 -42.81 50.59
C LYS K 490 27.77 -43.40 51.17
N LEU K 491 26.69 -43.47 50.39
CA LEU K 491 25.50 -44.24 50.74
C LEU K 491 25.80 -45.72 51.03
N LEU K 492 26.80 -46.35 50.41
CA LEU K 492 27.11 -47.76 50.65
C LEU K 492 27.69 -48.00 52.06
N PRO K 493 28.70 -47.23 52.53
CA PRO K 493 29.09 -47.15 53.94
C PRO K 493 27.91 -46.96 54.90
N LYS K 494 27.01 -46.04 54.60
CA LYS K 494 25.93 -45.76 55.54
C LYS K 494 25.03 -46.97 55.72
N LEU K 495 24.66 -47.60 54.61
CA LEU K 495 23.72 -48.72 54.70
C LEU K 495 24.35 -49.83 55.52
N LYS K 496 25.62 -50.12 55.28
CA LYS K 496 26.32 -51.13 56.08
C LYS K 496 26.49 -50.68 57.52
N GLU K 497 26.67 -49.37 57.77
CA GLU K 497 26.84 -48.81 59.12
C GLU K 497 25.49 -48.74 59.80
N GLN K 498 24.99 -49.87 60.31
CA GLN K 498 23.67 -49.92 60.95
C GLN K 498 22.57 -49.37 60.02
N GLY K 499 21.36 -49.09 60.53
CA GLY K 499 20.33 -48.46 59.73
C GLY K 499 20.49 -46.96 59.85
N SER K 500 21.48 -46.35 59.17
CA SER K 500 21.58 -44.90 59.17
C SER K 500 20.69 -44.50 58.01
N ARG K 501 19.37 -44.60 58.19
CA ARG K 501 18.45 -44.37 57.08
C ARG K 501 18.54 -42.92 56.72
N VAL K 502 18.46 -42.60 55.44
CA VAL K 502 18.68 -41.23 54.99
C VAL K 502 17.63 -40.44 54.22
N LEU K 503 17.51 -39.13 54.43
CA LEU K 503 16.68 -38.23 53.63
C LEU K 503 17.55 -37.42 52.66
N ILE K 504 17.19 -37.34 51.39
CA ILE K 504 17.90 -36.52 50.39
C ILE K 504 16.99 -35.41 49.89
N PHE K 505 17.43 -34.16 50.04
CA PHE K 505 16.69 -32.98 49.61
C PHE K 505 17.32 -32.34 48.38
N SER K 506 16.47 -31.93 47.43
CA SER K 506 16.87 -31.25 46.22
C SER K 506 15.89 -30.15 45.83
N GLN K 507 16.32 -29.17 45.07
CA GLN K 507 15.51 -28.05 44.58
C GLN K 507 15.03 -28.23 43.14
N MET K 508 15.58 -29.20 42.41
CA MET K 508 15.26 -29.47 41.01
C MET K 508 14.59 -30.84 40.86
N THR K 509 13.46 -30.88 40.20
CA THR K 509 12.68 -32.10 40.00
C THR K 509 13.45 -33.15 39.19
N ARG K 510 14.18 -32.75 38.15
CA ARG K 510 14.99 -33.68 37.33
C ARG K 510 16.08 -34.40 38.13
N VAL K 511 16.67 -33.76 39.13
CA VAL K 511 17.71 -34.37 39.95
C VAL K 511 17.14 -35.55 40.71
N LEU K 512 15.93 -35.48 41.25
CA LEU K 512 15.30 -36.65 41.85
C LEU K 512 15.12 -37.78 40.83
N ASP K 513 14.95 -37.45 39.54
CA ASP K 513 14.87 -38.45 38.48
C ASP K 513 16.15 -39.24 38.36
N ILE K 514 17.28 -38.54 38.32
CA ILE K 514 18.58 -39.19 38.12
C ILE K 514 18.95 -39.91 39.37
N LEU K 515 18.69 -39.36 40.54
CA LEU K 515 18.89 -40.10 41.79
C LEU K 515 18.01 -41.35 41.90
N GLU K 516 16.78 -41.30 41.39
CA GLU K 516 15.89 -42.45 41.39
C GLU K 516 16.39 -43.55 40.44
N ASP K 517 16.91 -43.16 39.26
CA ASP K 517 17.51 -44.15 38.35
C ASP K 517 18.77 -44.75 38.97
N TYR K 518 19.58 -43.97 39.65
CA TYR K 518 20.72 -44.51 40.41
C TYR K 518 20.27 -45.51 41.50
N CYS K 519 19.25 -45.21 42.29
CA CYS K 519 18.78 -46.12 43.33
C CYS K 519 18.15 -47.39 42.75
N MET K 520 17.36 -47.27 41.68
CA MET K 520 16.83 -48.42 40.96
C MET K 520 17.95 -49.29 40.38
N TRP K 521 18.97 -48.70 39.76
CA TRP K 521 20.11 -49.44 39.24
C TRP K 521 20.96 -50.09 40.35
N ARG K 522 21.11 -49.45 41.52
CA ARG K 522 21.70 -50.07 42.73
C ARG K 522 20.82 -51.15 43.38
N ASN K 523 19.55 -51.27 43.02
CA ASN K 523 18.55 -52.09 43.72
C ASN K 523 18.35 -51.70 45.21
N TYR K 524 18.37 -50.39 45.50
CA TYR K 524 18.09 -49.91 46.88
C TYR K 524 16.60 -49.90 47.17
N GLU K 525 16.22 -49.83 48.45
CA GLU K 525 14.81 -49.72 48.84
C GLU K 525 14.61 -48.23 49.12
N TYR K 526 13.58 -47.60 48.55
CA TYR K 526 13.43 -46.14 48.69
C TYR K 526 11.97 -45.66 48.61
N CYS K 527 11.74 -44.42 49.04
CA CYS K 527 10.50 -43.66 48.87
C CYS K 527 10.77 -42.32 48.18
N ARG K 528 9.75 -41.72 47.55
CA ARG K 528 9.91 -40.38 46.96
C ARG K 528 8.64 -39.53 47.10
N LEU K 529 8.78 -38.27 47.54
CA LEU K 529 7.65 -37.35 47.65
C LEU K 529 8.02 -36.14 46.81
N ASP K 530 7.05 -35.48 46.17
CA ASP K 530 7.36 -34.38 45.26
C ASP K 530 6.10 -33.55 45.13
N GLY K 531 6.13 -32.44 44.44
CA GLY K 531 4.93 -31.67 44.21
C GLY K 531 3.95 -32.27 43.23
N GLN K 532 4.37 -33.19 42.38
CA GLN K 532 3.43 -33.89 41.49
C GLN K 532 2.53 -34.92 42.18
N THR K 533 2.97 -35.45 43.33
CA THR K 533 2.27 -36.55 44.01
C THR K 533 0.84 -36.29 44.42
N PRO K 534 -0.07 -37.27 44.25
CA PRO K 534 -1.43 -37.06 44.75
C PRO K 534 -1.53 -37.11 46.25
N HIS K 535 -2.57 -36.56 46.84
CA HIS K 535 -2.69 -36.46 48.29
C HIS K 535 -2.70 -37.76 49.04
N ASP K 536 -3.44 -38.73 48.54
CA ASP K 536 -3.56 -39.99 49.24
C ASP K 536 -2.25 -40.68 49.31
N GLU K 537 -1.52 -40.64 48.21
CA GLU K 537 -0.25 -41.31 48.15
C GLU K 537 0.73 -40.73 49.13
N ARG K 538 0.70 -39.43 49.33
CA ARG K 538 1.71 -38.81 50.15
C ARG K 538 1.73 -39.35 51.54
N GLN K 539 0.60 -39.55 52.16
CA GLN K 539 0.62 -39.97 53.55
C GLN K 539 0.94 -41.43 53.65
N ASP K 540 0.62 -42.20 52.62
CA ASP K 540 0.95 -43.61 52.62
C ASP K 540 2.43 -43.78 52.61
N SER K 541 3.12 -42.98 51.81
CA SER K 541 4.56 -43.05 51.77
C SER K 541 5.15 -42.71 53.10
N ILE K 542 4.66 -41.68 53.75
CA ILE K 542 5.25 -41.27 55.00
C ILE K 542 5.06 -42.38 56.00
N ASN K 543 3.88 -42.98 56.00
CA ASN K 543 3.59 -44.06 56.93
C ASN K 543 4.45 -45.27 56.70
N ALA K 544 4.66 -45.63 55.46
CA ALA K 544 5.43 -46.82 55.13
C ALA K 544 6.85 -46.64 55.51
N TYR K 545 7.38 -45.46 55.29
CA TYR K 545 8.76 -45.21 55.72
C TYR K 545 8.90 -45.18 57.25
N ASN K 546 7.90 -44.71 58.00
CA ASN K 546 8.04 -44.58 59.45
C ASN K 546 7.74 -45.85 60.28
N GLU K 547 7.18 -46.89 59.67
CA GLU K 547 6.77 -48.08 60.44
C GLU K 547 7.92 -48.64 61.29
N PRO K 548 7.68 -49.22 62.49
CA PRO K 548 8.72 -49.81 63.33
C PRO K 548 9.58 -50.91 62.68
N ASN K 549 9.04 -51.63 61.70
CA ASN K 549 9.71 -52.72 60.97
C ASN K 549 9.99 -52.38 59.49
N SER K 550 9.95 -51.09 59.13
CA SER K 550 10.13 -50.63 57.74
C SER K 550 11.56 -50.85 57.23
N THR K 551 11.69 -51.19 55.94
CA THR K 551 12.94 -51.59 55.29
C THR K 551 13.49 -50.57 54.28
N LYS K 552 12.75 -49.49 54.01
CA LYS K 552 13.15 -48.44 53.06
C LYS K 552 14.38 -47.69 53.58
N PHE K 553 15.46 -47.58 52.80
CA PHE K 553 16.67 -46.90 53.26
C PHE K 553 16.67 -45.41 52.93
N VAL K 554 16.37 -45.04 51.69
CA VAL K 554 16.41 -43.65 51.21
C VAL K 554 15.00 -43.06 51.10
N PHE K 555 14.78 -41.84 51.57
CA PHE K 555 13.62 -41.02 51.16
C PHE K 555 14.12 -39.83 50.35
N MET K 556 13.65 -39.68 49.12
CA MET K 556 13.90 -38.52 48.28
C MET K 556 12.76 -37.53 48.48
N LEU K 557 13.08 -36.28 48.83
CA LEU K 557 12.09 -35.25 49.07
C LEU K 557 12.44 -34.02 48.22
N SER K 558 11.50 -33.49 47.44
CA SER K 558 11.67 -32.15 46.87
C SER K 558 11.61 -31.11 48.00
N THR K 559 12.39 -30.04 47.92
CA THR K 559 12.59 -29.17 49.10
C THR K 559 11.39 -28.27 49.41
N ARG K 560 10.62 -27.89 48.39
CA ARG K 560 9.43 -27.06 48.59
C ARG K 560 8.27 -27.86 49.19
N ALA K 561 7.84 -28.93 48.51
CA ALA K 561 6.70 -29.73 48.98
C ALA K 561 7.06 -30.60 50.19
N GLY K 562 8.19 -31.31 50.15
CA GLY K 562 8.59 -32.22 51.23
C GLY K 562 9.27 -31.55 52.43
N GLY K 563 9.72 -30.31 52.31
CA GLY K 563 10.46 -29.68 53.38
C GLY K 563 9.69 -29.08 54.53
N LEU K 564 8.35 -29.14 54.51
CA LEU K 564 7.53 -28.47 55.53
C LEU K 564 6.49 -29.33 56.20
N GLY K 565 6.43 -29.32 57.53
CA GLY K 565 5.43 -30.06 58.29
C GLY K 565 5.52 -31.54 58.49
N ILE K 566 5.81 -32.29 57.45
CA ILE K 566 5.79 -33.75 57.56
C ILE K 566 6.79 -34.14 58.65
N ASN K 567 6.55 -35.22 59.39
CA ASN K 567 7.46 -35.60 60.46
C ASN K 567 8.04 -36.95 60.09
N LEU K 568 9.36 -37.11 60.20
CA LEU K 568 10.02 -38.34 59.80
C LEU K 568 11.14 -38.57 60.81
N ALA K 569 10.79 -38.89 62.05
CA ALA K 569 11.79 -39.07 63.10
C ALA K 569 12.68 -40.28 62.92
N THR K 570 12.25 -41.25 62.13
CA THR K 570 13.01 -42.47 61.95
C THR K 570 14.41 -42.30 61.35
N ALA K 571 14.61 -41.39 60.40
CA ALA K 571 15.93 -41.29 59.74
C ALA K 571 16.99 -40.57 60.56
N ASP K 572 18.26 -40.99 60.48
CA ASP K 572 19.33 -40.43 61.29
C ASP K 572 20.09 -39.43 60.46
N VAL K 573 20.01 -39.54 59.12
CA VAL K 573 20.83 -38.68 58.27
C VAL K 573 20.09 -37.79 57.29
N VAL K 574 20.62 -36.61 57.00
CA VAL K 574 20.08 -35.66 56.02
C VAL K 574 21.19 -35.29 55.05
N ILE K 575 20.89 -35.31 53.75
CA ILE K 575 21.75 -34.84 52.68
C ILE K 575 21.07 -33.68 51.98
N LEU K 576 21.74 -32.54 51.89
CA LEU K 576 21.33 -31.41 51.07
C LEU K 576 22.19 -31.43 49.80
N TYR K 577 21.71 -31.97 48.69
CA TYR K 577 22.46 -32.04 47.41
C TYR K 577 22.61 -30.62 46.91
N ASP K 578 21.51 -29.82 46.93
CA ASP K 578 21.51 -28.41 46.48
C ASP K 578 21.64 -27.43 47.67
N SER K 579 21.77 -26.12 47.42
CA SER K 579 21.82 -25.08 48.48
C SER K 579 20.87 -23.95 48.06
N ASP K 580 20.00 -23.42 48.96
CA ASP K 580 18.98 -22.44 48.57
C ASP K 580 19.40 -20.99 48.88
N TRP K 581 18.92 -20.01 48.15
CA TRP K 581 19.22 -18.64 48.49
C TRP K 581 18.67 -18.28 49.86
N ASN K 582 17.56 -18.88 50.29
CA ASN K 582 16.92 -18.57 51.57
C ASN K 582 17.46 -19.54 52.60
N PRO K 583 18.16 -19.03 53.64
CA PRO K 583 18.67 -20.00 54.58
C PRO K 583 17.61 -20.75 55.29
N GLN K 584 16.47 -20.12 55.59
CA GLN K 584 15.43 -20.74 56.42
C GLN K 584 14.76 -21.95 55.80
N VAL K 585 14.72 -22.03 54.47
CA VAL K 585 14.13 -23.17 53.81
C VAL K 585 14.90 -24.40 54.17
N ASP K 586 16.21 -24.32 54.16
CA ASP K 586 17.05 -25.46 54.48
C ASP K 586 16.92 -25.91 55.89
N LEU K 587 16.83 -24.95 56.81
CA LEU K 587 16.74 -25.28 58.21
C LEU K 587 15.55 -26.15 58.49
N GLN K 588 14.39 -25.79 57.96
CA GLN K 588 13.21 -26.59 58.12
C GLN K 588 13.42 -27.99 57.61
N ALA K 589 14.04 -28.17 56.47
CA ALA K 589 14.20 -29.51 55.92
C ALA K 589 15.00 -30.40 56.83
N MET K 590 16.03 -29.86 57.44
CA MET K 590 16.84 -30.61 58.37
C MET K 590 15.99 -31.05 59.53
N ASP K 591 15.06 -30.22 59.97
CA ASP K 591 14.27 -30.53 61.15
C ASP K 591 13.17 -31.53 60.92
N ARG K 592 12.96 -31.99 59.68
CA ARG K 592 12.04 -33.10 59.49
C ARG K 592 12.42 -34.27 60.30
N ALA K 593 13.68 -34.44 60.55
CA ALA K 593 14.19 -35.53 61.41
C ALA K 593 14.49 -35.16 62.86
N HIS K 594 14.95 -33.96 63.15
CA HIS K 594 15.37 -33.62 64.50
C HIS K 594 14.14 -33.11 65.19
N ARG K 595 13.43 -34.03 65.86
CA ARG K 595 12.19 -33.69 66.52
C ARG K 595 11.90 -34.65 67.64
N ILE K 596 10.95 -34.28 68.50
CA ILE K 596 10.62 -35.10 69.63
C ILE K 596 10.43 -36.48 69.11
N GLY K 597 10.93 -37.47 69.83
CA GLY K 597 10.88 -38.86 69.38
C GLY K 597 12.09 -39.30 68.57
N GLN K 598 13.07 -38.42 68.37
CA GLN K 598 14.31 -38.80 67.67
C GLN K 598 15.24 -39.35 68.76
N THR K 599 15.60 -40.63 68.68
CA THR K 599 16.44 -41.25 69.72
C THR K 599 17.95 -41.03 69.55
N LYS K 600 18.41 -40.54 68.41
CA LYS K 600 19.82 -40.56 67.97
C LYS K 600 20.30 -39.26 67.31
N THR K 601 21.60 -38.99 67.38
CA THR K 601 22.24 -37.80 66.77
C THR K 601 22.02 -37.75 65.26
N VAL K 602 21.56 -36.61 64.75
CA VAL K 602 21.25 -36.42 63.32
C VAL K 602 22.41 -35.72 62.62
N ARG K 603 22.93 -36.38 61.57
CA ARG K 603 24.03 -35.85 60.80
C ARG K 603 23.50 -35.16 59.56
N VAL K 604 23.99 -33.97 59.25
CA VAL K 604 23.60 -33.17 58.10
C VAL K 604 24.82 -33.00 57.19
N PHE K 605 24.75 -33.48 55.95
CA PHE K 605 25.81 -33.33 54.95
C PHE K 605 25.37 -32.37 53.85
N ARG K 606 26.12 -31.29 53.59
CA ARG K 606 25.80 -30.35 52.49
C ARG K 606 26.86 -30.39 51.41
N PHE K 607 26.48 -30.71 50.17
CA PHE K 607 27.43 -30.73 49.05
C PHE K 607 27.67 -29.33 48.47
N ILE K 608 28.94 -28.95 48.23
CA ILE K 608 29.27 -27.67 47.61
C ILE K 608 30.34 -27.91 46.52
N THR K 609 30.09 -27.59 45.26
CA THR K 609 31.15 -27.56 44.23
C THR K 609 32.08 -26.36 44.48
N ASP K 610 33.38 -26.60 44.45
CA ASP K 610 34.33 -25.73 45.18
C ASP K 610 34.54 -24.36 44.50
N ASN K 611 34.87 -24.34 43.21
CA ASN K 611 35.23 -23.07 42.52
C ASN K 611 34.14 -22.68 41.57
N THR K 612 32.94 -22.48 42.09
CA THR K 612 31.79 -22.18 41.25
C THR K 612 30.81 -21.21 41.92
N VAL K 613 29.72 -20.83 41.23
CA VAL K 613 28.65 -20.01 41.82
C VAL K 613 28.01 -20.64 43.08
N GLU K 614 28.12 -21.95 43.32
CA GLU K 614 27.60 -22.54 44.57
C GLU K 614 28.29 -21.98 45.83
N GLU K 615 29.54 -21.52 45.75
CA GLU K 615 30.18 -20.76 46.84
C GLU K 615 29.40 -19.48 47.12
N ARG K 616 29.08 -18.70 46.11
CA ARG K 616 28.43 -17.44 46.36
C ARG K 616 27.04 -17.64 46.95
N ILE K 617 26.34 -18.69 46.50
CA ILE K 617 24.99 -18.94 47.02
C ILE K 617 25.06 -19.27 48.52
N VAL K 618 26.02 -20.10 48.93
CA VAL K 618 26.16 -20.46 50.34
C VAL K 618 26.59 -19.24 51.17
N GLU K 619 27.51 -18.43 50.67
CA GLU K 619 27.88 -17.16 51.33
C GLU K 619 26.69 -16.20 51.50
N ARG K 620 25.88 -15.99 50.50
CA ARG K 620 24.75 -15.10 50.72
C ARG K 620 23.74 -15.72 51.72
N ALA K 621 23.46 -17.01 51.64
CA ALA K 621 22.53 -17.57 52.61
C ALA K 621 23.05 -17.34 54.03
N GLU K 622 24.36 -17.50 54.24
CA GLU K 622 24.93 -17.22 55.56
C GLU K 622 24.87 -15.73 55.94
N MET K 623 25.06 -14.80 55.01
CA MET K 623 24.85 -13.37 55.26
C MET K 623 23.44 -13.08 55.78
N LYS K 624 22.44 -13.84 55.33
CA LYS K 624 21.08 -13.64 55.80
C LYS K 624 20.87 -14.24 57.20
N LEU K 625 21.55 -15.33 57.52
CA LEU K 625 21.42 -15.86 58.89
C LEU K 625 21.83 -14.84 59.94
N ARG K 626 22.89 -14.07 59.66
CA ARG K 626 23.43 -13.15 60.68
C ARG K 626 22.38 -12.21 61.26
N LEU K 627 21.54 -11.59 60.43
CA LEU K 627 20.53 -10.65 60.88
C LEU K 627 19.42 -11.35 61.69
N ASP K 628 19.11 -12.63 61.38
CA ASP K 628 18.12 -13.38 62.19
C ASP K 628 18.75 -13.77 63.51
N SER K 629 19.90 -14.46 63.50
CA SER K 629 20.60 -14.90 64.71
C SER K 629 19.89 -15.96 65.56
N ILE K 630 18.76 -16.52 65.08
CA ILE K 630 18.03 -17.55 65.82
C ILE K 630 17.78 -17.08 67.25
N VAL K 631 17.11 -15.93 67.38
CA VAL K 631 16.82 -15.37 68.71
C VAL K 631 16.02 -16.37 69.55
N ILE K 632 16.47 -16.69 70.78
CA ILE K 632 15.69 -17.59 71.64
C ILE K 632 14.34 -17.02 72.08
N GLN K 633 14.27 -15.73 72.43
CA GLN K 633 13.02 -15.07 72.85
C GLN K 633 12.40 -15.73 74.09
N GLN K 634 11.24 -15.26 74.52
CA GLN K 634 10.59 -15.79 75.71
C GLN K 634 10.60 -17.31 75.73
N TYR L 174 4.85 24.84 -83.54
CA TYR L 174 4.64 23.56 -82.83
C TYR L 174 3.26 23.42 -82.17
N VAL L 175 2.78 24.39 -81.38
CA VAL L 175 1.43 24.35 -80.76
C VAL L 175 0.35 24.19 -81.82
N LYS L 176 -0.56 23.20 -81.67
CA LYS L 176 -1.47 22.78 -82.76
C LYS L 176 -2.88 23.34 -82.67
N TRP L 177 -3.61 22.97 -81.60
CA TRP L 177 -5.08 23.22 -81.52
C TRP L 177 -5.65 24.61 -81.68
N GLY L 178 -4.91 25.60 -81.24
CA GLY L 178 -5.35 26.99 -81.30
C GLY L 178 -4.20 27.98 -81.09
N LYS L 179 -4.45 29.28 -81.20
CA LYS L 179 -3.38 30.27 -81.10
C LYS L 179 -3.35 30.92 -79.72
N LEU L 180 -2.16 31.11 -79.15
CA LEU L 180 -2.03 31.76 -77.85
C LEU L 180 -2.38 33.23 -78.03
N ARG L 181 -2.84 33.91 -76.98
CA ARG L 181 -3.09 35.34 -77.09
C ARG L 181 -1.82 36.15 -76.90
N ASP L 182 -1.79 37.41 -77.30
CA ASP L 182 -0.54 38.19 -77.26
C ASP L 182 0.15 38.18 -75.88
N TYR L 183 -0.61 38.31 -74.80
CA TYR L 183 -0.05 38.21 -73.46
C TYR L 183 0.48 36.80 -73.13
N GLN L 184 -0.07 35.76 -73.74
CA GLN L 184 0.47 34.43 -73.52
C GLN L 184 1.80 34.33 -74.30
N VAL L 185 1.86 34.87 -75.51
CA VAL L 185 3.13 34.95 -76.28
C VAL L 185 4.21 35.69 -75.49
N ARG L 186 3.88 36.86 -74.95
CA ARG L 186 4.85 37.61 -74.14
C ARG L 186 5.26 36.85 -72.88
N GLY L 187 4.34 36.10 -72.29
CA GLY L 187 4.66 35.30 -71.11
C GLY L 187 5.60 34.17 -71.47
N LEU L 188 5.37 33.50 -72.60
CA LEU L 188 6.30 32.46 -73.07
C LEU L 188 7.71 33.03 -73.28
N ASN L 189 7.83 34.16 -73.98
CA ASN L 189 9.13 34.79 -74.22
C ASN L 189 9.84 35.17 -72.91
N TRP L 190 9.05 35.55 -71.88
CA TRP L 190 9.63 35.85 -70.55
C TRP L 190 10.09 34.57 -69.84
N LEU L 191 9.34 33.50 -69.88
CA LEU L 191 9.79 32.21 -69.34
C LEU L 191 11.06 31.70 -70.04
N ILE L 192 11.14 31.81 -71.36
CA ILE L 192 12.35 31.47 -72.11
C ILE L 192 13.52 32.34 -71.66
N SER L 193 13.30 33.65 -71.48
CA SER L 193 14.34 34.54 -71.00
C SER L 193 14.82 34.19 -69.59
N LEU L 194 13.94 33.72 -68.70
CA LEU L 194 14.37 33.19 -67.41
C LEU L 194 15.30 31.98 -67.59
N TYR L 195 14.94 31.03 -68.45
CA TYR L 195 15.76 29.84 -68.71
C TYR L 195 17.15 30.21 -69.23
N GLU L 196 17.23 31.08 -70.23
CA GLU L 196 18.49 31.49 -70.83
C GLU L 196 19.35 32.34 -69.88
N ASN L 197 18.75 33.14 -69.00
CA ASN L 197 19.45 33.84 -67.91
C ASN L 197 19.82 32.91 -66.74
N GLY L 198 19.29 31.68 -66.70
CA GLY L 198 19.58 30.68 -65.66
C GLY L 198 18.88 30.95 -64.33
N ILE L 199 17.62 31.41 -64.36
CA ILE L 199 16.86 31.78 -63.14
C ILE L 199 15.54 31.03 -63.14
N ASN L 200 14.84 30.98 -62.01
CA ASN L 200 13.63 30.15 -61.89
C ASN L 200 12.32 30.95 -62.00
N GLY L 201 11.94 31.74 -61.00
CA GLY L 201 10.78 32.61 -61.11
C GLY L 201 9.33 32.19 -60.84
N ILE L 202 8.41 33.15 -60.85
CA ILE L 202 6.98 32.90 -60.57
C ILE L 202 6.09 33.50 -61.66
N LEU L 203 5.15 32.74 -62.22
CA LEU L 203 4.12 33.25 -63.13
C LEU L 203 2.80 33.34 -62.37
N ALA L 204 2.27 34.56 -62.23
CA ALA L 204 1.17 34.85 -61.32
C ALA L 204 0.12 35.80 -61.92
N ASP L 205 -0.20 35.62 -63.19
CA ASP L 205 -1.38 36.23 -63.81
C ASP L 205 -2.64 36.00 -62.96
N GLU L 206 -3.58 36.94 -63.01
CA GLU L 206 -4.88 36.80 -62.35
C GLU L 206 -5.59 35.51 -62.79
N MET L 207 -6.35 34.91 -61.89
CA MET L 207 -7.06 33.68 -62.20
C MET L 207 -7.89 33.78 -63.47
N GLY L 208 -8.06 32.67 -64.18
CA GLY L 208 -8.79 32.67 -65.43
C GLY L 208 -7.99 33.10 -66.65
N LEU L 209 -6.67 33.24 -66.54
CA LEU L 209 -5.85 33.75 -67.64
C LEU L 209 -4.98 32.72 -68.34
N GLY L 210 -5.37 31.46 -68.30
CA GLY L 210 -4.64 30.46 -69.04
C GLY L 210 -3.20 30.28 -68.69
N LYS L 211 -2.90 30.23 -67.41
CA LYS L 211 -1.55 29.94 -67.00
C LYS L 211 -1.23 28.56 -67.49
N THR L 212 -2.20 27.65 -67.51
CA THR L 212 -1.92 26.28 -67.88
C THR L 212 -1.33 26.17 -69.29
N LEU L 213 -1.77 26.97 -70.24
CA LEU L 213 -1.24 26.81 -71.58
C LEU L 213 0.14 27.43 -71.67
N GLN L 214 0.35 28.61 -71.09
CA GLN L 214 1.71 29.19 -71.05
C GLN L 214 2.75 28.16 -70.58
N THR L 215 2.40 27.32 -69.60
CA THR L 215 3.28 26.26 -69.10
C THR L 215 3.46 25.13 -70.10
N ILE L 216 2.38 24.64 -70.71
CA ILE L 216 2.46 23.55 -71.69
C ILE L 216 3.32 23.99 -72.90
N SER L 217 3.17 25.22 -73.36
CA SER L 217 3.98 25.75 -74.45
C SER L 217 5.47 25.83 -74.12
N LEU L 218 5.86 26.17 -72.88
CA LEU L 218 7.25 26.17 -72.45
C LEU L 218 7.89 24.79 -72.59
N LEU L 219 7.20 23.74 -72.19
CA LEU L 219 7.77 22.42 -72.26
C LEU L 219 7.94 22.02 -73.73
N GLY L 220 6.98 22.30 -74.60
CA GLY L 220 7.16 22.07 -76.04
C GLY L 220 8.43 22.72 -76.59
N TYR L 221 8.72 23.96 -76.18
CA TYR L 221 9.94 24.66 -76.59
C TYR L 221 11.22 23.95 -76.13
N MET L 222 11.22 23.49 -74.89
CA MET L 222 12.42 22.90 -74.33
C MET L 222 12.72 21.60 -74.97
N LYS L 223 11.80 21.05 -75.74
CA LYS L 223 12.06 19.81 -76.47
C LYS L 223 12.34 20.11 -77.92
N HIS L 224 11.49 20.85 -78.57
CA HIS L 224 11.65 21.12 -80.01
C HIS L 224 12.84 22.01 -80.37
N TYR L 225 13.29 22.90 -79.49
CA TYR L 225 14.32 23.88 -79.83
C TYR L 225 15.63 23.69 -79.06
N ARG L 226 15.54 23.23 -77.80
CA ARG L 226 16.74 22.94 -77.01
C ARG L 226 17.07 21.45 -77.02
N ASN L 227 16.22 20.61 -77.64
CA ASN L 227 16.47 19.17 -77.72
C ASN L 227 16.62 18.54 -76.33
N ILE L 228 15.70 18.83 -75.42
CA ILE L 228 15.75 18.31 -74.06
C ILE L 228 14.47 17.52 -73.93
N PRO L 229 14.49 16.20 -74.13
CA PRO L 229 13.28 15.42 -73.91
C PRO L 229 13.30 14.85 -72.52
N GLY L 230 14.18 15.34 -71.66
CA GLY L 230 14.36 14.76 -70.34
C GLY L 230 13.20 14.86 -69.42
N PRO L 231 13.23 14.11 -68.29
CA PRO L 231 12.04 14.09 -67.45
C PRO L 231 11.62 15.42 -66.81
N HIS L 232 10.33 15.72 -66.80
CA HIS L 232 9.82 16.95 -66.20
C HIS L 232 8.70 16.53 -65.26
N MET L 233 8.44 17.28 -64.17
CA MET L 233 7.41 16.91 -63.18
C MET L 233 6.43 18.01 -62.98
N VAL L 234 5.16 17.70 -62.75
CA VAL L 234 4.18 18.70 -62.42
C VAL L 234 3.44 18.26 -61.16
N LEU L 235 3.32 19.09 -60.13
CA LEU L 235 2.53 18.82 -58.94
C LEU L 235 1.22 19.60 -58.97
N VAL L 236 0.09 18.95 -58.70
CA VAL L 236 -1.22 19.59 -58.78
C VAL L 236 -2.18 19.20 -57.66
N PRO L 237 -3.27 19.98 -57.48
CA PRO L 237 -4.27 19.51 -56.53
C PRO L 237 -5.01 18.34 -57.17
N LYS L 238 -5.57 17.42 -56.40
CA LYS L 238 -6.20 16.24 -56.94
C LYS L 238 -7.33 16.52 -57.86
N SER L 239 -7.99 17.65 -57.72
CA SER L 239 -9.18 17.87 -58.52
C SER L 239 -8.87 18.38 -59.87
N THR L 240 -7.61 18.64 -60.19
CA THR L 240 -7.24 19.18 -61.48
C THR L 240 -6.36 18.23 -62.28
N LEU L 241 -6.28 16.95 -61.91
CA LEU L 241 -5.35 16.07 -62.59
C LEU L 241 -5.85 15.67 -63.92
N HIS L 242 -7.15 15.72 -64.12
CA HIS L 242 -7.71 15.27 -65.37
C HIS L 242 -7.82 16.41 -66.35
N ASN L 243 -7.69 17.65 -65.87
CA ASN L 243 -7.71 18.79 -66.78
C ASN L 243 -6.36 18.91 -67.37
N TRP L 244 -5.32 18.91 -66.54
CA TRP L 244 -3.98 19.10 -67.04
C TRP L 244 -3.76 18.08 -68.11
N MET L 245 -4.13 16.82 -67.87
CA MET L 245 -3.84 15.77 -68.83
C MET L 245 -4.54 16.01 -70.13
N SER L 246 -5.76 16.45 -70.07
CA SER L 246 -6.49 16.73 -71.27
C SER L 246 -5.82 17.81 -72.06
N GLU L 247 -5.28 18.83 -71.41
CA GLU L 247 -4.71 19.97 -72.12
C GLU L 247 -3.43 19.54 -72.83
N PHE L 248 -2.58 18.78 -72.15
CA PHE L 248 -1.39 18.22 -72.82
C PHE L 248 -1.79 17.53 -74.12
N LYS L 249 -2.78 16.63 -74.06
CA LYS L 249 -3.26 15.89 -75.23
C LYS L 249 -3.76 16.82 -76.33
N ARG L 250 -4.39 17.94 -75.95
CA ARG L 250 -4.95 18.85 -76.94
C ARG L 250 -3.97 19.83 -77.60
N TRP L 251 -3.29 20.69 -76.85
CA TRP L 251 -2.45 21.72 -77.51
C TRP L 251 -1.14 21.17 -78.08
N VAL L 252 -0.37 20.36 -77.37
CA VAL L 252 0.98 19.94 -77.79
C VAL L 252 1.11 18.41 -77.71
N PRO L 253 0.62 17.67 -78.73
CA PRO L 253 0.58 16.20 -78.70
C PRO L 253 1.94 15.49 -78.78
N THR L 254 3.03 16.22 -79.06
CA THR L 254 4.39 15.69 -79.14
C THR L 254 5.07 15.47 -77.77
N LEU L 255 4.43 15.92 -76.70
CA LEU L 255 4.95 15.63 -75.39
C LEU L 255 4.34 14.30 -74.98
N ARG L 256 5.06 13.50 -74.22
CA ARG L 256 4.65 12.16 -73.76
C ARG L 256 4.35 12.23 -72.27
N SER L 257 3.20 12.74 -71.89
CA SER L 257 2.72 12.91 -70.52
C SER L 257 2.18 11.62 -69.91
N VAL L 258 2.53 11.34 -68.66
CA VAL L 258 2.03 10.21 -67.85
C VAL L 258 1.56 10.68 -66.48
N CYS L 259 0.57 9.96 -65.90
CA CYS L 259 -0.06 10.36 -64.62
C CYS L 259 -0.11 9.31 -63.50
N LEU L 260 0.42 9.60 -62.29
CA LEU L 260 0.42 8.66 -61.16
C LEU L 260 -0.76 8.94 -60.25
N ILE L 261 -1.58 7.94 -59.93
CA ILE L 261 -2.72 8.09 -59.01
C ILE L 261 -3.25 6.70 -58.74
N GLY L 262 -3.95 6.50 -57.61
CA GLY L 262 -4.61 5.22 -57.32
C GLY L 262 -4.21 4.46 -56.06
N ASP L 263 -4.74 3.25 -55.83
CA ASP L 263 -4.40 2.39 -54.69
C ASP L 263 -2.95 1.88 -54.73
N LYS L 264 -2.42 1.35 -53.62
CA LYS L 264 -1.04 0.83 -53.50
C LYS L 264 -0.64 -0.09 -54.64
N GLU L 265 -1.47 -1.07 -54.99
CA GLU L 265 -1.24 -1.97 -56.13
C GLU L 265 -1.13 -1.21 -57.46
N GLN L 266 -2.02 -0.25 -57.72
CA GLN L 266 -1.97 0.57 -58.93
C GLN L 266 -0.70 1.42 -59.00
N ARG L 267 -0.26 2.01 -57.88
CA ARG L 267 0.99 2.80 -57.84
C ARG L 267 2.22 1.91 -58.07
N ALA L 268 2.27 0.75 -57.43
CA ALA L 268 3.32 -0.23 -57.65
C ALA L 268 3.35 -0.70 -59.12
N ALA L 269 2.21 -1.05 -59.70
CA ALA L 269 2.10 -1.44 -61.10
C ALA L 269 2.57 -0.33 -62.05
N PHE L 270 2.09 0.92 -61.89
CA PHE L 270 2.51 2.05 -62.70
C PHE L 270 4.01 2.36 -62.55
N VAL L 271 4.55 2.37 -61.33
CA VAL L 271 5.98 2.58 -61.10
C VAL L 271 6.79 1.52 -61.86
N ARG L 272 6.46 0.26 -61.66
CA ARG L 272 7.14 -0.89 -62.27
C ARG L 272 7.03 -0.94 -63.80
N ASP L 273 5.83 -0.69 -64.33
CA ASP L 273 5.51 -1.00 -65.74
C ASP L 273 5.49 0.22 -66.67
N VAL L 274 5.61 1.43 -66.12
CA VAL L 274 5.46 2.67 -66.92
C VAL L 274 6.52 3.72 -66.57
N LEU L 275 6.62 4.08 -65.29
CA LEU L 275 7.57 5.11 -64.87
C LEU L 275 9.03 4.68 -65.08
N LEU L 276 9.47 3.61 -64.42
CA LEU L 276 10.87 3.21 -64.49
C LEU L 276 11.33 2.85 -65.90
N PRO L 277 10.42 2.32 -66.77
CA PRO L 277 10.86 2.11 -68.16
C PRO L 277 11.48 3.34 -68.84
N GLY L 278 11.03 4.54 -68.51
CA GLY L 278 11.62 5.75 -69.09
C GLY L 278 11.17 5.99 -70.51
N GLU L 279 9.89 5.75 -70.84
CA GLU L 279 9.33 6.01 -72.17
C GLU L 279 8.48 7.28 -72.22
N TRP L 280 8.70 8.24 -71.31
CA TRP L 280 7.83 9.41 -71.18
C TRP L 280 8.67 10.63 -70.92
N ASP L 281 8.14 11.83 -71.16
CA ASP L 281 8.85 13.07 -70.84
C ASP L 281 8.22 14.03 -69.83
N VAL L 282 6.93 13.92 -69.50
CA VAL L 282 6.32 14.74 -68.44
C VAL L 282 5.64 13.81 -67.48
N CYS L 283 5.77 14.00 -66.17
CA CYS L 283 5.06 13.20 -65.18
C CYS L 283 4.16 14.10 -64.34
N VAL L 284 2.88 13.80 -64.27
CA VAL L 284 1.87 14.59 -63.55
C VAL L 284 1.41 13.85 -62.29
N THR L 285 1.42 14.50 -61.13
CA THR L 285 1.10 13.87 -59.84
C THR L 285 0.36 14.80 -58.88
N SER L 286 -0.35 14.25 -57.90
CA SER L 286 -0.87 15.06 -56.79
C SER L 286 0.15 15.21 -55.65
N TYR L 287 -0.12 16.12 -54.72
CA TYR L 287 0.78 16.31 -53.59
C TYR L 287 0.83 15.09 -52.67
N GLU L 288 -0.25 14.33 -52.57
CA GLU L 288 -0.29 13.11 -51.79
C GLU L 288 0.48 11.99 -52.48
N MET L 289 0.36 11.88 -53.80
CA MET L 289 1.11 10.89 -54.54
C MET L 289 2.61 11.15 -54.46
N LEU L 290 3.06 12.40 -54.46
CA LEU L 290 4.47 12.71 -54.20
C LEU L 290 4.89 12.30 -52.79
N ILE L 291 4.10 12.55 -51.75
CA ILE L 291 4.57 12.23 -50.40
C ILE L 291 4.62 10.71 -50.25
N LYS L 292 3.68 9.99 -50.84
CA LYS L 292 3.73 8.53 -50.84
C LYS L 292 4.95 7.98 -51.60
N GLU L 293 5.18 8.40 -52.83
CA GLU L 293 6.22 7.82 -53.70
C GLU L 293 7.55 8.61 -53.70
N LYS L 294 7.85 9.37 -52.65
CA LYS L 294 9.03 10.24 -52.56
C LYS L 294 10.35 9.52 -52.83
N SER L 295 10.49 8.28 -52.35
CA SER L 295 11.69 7.48 -52.54
C SER L 295 11.88 6.98 -53.98
N VAL L 296 10.80 6.82 -54.76
CA VAL L 296 10.88 6.48 -56.18
C VAL L 296 11.30 7.70 -56.97
N PHE L 297 10.60 8.82 -56.80
CA PHE L 297 10.84 10.01 -57.59
C PHE L 297 12.22 10.65 -57.35
N LYS L 298 12.83 10.50 -56.17
CA LYS L 298 14.20 10.98 -55.92
C LYS L 298 15.28 10.20 -56.69
N LYS L 299 14.96 9.05 -57.28
CA LYS L 299 15.93 8.34 -58.08
C LYS L 299 16.24 9.18 -59.29
N PHE L 300 15.20 9.63 -59.98
CA PHE L 300 15.40 10.36 -61.24
C PHE L 300 16.04 11.72 -61.08
N ASN L 301 16.70 12.19 -62.14
CA ASN L 301 17.28 13.54 -62.13
C ASN L 301 16.32 14.31 -63.01
N TRP L 302 15.72 15.38 -62.51
CA TRP L 302 14.69 16.09 -63.25
C TRP L 302 15.15 17.35 -63.93
N ARG L 303 14.58 17.67 -65.08
CA ARG L 303 14.92 18.89 -65.79
C ARG L 303 14.06 20.09 -65.40
N TYR L 304 12.81 19.88 -65.03
CA TYR L 304 11.96 20.98 -64.59
C TYR L 304 11.02 20.52 -63.48
N LEU L 305 10.75 21.34 -62.48
CA LEU L 305 9.81 20.99 -61.42
C LEU L 305 8.80 22.11 -61.36
N VAL L 306 7.58 21.87 -61.83
CA VAL L 306 6.50 22.85 -61.81
C VAL L 306 5.55 22.53 -60.67
N ILE L 307 5.26 23.50 -59.80
CA ILE L 307 4.29 23.32 -58.73
C ILE L 307 3.18 24.26 -59.16
N ASP L 308 1.90 23.89 -58.97
CA ASP L 308 0.77 24.75 -59.33
C ASP L 308 0.02 24.97 -58.05
N GLU L 309 -0.68 26.09 -57.90
CA GLU L 309 -1.28 26.42 -56.62
C GLU L 309 -0.14 26.36 -55.66
N ALA L 310 0.89 27.15 -55.90
CA ALA L 310 2.08 27.17 -55.07
C ALA L 310 1.86 27.73 -53.67
N HIS L 311 0.73 28.37 -53.42
CA HIS L 311 0.45 28.81 -52.06
C HIS L 311 0.44 27.62 -51.09
N ARG L 312 0.28 26.40 -51.56
CA ARG L 312 0.28 25.23 -50.69
C ARG L 312 1.60 25.09 -49.92
N ILE L 313 2.72 25.52 -50.47
CA ILE L 313 4.04 25.37 -49.83
C ILE L 313 4.49 26.59 -49.02
N LYS L 314 3.57 27.52 -48.69
CA LYS L 314 3.90 28.77 -48.00
C LYS L 314 4.50 28.61 -46.63
N ASN L 315 4.20 27.51 -45.94
CA ASN L 315 4.81 27.19 -44.63
C ASN L 315 5.98 26.28 -44.87
N GLU L 316 7.18 26.79 -44.68
CA GLU L 316 8.39 26.02 -44.94
C GLU L 316 8.53 24.77 -44.05
N LYS L 317 7.94 24.75 -42.85
CA LYS L 317 7.96 23.59 -41.94
C LYS L 317 6.99 22.47 -42.34
N SER L 318 6.23 22.61 -43.40
CA SER L 318 5.37 21.53 -43.80
C SER L 318 6.17 20.41 -44.39
N LYS L 319 5.61 19.21 -44.38
CA LYS L 319 6.28 18.06 -44.96
C LYS L 319 6.52 18.24 -46.43
N LEU L 320 5.57 18.78 -47.16
CA LEU L 320 5.74 18.89 -48.58
C LEU L 320 6.85 19.81 -48.87
N SER L 321 6.98 20.89 -48.12
CA SER L 321 8.01 21.88 -48.41
C SER L 321 9.36 21.25 -48.18
N GLU L 322 9.50 20.51 -47.10
CA GLU L 322 10.76 19.80 -46.85
C GLU L 322 11.06 18.80 -47.96
N ILE L 323 10.14 17.88 -48.25
CA ILE L 323 10.28 16.84 -49.28
C ILE L 323 10.69 17.45 -50.62
N VAL L 324 10.03 18.53 -51.04
CA VAL L 324 10.23 19.19 -52.33
C VAL L 324 11.63 19.83 -52.49
N ARG L 325 12.31 20.17 -51.40
CA ARG L 325 13.66 20.72 -51.47
C ARG L 325 14.79 19.67 -51.57
N GLU L 326 14.45 18.38 -51.52
CA GLU L 326 15.45 17.29 -51.59
C GLU L 326 15.66 16.79 -53.02
N PHE L 327 14.90 17.29 -53.98
CA PHE L 327 14.95 16.82 -55.37
C PHE L 327 16.08 17.42 -56.22
N LYS L 328 16.57 16.61 -57.17
CA LYS L 328 17.61 17.06 -58.09
C LYS L 328 16.86 17.67 -59.26
N THR L 329 16.98 18.97 -59.47
CA THR L 329 16.23 19.69 -60.49
C THR L 329 17.04 20.78 -61.14
N THR L 330 17.19 20.75 -62.46
CA THR L 330 17.88 21.85 -63.14
C THR L 330 17.08 23.14 -63.05
N ASN L 331 15.75 23.07 -63.14
CA ASN L 331 14.89 24.25 -63.11
C ASN L 331 13.65 24.15 -62.22
N ARG L 332 13.16 25.27 -61.68
CA ARG L 332 12.01 25.25 -60.77
C ARG L 332 11.04 26.30 -61.24
N LEU L 333 9.76 26.11 -60.96
CA LEU L 333 8.74 27.04 -61.40
C LEU L 333 7.53 27.03 -60.50
N LEU L 334 6.99 28.20 -60.15
CA LEU L 334 5.76 28.28 -59.37
C LEU L 334 4.64 28.93 -60.21
N LEU L 335 3.43 28.38 -60.16
CA LEU L 335 2.29 29.01 -60.83
C LEU L 335 1.33 29.28 -59.67
N THR L 336 0.82 30.49 -59.52
CA THR L 336 -0.19 30.80 -58.48
C THR L 336 -0.82 32.13 -58.82
N GLY L 337 -2.13 32.34 -58.65
CA GLY L 337 -2.69 33.66 -58.89
C GLY L 337 -2.90 34.46 -57.62
N THR L 338 -2.51 33.93 -56.47
CA THR L 338 -2.63 34.62 -55.19
C THR L 338 -1.26 34.61 -54.58
N PRO L 339 -0.28 35.24 -55.23
CA PRO L 339 1.08 35.09 -54.69
C PRO L 339 1.23 35.56 -53.25
N LEU L 340 0.48 36.59 -52.82
CA LEU L 340 0.51 37.00 -51.42
C LEU L 340 -0.65 36.30 -50.71
N GLN L 341 -0.48 35.95 -49.44
CA GLN L 341 -1.56 35.32 -48.67
C GLN L 341 -1.71 36.10 -47.35
N ASN L 342 -0.93 35.81 -46.31
CA ASN L 342 -1.09 36.45 -45.01
C ASN L 342 0.04 37.37 -44.55
N ASN L 343 1.29 37.03 -44.86
CA ASN L 343 2.45 37.80 -44.39
C ASN L 343 3.69 37.70 -45.30
N LEU L 344 4.67 38.61 -45.12
CA LEU L 344 5.89 38.59 -45.94
C LEU L 344 6.74 37.32 -45.76
N HIS L 345 6.66 36.61 -44.62
CA HIS L 345 7.36 35.34 -44.43
C HIS L 345 6.79 34.20 -45.30
N GLU L 346 5.49 34.21 -45.49
CA GLU L 346 4.89 33.22 -46.36
C GLU L 346 5.37 33.34 -47.79
N LEU L 347 5.74 34.53 -48.22
CA LEU L 347 6.15 34.78 -49.61
C LEU L 347 7.62 34.51 -49.63
N TRP L 348 8.34 34.87 -48.58
CA TRP L 348 9.75 34.46 -48.54
C TRP L 348 9.93 32.95 -48.67
N SER L 349 9.03 32.18 -48.08
CA SER L 349 9.05 30.71 -48.12
C SER L 349 8.97 30.15 -49.55
N LEU L 350 8.44 30.93 -50.49
CA LEU L 350 8.40 30.52 -51.90
C LEU L 350 9.68 30.90 -52.57
N LEU L 351 10.18 32.09 -52.32
CA LEU L 351 11.48 32.54 -52.85
C LEU L 351 12.63 31.63 -52.41
N ASN L 352 12.58 31.12 -51.18
CA ASN L 352 13.56 30.17 -50.67
C ASN L 352 13.52 28.78 -51.34
N PHE L 353 12.42 28.37 -51.97
CA PHE L 353 12.43 27.21 -52.87
C PHE L 353 13.10 27.55 -54.21
N LEU L 354 12.80 28.72 -54.79
CA LEU L 354 13.29 29.09 -56.11
C LEU L 354 14.80 29.36 -56.14
N LEU L 355 15.30 30.23 -55.25
CA LEU L 355 16.68 30.70 -55.24
C LEU L 355 17.19 30.71 -53.78
N PRO L 356 17.39 29.53 -53.16
CA PRO L 356 17.76 29.40 -51.75
C PRO L 356 19.10 30.07 -51.42
N ASP L 357 19.99 30.14 -52.40
CA ASP L 357 21.31 30.77 -52.34
C ASP L 357 21.26 32.29 -52.50
N VAL L 358 20.13 32.86 -52.92
CA VAL L 358 19.89 34.32 -52.96
C VAL L 358 19.22 34.79 -51.68
N PHE L 359 18.04 34.21 -51.37
CA PHE L 359 17.23 34.62 -50.22
C PHE L 359 17.66 33.68 -49.13
N ASN L 360 18.87 33.88 -48.63
CA ASN L 360 19.42 32.96 -47.64
C ASN L 360 18.61 32.87 -46.37
N SER L 361 17.97 33.98 -45.98
CA SER L 361 17.18 33.98 -44.75
C SER L 361 15.99 34.93 -44.73
N ALA L 362 15.00 34.66 -43.86
CA ALA L 362 13.88 35.57 -43.67
C ALA L 362 14.29 36.85 -42.90
N ASP L 363 15.35 36.75 -42.08
CA ASP L 363 15.95 37.89 -41.40
C ASP L 363 16.73 38.79 -42.37
N ASP L 364 17.15 38.26 -43.51
CA ASP L 364 17.74 39.03 -44.60
C ASP L 364 16.67 39.59 -45.55
N PHE L 365 15.54 38.88 -45.68
CA PHE L 365 14.43 39.37 -46.49
C PHE L 365 13.80 40.48 -45.70
N ASP L 366 13.81 40.37 -44.37
CA ASP L 366 13.33 41.46 -43.52
C ASP L 366 14.34 42.54 -43.73
N SER L 367 13.96 43.83 -43.76
CA SER L 367 14.86 44.96 -44.08
C SER L 367 14.98 45.20 -45.59
N TRP L 368 15.28 44.18 -46.39
CA TRP L 368 15.29 44.35 -47.84
C TRP L 368 13.91 44.84 -48.24
N PHE L 369 12.85 44.23 -47.68
CA PHE L 369 11.49 44.58 -48.07
C PHE L 369 11.37 44.64 -49.58
N GLU L 382 8.04 51.23 -49.15
CA GLU L 382 8.20 51.89 -50.44
C GLU L 382 9.12 51.09 -51.34
N ARG L 383 9.60 49.94 -50.88
CA ARG L 383 10.47 49.07 -51.69
C ARG L 383 9.49 48.23 -52.47
N LEU L 384 8.70 48.86 -53.34
CA LEU L 384 7.62 48.14 -54.01
C LEU L 384 8.12 47.67 -55.35
N HIS L 385 8.02 46.36 -55.66
CA HIS L 385 8.43 45.79 -56.96
C HIS L 385 9.94 45.71 -57.22
N MET L 386 10.77 46.18 -56.31
CA MET L 386 12.21 46.20 -56.58
C MET L 386 12.71 44.76 -56.53
N VAL L 387 12.39 44.03 -55.46
CA VAL L 387 12.81 42.64 -55.32
C VAL L 387 12.01 41.77 -56.28
N LEU L 388 10.72 42.05 -56.39
CA LEU L 388 9.83 41.25 -57.22
C LEU L 388 10.02 41.23 -58.72
N ARG L 389 10.36 42.36 -59.33
CA ARG L 389 10.37 42.41 -60.80
C ARG L 389 11.30 41.42 -61.47
N PRO L 390 12.50 41.20 -60.91
CA PRO L 390 13.31 40.19 -61.58
C PRO L 390 12.68 38.79 -61.61
N PHE L 391 12.04 38.36 -60.53
CA PHE L 391 11.50 36.99 -60.44
C PHE L 391 9.98 36.81 -60.45
N LEU L 392 9.21 37.82 -60.82
CA LEU L 392 7.74 37.71 -60.83
C LEU L 392 7.12 38.43 -62.00
N LEU L 393 6.04 37.90 -62.57
CA LEU L 393 5.31 38.61 -63.63
C LEU L 393 3.83 38.48 -63.32
N ARG L 394 3.08 39.57 -63.35
CA ARG L 394 1.63 39.52 -63.16
C ARG L 394 0.84 40.37 -64.12
N ARG L 395 -0.29 39.90 -64.67
CA ARG L 395 -1.17 40.75 -65.49
C ARG L 395 -2.59 40.57 -64.99
N ILE L 396 -3.43 41.59 -65.16
CA ILE L 396 -4.80 41.54 -64.61
C ILE L 396 -5.84 41.51 -65.74
N LYS L 397 -6.96 40.81 -65.54
CA LYS L 397 -7.98 40.66 -66.60
C LYS L 397 -8.50 42.01 -67.07
N ALA L 398 -8.65 42.97 -66.15
CA ALA L 398 -9.05 44.34 -66.44
C ALA L 398 -8.12 45.10 -67.40
N ASP L 399 -6.85 44.74 -67.51
CA ASP L 399 -5.93 45.27 -68.51
C ASP L 399 -5.89 44.42 -69.80
N VAL L 400 -5.77 43.10 -69.69
CA VAL L 400 -5.41 42.25 -70.84
C VAL L 400 -6.60 41.59 -71.54
N GLU L 401 -7.78 41.56 -70.92
CA GLU L 401 -9.03 41.07 -71.54
C GLU L 401 -10.17 42.07 -71.35
N LYS L 402 -10.11 43.18 -72.10
CA LYS L 402 -11.14 44.24 -72.10
C LYS L 402 -12.54 43.72 -72.46
N SER L 403 -12.64 42.59 -73.15
CA SER L 403 -13.91 41.97 -73.54
C SER L 403 -14.61 41.19 -72.43
N LEU L 404 -13.91 40.74 -71.38
CA LEU L 404 -14.56 40.01 -70.27
C LEU L 404 -15.34 40.99 -69.35
N PRO L 405 -16.64 40.76 -69.08
CA PRO L 405 -17.42 41.60 -68.18
C PRO L 405 -16.89 41.58 -66.74
N PRO L 406 -16.65 42.72 -66.07
CA PRO L 406 -16.27 42.75 -64.66
C PRO L 406 -17.30 42.15 -63.70
N LYS L 407 -16.87 41.71 -62.52
CA LYS L 407 -17.74 41.14 -61.46
C LYS L 407 -18.62 42.21 -60.79
N LYS L 408 -19.80 41.79 -60.33
CA LYS L 408 -20.66 42.56 -59.41
C LYS L 408 -20.72 41.87 -58.05
N GLU L 409 -20.45 42.60 -56.97
CA GLU L 409 -20.41 42.06 -55.61
C GLU L 409 -21.49 42.66 -54.71
N VAL L 410 -22.32 41.82 -54.07
CA VAL L 410 -23.44 42.20 -53.19
C VAL L 410 -23.30 41.52 -51.82
N LYS L 411 -23.17 42.30 -50.75
CA LYS L 411 -23.40 41.83 -49.38
C LYS L 411 -24.89 41.81 -49.07
N ILE L 412 -25.41 40.71 -48.54
CA ILE L 412 -26.76 40.64 -47.99
C ILE L 412 -26.68 40.40 -46.48
N TYR L 413 -27.00 41.41 -45.70
CA TYR L 413 -27.10 41.28 -44.24
C TYR L 413 -28.44 40.66 -43.86
N VAL L 414 -28.44 39.68 -42.96
CA VAL L 414 -29.63 38.94 -42.52
C VAL L 414 -29.72 38.92 -41.00
N GLY L 415 -30.94 38.96 -40.46
CA GLY L 415 -31.19 38.71 -39.04
C GLY L 415 -31.23 37.21 -38.72
N LEU L 416 -31.01 36.87 -37.45
CA LEU L 416 -31.23 35.51 -36.93
C LEU L 416 -32.72 35.16 -36.88
N SER L 417 -33.07 33.88 -37.00
CA SER L 417 -34.39 33.39 -36.59
C SER L 417 -34.57 33.49 -35.06
N LYS L 418 -35.80 33.40 -34.56
CA LYS L 418 -36.02 33.36 -33.09
C LYS L 418 -35.31 32.17 -32.43
N MET L 419 -35.28 31.02 -33.08
CA MET L 419 -34.53 29.86 -32.58
C MET L 419 -33.03 30.11 -32.56
N GLN L 420 -32.49 30.70 -33.62
CA GLN L 420 -31.08 31.04 -33.61
C GLN L 420 -30.75 32.07 -32.54
N ARG L 421 -31.66 33.01 -32.26
CA ARG L 421 -31.42 34.01 -31.24
C ARG L 421 -31.40 33.34 -29.88
N GLU L 422 -32.22 32.30 -29.70
CA GLU L 422 -32.24 31.56 -28.44
C GLU L 422 -30.93 30.81 -28.25
N TRP L 423 -30.54 29.96 -29.21
CA TRP L 423 -29.29 29.22 -29.12
C TRP L 423 -28.06 30.12 -28.99
N TYR L 424 -27.95 31.18 -29.76
CA TYR L 424 -26.83 32.12 -29.70
C TYR L 424 -26.70 32.74 -28.31
N THR L 425 -27.80 32.97 -27.59
CA THR L 425 -27.69 33.47 -26.22
C THR L 425 -27.34 32.35 -25.24
N ARG L 426 -27.93 31.17 -25.38
CA ARG L 426 -27.58 30.09 -24.48
C ARG L 426 -26.14 29.63 -24.67
N ILE L 427 -25.62 29.66 -25.90
CA ILE L 427 -24.24 29.28 -26.16
C ILE L 427 -23.29 30.23 -25.45
N LEU L 428 -23.59 31.52 -25.50
CA LEU L 428 -22.74 32.52 -24.83
C LEU L 428 -22.74 32.31 -23.33
N MET L 429 -23.91 32.06 -22.76
CA MET L 429 -24.02 31.77 -21.33
C MET L 429 -23.31 30.47 -21.05
N LYS L 430 -23.19 29.56 -22.03
CA LYS L 430 -22.57 28.23 -21.85
C LYS L 430 -23.48 27.32 -21.07
N ASP L 431 -24.79 27.47 -21.25
CA ASP L 431 -25.75 26.61 -20.59
C ASP L 431 -26.48 25.90 -21.71
N ILE L 432 -25.75 25.31 -22.67
CA ILE L 432 -26.41 24.67 -23.81
C ILE L 432 -27.19 23.48 -23.25
N ASP L 433 -26.62 22.77 -22.29
CA ASP L 433 -27.25 21.56 -21.77
C ASP L 433 -27.21 20.50 -22.89
N ILE L 434 -28.33 20.02 -23.45
CA ILE L 434 -28.34 18.97 -24.48
C ILE L 434 -27.67 17.63 -24.15
N LEU L 435 -28.44 16.59 -23.83
CA LEU L 435 -27.89 15.23 -23.64
C LEU L 435 -29.00 14.32 -24.12
N ASN L 436 -28.71 13.45 -25.09
CA ASN L 436 -29.76 12.62 -25.68
C ASN L 436 -30.04 11.46 -24.72
N SER L 437 -29.02 10.98 -24.01
CA SER L 437 -29.20 9.93 -23.01
C SER L 437 -29.63 10.47 -21.65
N ALA L 438 -30.85 11.05 -21.59
CA ALA L 438 -31.39 11.57 -20.33
C ALA L 438 -30.39 12.42 -19.51
N GLY L 439 -30.09 12.07 -18.25
CA GLY L 439 -29.20 12.88 -17.44
C GLY L 439 -29.62 14.32 -17.33
N LYS L 440 -30.93 14.62 -17.31
CA LYS L 440 -31.43 16.01 -17.27
C LYS L 440 -30.70 16.96 -18.22
N MET L 441 -30.39 16.49 -19.43
CA MET L 441 -29.68 17.30 -20.45
C MET L 441 -28.18 17.57 -20.17
N ASP L 442 -27.68 17.23 -18.98
CA ASP L 442 -26.27 17.40 -18.61
C ASP L 442 -25.69 18.76 -19.06
N LYS L 443 -24.51 18.79 -19.72
CA LYS L 443 -23.91 20.01 -20.23
C LYS L 443 -23.15 19.61 -21.49
N MET L 444 -22.97 20.53 -22.42
CA MET L 444 -22.18 20.27 -23.62
C MET L 444 -20.92 21.05 -23.43
N ARG L 445 -19.78 20.53 -23.90
CA ARG L 445 -18.51 21.18 -23.64
C ARG L 445 -18.16 22.25 -24.66
N LEU L 446 -17.76 23.44 -24.20
CA LEU L 446 -17.43 24.56 -25.08
C LEU L 446 -16.04 25.18 -24.84
N LEU L 447 -14.98 24.40 -25.08
CA LEU L 447 -13.60 24.88 -24.99
C LEU L 447 -13.22 25.92 -26.07
N ASN L 448 -13.98 25.95 -27.17
CA ASN L 448 -13.89 26.93 -28.23
C ASN L 448 -15.31 27.45 -28.51
N ILE L 449 -15.68 28.64 -28.05
CA ILE L 449 -17.07 29.11 -28.24
C ILE L 449 -17.23 29.70 -29.63
N LEU L 450 -16.17 30.27 -30.19
CA LEU L 450 -16.23 30.93 -31.49
C LEU L 450 -16.82 30.02 -32.57
N MET L 451 -16.35 28.77 -32.65
CA MET L 451 -16.86 27.80 -33.61
C MET L 451 -18.33 27.44 -33.39
N GLN L 452 -18.80 27.38 -32.15
CA GLN L 452 -20.21 27.13 -31.83
C GLN L 452 -21.09 28.28 -32.33
N LEU L 453 -20.68 29.53 -32.10
CA LEU L 453 -21.39 30.70 -32.59
C LEU L 453 -21.45 30.70 -34.13
N ARG L 454 -20.35 30.34 -34.80
CA ARG L 454 -20.29 30.26 -36.27
C ARG L 454 -21.24 29.20 -36.84
N LYS L 455 -21.30 28.04 -36.19
CA LYS L 455 -22.21 26.98 -36.59
C LYS L 455 -23.61 27.48 -36.55
N CYS L 456 -23.98 28.10 -35.44
CA CYS L 456 -25.35 28.55 -35.23
C CYS L 456 -25.82 29.49 -36.29
N CYS L 457 -24.97 30.39 -36.71
CA CYS L 457 -25.37 31.34 -37.69
C CYS L 457 -25.78 30.64 -38.97
N ASN L 458 -25.04 29.62 -39.37
CA ASN L 458 -25.40 28.88 -40.56
C ASN L 458 -26.70 28.10 -40.45
N HIS L 459 -26.89 27.29 -39.40
CA HIS L 459 -28.16 26.61 -39.18
C HIS L 459 -28.26 26.09 -37.77
N PRO L 460 -29.45 26.12 -37.16
CA PRO L 460 -29.58 25.53 -35.83
C PRO L 460 -29.52 24.03 -35.81
N TYR L 461 -29.87 23.36 -36.91
CA TYR L 461 -29.96 21.92 -36.90
C TYR L 461 -28.60 21.23 -36.80
N LEU L 462 -27.52 21.97 -36.99
CA LEU L 462 -26.19 21.39 -36.87
C LEU L 462 -26.03 20.87 -35.48
N PHE L 463 -26.64 21.53 -34.48
CA PHE L 463 -26.56 21.10 -33.08
C PHE L 463 -27.39 19.87 -32.82
N ASP L 464 -27.03 19.11 -31.79
CA ASP L 464 -27.75 17.88 -31.44
C ASP L 464 -29.11 18.15 -30.80
N GLY L 465 -30.09 17.31 -31.10
CA GLY L 465 -31.42 17.45 -30.51
C GLY L 465 -32.15 18.74 -30.86
N ALA L 466 -31.62 19.52 -31.79
CA ALA L 466 -32.23 20.81 -32.12
C ALA L 466 -33.39 20.71 -33.13
N GLU L 467 -33.30 19.84 -34.13
CA GLU L 467 -34.36 19.73 -35.14
C GLU L 467 -35.63 19.21 -34.45
N PRO L 468 -36.77 19.89 -34.64
CA PRO L 468 -37.92 19.46 -33.85
C PRO L 468 -38.47 18.12 -34.29
N GLY L 469 -38.75 17.19 -33.36
CA GLY L 469 -39.37 15.93 -33.71
C GLY L 469 -38.38 14.88 -34.16
N PRO L 470 -38.04 13.87 -33.32
CA PRO L 470 -37.18 12.79 -33.81
C PRO L 470 -37.55 12.15 -35.15
N PRO L 471 -38.86 12.10 -35.53
CA PRO L 471 -39.12 11.56 -36.87
C PRO L 471 -38.44 12.37 -37.98
N TYR L 472 -38.31 13.69 -37.81
CA TYR L 472 -37.79 14.53 -38.86
C TYR L 472 -38.79 14.41 -40.01
N THR L 473 -38.36 14.20 -41.25
CA THR L 473 -39.25 14.11 -42.43
C THR L 473 -39.85 15.44 -42.84
N THR L 474 -40.54 16.13 -41.93
CA THR L 474 -41.11 17.44 -42.19
C THR L 474 -40.06 18.30 -42.87
N ASP L 475 -40.47 19.23 -43.74
CA ASP L 475 -39.49 20.02 -44.48
C ASP L 475 -39.59 21.52 -44.53
N MET L 476 -40.78 22.11 -44.55
CA MET L 476 -40.80 23.57 -44.65
C MET L 476 -40.22 24.23 -43.40
N HIS L 477 -40.13 23.49 -42.29
CA HIS L 477 -39.54 24.03 -41.08
C HIS L 477 -38.05 24.30 -41.18
N LEU L 478 -37.39 23.63 -42.10
CA LEU L 478 -35.96 23.84 -42.30
C LEU L 478 -35.72 25.23 -42.82
N VAL L 479 -36.63 25.70 -43.65
CA VAL L 479 -36.37 26.97 -44.31
C VAL L 479 -36.58 28.06 -43.32
N THR L 480 -37.56 27.86 -42.44
CA THR L 480 -37.86 28.89 -41.47
C THR L 480 -36.85 29.06 -40.36
N ASN L 481 -36.28 28.00 -39.83
CA ASN L 481 -35.41 28.20 -38.68
C ASN L 481 -34.00 28.63 -38.99
N SER L 482 -33.74 29.23 -40.13
CA SER L 482 -32.42 29.75 -40.44
C SER L 482 -32.52 31.02 -41.23
N GLY L 483 -32.06 32.15 -40.69
CA GLY L 483 -32.21 33.42 -41.41
C GLY L 483 -31.58 33.43 -42.80
N LYS L 484 -30.45 32.73 -42.97
CA LYS L 484 -29.84 32.52 -44.30
C LYS L 484 -30.76 31.73 -45.22
N MET L 485 -31.39 30.66 -44.77
CA MET L 485 -32.23 29.85 -45.66
C MET L 485 -33.50 30.61 -46.06
N VAL L 486 -34.11 31.35 -45.15
CA VAL L 486 -35.25 32.21 -45.52
C VAL L 486 -34.92 33.03 -46.77
N VAL L 487 -33.76 33.68 -46.81
CA VAL L 487 -33.32 34.47 -47.96
C VAL L 487 -32.99 33.59 -49.17
N LEU L 488 -32.47 32.38 -48.98
CA LEU L 488 -32.01 31.51 -50.07
C LEU L 488 -33.13 31.09 -51.06
N ASP L 489 -34.41 31.21 -50.70
CA ASP L 489 -35.49 31.07 -51.70
C ASP L 489 -35.43 32.09 -52.86
N LYS L 490 -34.53 33.08 -52.83
CA LYS L 490 -34.09 33.84 -54.02
C LYS L 490 -33.61 32.96 -55.18
N LEU L 491 -33.26 31.69 -54.95
CA LEU L 491 -33.02 30.70 -55.99
C LEU L 491 -34.23 30.55 -56.93
N LEU L 492 -35.48 30.73 -56.49
CA LEU L 492 -36.66 30.57 -57.35
C LEU L 492 -36.76 31.70 -58.40
N PRO L 493 -36.62 33.00 -58.04
CA PRO L 493 -36.38 34.09 -58.99
C PRO L 493 -35.26 33.81 -59.99
N LYS L 494 -34.12 33.30 -59.53
CA LYS L 494 -33.00 33.12 -60.44
C LYS L 494 -33.33 32.09 -61.50
N LEU L 495 -33.92 30.97 -61.10
CA LEU L 495 -34.19 29.91 -62.07
C LEU L 495 -35.15 30.42 -63.12
N LYS L 496 -36.18 31.14 -62.71
CA LYS L 496 -37.11 31.74 -63.67
C LYS L 496 -36.45 32.81 -64.50
N GLU L 497 -35.49 33.57 -63.93
CA GLU L 497 -34.78 34.64 -64.62
C GLU L 497 -33.71 34.04 -65.53
N GLN L 498 -34.12 33.52 -66.68
CA GLN L 498 -33.20 32.86 -67.63
C GLN L 498 -32.41 31.74 -66.93
N GLY L 499 -31.34 31.21 -67.54
CA GLY L 499 -30.51 30.22 -66.89
C GLY L 499 -29.44 30.95 -66.11
N SER L 500 -29.75 31.54 -64.94
CA SER L 500 -28.72 32.17 -64.13
C SER L 500 -28.24 31.00 -63.28
N ARG L 501 -27.50 30.07 -63.87
CA ARG L 501 -27.10 28.87 -63.17
C ARG L 501 -26.17 29.26 -62.07
N VAL L 502 -26.27 28.61 -60.91
CA VAL L 502 -25.50 29.05 -59.75
C VAL L 502 -24.51 28.11 -59.04
N LEU L 503 -23.39 28.62 -58.53
CA LEU L 503 -22.46 27.90 -57.67
C LEU L 503 -22.65 28.32 -56.21
N ILE L 504 -22.76 27.37 -55.27
CA ILE L 504 -22.86 27.66 -53.83
C ILE L 504 -21.63 27.10 -53.11
N PHE L 505 -20.91 27.98 -52.42
CA PHE L 505 -19.71 27.63 -51.65
C PHE L 505 -19.97 27.66 -50.16
N SER L 506 -19.43 26.65 -49.46
CA SER L 506 -19.52 26.53 -48.01
C SER L 506 -18.23 25.98 -47.41
N GLN L 507 -17.96 26.26 -46.14
CA GLN L 507 -16.80 25.79 -45.41
C GLN L 507 -17.07 24.57 -44.53
N MET L 508 -18.34 24.23 -44.31
CA MET L 508 -18.78 23.11 -43.47
C MET L 508 -19.46 22.04 -44.30
N THR L 509 -19.09 20.78 -44.12
CA THR L 509 -19.64 19.74 -44.93
C THR L 509 -21.09 19.48 -44.61
N ARG L 510 -21.47 19.53 -43.35
CA ARG L 510 -22.88 19.35 -42.97
C ARG L 510 -23.83 20.34 -43.64
N VAL L 511 -23.39 21.57 -43.90
CA VAL L 511 -24.22 22.56 -44.56
C VAL L 511 -24.54 22.13 -45.97
N LEU L 512 -23.63 21.54 -46.72
CA LEU L 512 -23.97 20.96 -48.03
C LEU L 512 -25.01 19.86 -47.89
N ASP L 513 -25.03 19.15 -46.76
CA ASP L 513 -26.06 18.13 -46.49
C ASP L 513 -27.44 18.74 -46.44
N ILE L 514 -27.60 19.82 -45.68
CA ILE L 514 -28.90 20.44 -45.49
C ILE L 514 -29.28 21.15 -46.76
N LEU L 515 -28.37 21.80 -47.45
CA LEU L 515 -28.69 22.36 -48.76
C LEU L 515 -29.08 21.30 -49.80
N GLU L 516 -28.47 20.11 -49.74
CA GLU L 516 -28.82 19.03 -50.64
C GLU L 516 -30.21 18.47 -50.34
N ASP L 517 -30.58 18.36 -49.06
CA ASP L 517 -31.95 17.95 -48.70
C ASP L 517 -32.96 19.00 -49.13
N TYR L 518 -32.64 20.29 -48.99
CA TYR L 518 -33.49 21.35 -49.53
C TYR L 518 -33.66 21.24 -51.05
N CYS L 519 -32.60 21.03 -51.82
CA CYS L 519 -32.70 20.90 -53.27
C CYS L 519 -33.46 19.65 -53.71
N MET L 520 -33.23 18.52 -53.05
CA MET L 520 -34.00 17.30 -53.27
C MET L 520 -35.48 17.50 -52.96
N TRP L 521 -35.82 18.13 -51.84
CA TRP L 521 -37.20 18.44 -51.48
C TRP L 521 -37.85 19.45 -52.45
N ARG L 522 -37.12 20.44 -52.96
CA ARG L 522 -37.56 21.32 -54.07
C ARG L 522 -37.68 20.62 -55.44
N ASN L 523 -37.12 19.42 -55.61
CA ASN L 523 -36.95 18.76 -56.90
C ASN L 523 -36.09 19.56 -57.91
N TYR L 524 -35.03 20.22 -57.42
CA TYR L 524 -34.10 20.95 -58.32
C TYR L 524 -33.13 20.00 -59.00
N GLU L 525 -32.47 20.45 -60.07
CA GLU L 525 -31.45 19.64 -60.75
C GLU L 525 -30.13 20.19 -60.21
N TYR L 526 -29.22 19.34 -59.74
CA TYR L 526 -27.99 19.84 -59.11
C TYR L 526 -26.79 18.87 -59.23
N CYS L 527 -25.60 19.38 -58.95
CA CYS L 527 -24.35 18.64 -58.79
C CYS L 527 -23.70 18.96 -57.44
N ARG L 528 -22.84 18.07 -56.93
CA ARG L 528 -22.10 18.35 -55.69
C ARG L 528 -20.67 17.80 -55.73
N LEU L 529 -19.68 18.61 -55.34
CA LEU L 529 -18.27 18.16 -55.27
C LEU L 529 -17.84 18.42 -53.83
N ASP L 530 -16.98 17.60 -53.25
CA ASP L 530 -16.63 17.72 -51.83
C ASP L 530 -15.23 17.20 -51.66
N GLY L 531 -14.76 17.02 -50.46
CA GLY L 531 -13.47 16.41 -50.24
C GLY L 531 -13.53 14.90 -50.20
N GLN L 532 -14.71 14.33 -50.00
CA GLN L 532 -14.84 12.89 -49.89
C GLN L 532 -15.09 12.21 -51.24
N THR L 533 -15.38 12.97 -52.29
CA THR L 533 -15.60 12.41 -53.63
C THR L 533 -14.45 11.65 -54.24
N PRO L 534 -14.70 10.53 -54.92
CA PRO L 534 -13.60 9.85 -55.60
C PRO L 534 -13.14 10.59 -56.84
N HIS L 535 -11.92 10.34 -57.32
CA HIS L 535 -11.35 11.08 -58.43
C HIS L 535 -12.10 11.00 -59.73
N ASP L 536 -12.55 9.83 -60.09
CA ASP L 536 -13.23 9.64 -61.36
C ASP L 536 -14.49 10.41 -61.39
N GLU L 537 -15.22 10.38 -60.29
CA GLU L 537 -16.48 11.05 -60.22
C GLU L 537 -16.33 12.52 -60.37
N ARG L 538 -15.29 13.11 -59.80
CA ARG L 538 -15.19 14.55 -59.83
C ARG L 538 -15.24 15.10 -61.22
N GLN L 539 -14.46 14.53 -62.13
CA GLN L 539 -14.37 15.16 -63.44
C GLN L 539 -15.64 14.91 -64.22
N ASP L 540 -16.34 13.82 -63.93
CA ASP L 540 -17.59 13.55 -64.60
C ASP L 540 -18.59 14.60 -64.24
N SER L 541 -18.63 14.98 -62.97
CA SER L 541 -19.53 16.00 -62.53
C SER L 541 -19.24 17.31 -63.20
N ILE L 542 -17.98 17.67 -63.30
CA ILE L 542 -17.65 18.96 -63.87
C ILE L 542 -18.07 18.95 -65.31
N ASN L 543 -17.83 17.85 -66.00
CA ASN L 543 -18.20 17.75 -67.41
C ASN L 543 -19.69 17.82 -67.63
N ALA L 544 -20.45 17.16 -66.79
CA ALA L 544 -21.89 17.12 -66.95
C ALA L 544 -22.48 18.46 -66.71
N TYR L 545 -21.97 19.17 -65.73
CA TYR L 545 -22.46 20.53 -65.51
C TYR L 545 -22.06 21.50 -66.65
N ASN L 546 -20.91 21.32 -67.28
CA ASN L 546 -20.45 22.28 -68.30
C ASN L 546 -20.99 22.03 -69.73
N GLU L 547 -21.63 20.89 -69.99
CA GLU L 547 -22.05 20.58 -71.37
C GLU L 547 -22.91 21.71 -71.99
N PRO L 548 -22.84 21.96 -73.32
CA PRO L 548 -23.65 23.00 -73.98
C PRO L 548 -25.17 22.87 -73.81
N ASN L 549 -25.69 21.66 -73.60
CA ASN L 549 -27.12 21.37 -73.42
C ASN L 549 -27.46 20.88 -71.98
N SER L 550 -26.57 21.14 -71.02
CA SER L 550 -26.74 20.69 -69.62
C SER L 550 -27.90 21.39 -68.90
N THR L 551 -28.61 20.65 -68.06
CA THR L 551 -29.85 21.09 -67.38
C THR L 551 -29.70 21.31 -65.87
N LYS L 552 -28.53 21.01 -65.29
CA LYS L 552 -28.26 21.18 -63.86
C LYS L 552 -28.26 22.66 -63.48
N PHE L 553 -29.04 23.08 -62.48
CA PHE L 553 -29.10 24.49 -62.10
C PHE L 553 -28.08 24.86 -61.03
N VAL L 554 -27.99 24.09 -59.95
CA VAL L 554 -27.11 24.37 -58.80
C VAL L 554 -25.88 23.47 -58.83
N PHE L 555 -24.68 24.01 -58.60
CA PHE L 555 -23.52 23.22 -58.19
C PHE L 555 -23.15 23.59 -56.75
N MET L 556 -23.12 22.62 -55.85
CA MET L 556 -22.64 22.76 -54.49
C MET L 556 -21.17 22.38 -54.45
N LEU L 557 -20.31 23.27 -53.95
CA LEU L 557 -18.87 23.04 -53.87
C LEU L 557 -18.42 23.29 -52.44
N SER L 558 -17.52 22.45 -51.91
CA SER L 558 -16.90 22.72 -50.62
C SER L 558 -15.89 23.73 -50.99
N THR L 559 -15.46 24.55 -50.05
CA THR L 559 -14.59 25.67 -50.43
C THR L 559 -13.11 25.27 -50.55
N ARG L 560 -12.64 24.27 -49.82
CA ARG L 560 -11.24 23.93 -49.87
C ARG L 560 -10.90 22.98 -51.00
N ALA L 561 -11.78 22.04 -51.33
CA ALA L 561 -11.57 21.11 -52.45
C ALA L 561 -12.07 21.67 -53.76
N GLY L 562 -13.30 22.16 -53.75
CA GLY L 562 -13.90 22.71 -54.98
C GLY L 562 -13.44 24.13 -55.35
N GLY L 563 -12.81 24.86 -54.44
CA GLY L 563 -12.46 26.24 -54.71
C GLY L 563 -11.21 26.51 -55.51
N LEU L 564 -10.48 25.47 -55.94
CA LEU L 564 -9.18 25.66 -56.62
C LEU L 564 -9.01 24.93 -57.93
N GLY L 565 -8.57 25.61 -58.98
CA GLY L 565 -8.30 24.98 -60.25
C GLY L 565 -9.40 24.62 -61.20
N ILE L 566 -10.48 24.03 -60.73
CA ILE L 566 -11.54 23.52 -61.61
C ILE L 566 -12.10 24.73 -62.37
N ASN L 567 -12.44 24.60 -63.64
CA ASN L 567 -13.03 25.70 -64.38
C ASN L 567 -14.51 25.42 -64.60
N LEU L 568 -15.38 26.42 -64.42
CA LEU L 568 -16.82 26.25 -64.57
C LEU L 568 -17.34 27.55 -65.14
N ALA L 569 -17.01 27.85 -66.40
CA ALA L 569 -17.42 29.12 -67.01
C ALA L 569 -18.90 29.24 -67.27
N THR L 570 -19.61 28.13 -67.30
CA THR L 570 -21.04 28.15 -67.59
C THR L 570 -21.91 28.93 -66.61
N ALA L 571 -21.62 28.90 -65.30
CA ALA L 571 -22.52 29.56 -64.33
C ALA L 571 -22.35 31.07 -64.26
N ASP L 572 -23.45 31.82 -64.04
CA ASP L 572 -23.40 33.27 -64.04
C ASP L 572 -23.35 33.76 -62.61
N VAL L 573 -23.77 32.93 -61.65
CA VAL L 573 -23.86 33.38 -60.27
C VAL L 573 -23.05 32.62 -59.24
N VAL L 574 -22.55 33.30 -58.21
CA VAL L 574 -21.82 32.70 -57.10
C VAL L 574 -22.47 33.14 -55.79
N ILE L 575 -22.70 32.19 -54.89
CA ILE L 575 -23.17 32.42 -53.53
C ILE L 575 -22.10 31.95 -52.56
N LEU L 576 -21.66 32.83 -51.66
CA LEU L 576 -20.82 32.49 -50.52
C LEU L 576 -21.71 32.42 -49.28
N TYR L 577 -22.17 31.25 -48.86
CA TYR L 577 -23.04 31.09 -47.66
C TYR L 577 -22.20 31.44 -46.46
N ASP L 578 -20.95 30.93 -46.37
CA ASP L 578 -20.01 31.20 -45.26
C ASP L 578 -19.00 32.31 -45.62
N SER L 579 -18.17 32.75 -44.66
CA SER L 579 -17.10 33.76 -44.91
C SER L 579 -15.82 33.22 -44.25
N ASP L 580 -14.64 33.27 -44.93
CA ASP L 580 -13.42 32.65 -44.41
C ASP L 580 -12.48 33.66 -43.74
N TRP L 581 -11.67 33.23 -42.78
CA TRP L 581 -10.78 34.16 -42.14
C TRP L 581 -9.82 34.70 -43.17
N ASN L 582 -9.44 33.90 -44.16
CA ASN L 582 -8.43 34.31 -45.14
C ASN L 582 -9.15 34.84 -46.34
N PRO L 583 -8.86 36.06 -46.75
CA PRO L 583 -9.62 36.61 -47.86
C PRO L 583 -9.34 35.92 -49.16
N GLN L 584 -8.12 35.47 -49.39
CA GLN L 584 -7.73 34.93 -50.68
C GLN L 584 -8.43 33.63 -51.07
N VAL L 585 -8.87 32.85 -50.10
CA VAL L 585 -9.57 31.61 -50.37
C VAL L 585 -10.84 31.94 -51.09
N ASP L 586 -11.55 32.95 -50.64
CA ASP L 586 -12.82 33.33 -51.26
C ASP L 586 -12.65 33.84 -52.64
N LEU L 587 -11.60 34.63 -52.87
CA LEU L 587 -11.38 35.22 -54.17
C LEU L 587 -11.26 34.15 -55.22
N GLN L 588 -10.45 33.13 -54.96
CA GLN L 588 -10.33 32.03 -55.88
C GLN L 588 -11.66 31.39 -56.19
N ALA L 589 -12.50 31.17 -55.21
CA ALA L 589 -13.77 30.50 -55.45
C ALA L 589 -14.63 31.27 -56.41
N MET L 590 -14.65 32.58 -56.27
CA MET L 590 -15.41 33.41 -57.17
C MET L 590 -14.90 33.26 -58.56
N ASP L 591 -13.60 33.10 -58.74
CA ASP L 591 -13.02 33.04 -60.08
C ASP L 591 -13.20 31.73 -60.78
N ARG L 592 -13.76 30.71 -60.12
CA ARG L 592 -14.10 29.51 -60.89
C ARG L 592 -14.97 29.84 -62.04
N ALA L 593 -15.80 30.84 -61.91
CA ALA L 593 -16.66 31.30 -63.03
C ALA L 593 -16.13 32.45 -63.86
N HIS L 594 -15.42 33.40 -63.30
CA HIS L 594 -14.99 34.57 -64.03
C HIS L 594 -13.69 34.22 -64.68
N ARG L 595 -13.70 33.81 -65.95
CA ARG L 595 -12.48 33.38 -66.58
C ARG L 595 -12.67 33.47 -68.06
N ILE L 596 -11.61 33.28 -68.83
CA ILE L 596 -11.72 33.27 -70.28
C ILE L 596 -12.88 32.34 -70.69
N GLY L 597 -13.71 32.76 -71.66
CA GLY L 597 -14.86 31.97 -72.07
C GLY L 597 -16.14 32.26 -71.31
N GLN L 598 -16.12 33.21 -70.39
CA GLN L 598 -17.34 33.62 -69.68
C GLN L 598 -17.97 34.71 -70.53
N THR L 599 -19.18 34.47 -71.05
CA THR L 599 -19.83 35.44 -71.95
C THR L 599 -20.60 36.56 -71.25
N LYS L 600 -20.83 36.46 -69.94
CA LYS L 600 -21.81 37.27 -69.17
C LYS L 600 -21.30 37.75 -67.81
N THR L 601 -21.84 38.86 -67.31
CA THR L 601 -21.51 39.44 -66.00
C THR L 601 -21.78 38.46 -64.86
N VAL L 602 -20.80 38.26 -63.98
CA VAL L 602 -20.91 37.31 -62.86
C VAL L 602 -21.27 38.05 -61.57
N ARG L 603 -22.38 37.61 -60.96
CA ARG L 603 -22.85 38.22 -59.72
C ARG L 603 -22.38 37.40 -58.53
N VAL L 604 -21.88 38.03 -57.51
CA VAL L 604 -21.39 37.40 -56.28
C VAL L 604 -22.25 37.88 -55.11
N PHE L 605 -22.93 36.97 -54.44
CA PHE L 605 -23.74 37.27 -53.26
C PHE L 605 -23.08 36.69 -51.99
N ARG L 606 -22.79 37.51 -50.98
CA ARG L 606 -22.22 37.01 -49.71
C ARG L 606 -23.20 37.19 -48.55
N PHE L 607 -23.56 36.10 -47.88
CA PHE L 607 -24.48 36.20 -46.73
C PHE L 607 -23.74 36.58 -45.43
N ILE L 608 -24.28 37.53 -44.65
CA ILE L 608 -23.69 37.90 -43.36
C ILE L 608 -24.81 38.04 -42.32
N THR L 609 -24.79 37.26 -41.24
CA THR L 609 -25.70 37.51 -40.10
C THR L 609 -25.28 38.78 -39.35
N ASP L 610 -26.22 39.67 -39.07
CA ASP L 610 -25.90 41.09 -38.86
C ASP L 610 -25.20 41.39 -37.53
N ASN L 611 -25.76 40.93 -36.40
CA ASN L 611 -25.22 41.29 -35.07
C ASN L 611 -24.57 40.09 -34.44
N THR L 612 -23.56 39.54 -35.11
CA THR L 612 -22.91 38.33 -34.64
C THR L 612 -21.40 38.32 -34.93
N VAL L 613 -20.68 37.27 -34.53
CA VAL L 613 -19.26 37.09 -34.86
C VAL L 613 -18.99 37.06 -36.38
N GLU L 614 -19.96 36.80 -37.26
CA GLU L 614 -19.74 36.89 -38.71
C GLU L 614 -19.34 38.30 -39.18
N GLU L 615 -19.76 39.36 -38.49
CA GLU L 615 -19.23 40.71 -38.72
C GLU L 615 -17.73 40.76 -38.49
N ARG L 616 -17.26 40.24 -37.35
CA ARG L 616 -15.84 40.33 -37.03
C ARG L 616 -14.98 39.51 -37.98
N ILE L 617 -15.52 38.41 -38.50
CA ILE L 617 -14.77 37.59 -39.46
C ILE L 617 -14.61 38.35 -40.79
N VAL L 618 -15.68 38.99 -41.27
CA VAL L 618 -15.62 39.74 -42.53
C VAL L 618 -14.70 40.95 -42.38
N GLU L 619 -14.77 41.68 -41.26
CA GLU L 619 -13.85 42.78 -40.97
C GLU L 619 -12.38 42.33 -40.95
N ARG L 620 -12.08 41.22 -40.28
CA ARG L 620 -10.71 40.70 -40.28
C ARG L 620 -10.20 40.32 -41.66
N ALA L 621 -11.04 39.70 -42.48
CA ALA L 621 -10.64 39.32 -43.83
C ALA L 621 -10.34 40.58 -44.65
N GLU L 622 -11.16 41.62 -44.50
CA GLU L 622 -10.90 42.88 -45.21
C GLU L 622 -9.63 43.58 -44.71
N MET L 623 -9.32 43.55 -43.42
CA MET L 623 -8.04 44.07 -42.90
C MET L 623 -6.84 43.39 -43.58
N LYS L 624 -6.94 42.12 -43.92
CA LYS L 624 -5.84 41.45 -44.61
C LYS L 624 -5.78 41.84 -46.10
N LEU L 625 -6.91 42.11 -46.74
CA LEU L 625 -6.83 42.56 -48.14
C LEU L 625 -6.00 43.83 -48.27
N ARG L 626 -6.11 44.76 -47.32
CA ARG L 626 -5.44 46.06 -47.44
C ARG L 626 -3.93 45.94 -47.71
N LEU L 627 -3.23 45.07 -46.98
CA LEU L 627 -1.79 44.91 -47.13
C LEU L 627 -1.42 44.25 -48.47
N ASP L 628 -2.30 43.40 -49.03
CA ASP L 628 -2.04 42.82 -50.36
C ASP L 628 -2.31 43.87 -51.42
N SER L 629 -3.51 44.47 -51.44
CA SER L 629 -3.89 45.50 -52.42
C SER L 629 -4.03 45.05 -53.88
N ILE L 630 -3.93 43.74 -54.14
CA ILE L 630 -4.06 43.20 -55.51
C ILE L 630 -3.13 43.98 -56.45
N VAL L 631 -1.84 43.96 -56.12
CA VAL L 631 -0.85 44.69 -56.94
C VAL L 631 -0.88 44.19 -58.40
N ILE L 632 -1.03 45.08 -59.39
CA ILE L 632 -0.97 44.63 -60.79
C ILE L 632 0.36 44.07 -61.24
N GLN L 633 1.48 44.68 -60.82
CA GLN L 633 2.84 44.22 -61.18
C GLN L 633 3.08 44.19 -62.69
N GLN L 634 4.23 43.73 -63.12
CA GLN L 634 4.56 43.71 -64.54
C GLN L 634 3.42 43.16 -65.38
PB ADP M . 6.12 -29.03 65.04
O1B ADP M . 6.69 -27.95 65.90
O2B ADP M . 4.64 -28.92 64.82
O3B ADP M . 6.91 -29.33 63.80
PA ADP M . 5.29 -31.59 65.64
O1A ADP M . 3.99 -31.40 66.38
O2A ADP M . 5.26 -31.82 64.15
O3A ADP M . 6.25 -30.35 65.93
O5' ADP M . 6.03 -32.84 66.28
C5' ADP M . 5.91 -34.09 65.63
C4' ADP M . 6.27 -35.18 66.62
O4' ADP M . 6.32 -34.63 67.93
C3' ADP M . 5.21 -36.25 66.65
O3' ADP M . 5.74 -37.45 66.08
C2' ADP M . 4.91 -36.49 68.12
O2' ADP M . 5.09 -37.86 68.43
C1' ADP M . 5.93 -35.64 68.85
N9 ADP M . 5.38 -35.04 70.08
C8 ADP M . 5.14 -33.75 70.28
N7 ADP M . 4.66 -33.51 71.53
C5 ADP M . 4.59 -34.70 72.15
C6 ADP M . 4.17 -35.19 73.48
N6 ADP M . 3.71 -34.32 74.43
N1 ADP M . 4.26 -36.51 73.73
C2 ADP M . 4.71 -37.36 72.80
N3 ADP M . 5.11 -37.00 71.58
C4 ADP M . 5.07 -35.71 71.19
H5'1 ADP M . 6.59 -34.12 64.78
H5'2 ADP M . 4.88 -34.23 65.30
H4' ADP M . 7.24 -35.62 66.37
H3' ADP M . 4.31 -35.93 66.12
HO3' ADP M . 5.07 -38.14 66.12
H2' ADP M . 3.89 -36.17 68.35
HO2' ADP M . 5.33 -37.94 69.36
H1' ADP M . 6.79 -36.26 69.09
H8 ADP M . 5.31 -32.97 69.54
HN61 ADP M . 3.44 -33.35 74.41
HN62 ADP M . 3.62 -34.75 75.34
H2 ADP M . 4.75 -38.41 73.07
MG MG N . 4.66 -28.66 62.39
PB ADP O . -5.76 29.63 -64.81
O1B ADP O . -4.74 30.74 -64.80
O2B ADP O . -5.20 28.26 -64.62
O3B ADP O . -7.00 29.92 -64.03
PA ADP O . -6.80 28.25 -66.99
O1A ADP O . -5.56 27.53 -67.45
O2A ADP O . -7.78 27.58 -66.08
O3A ADP O . -6.31 29.61 -66.32
O5' ADP O . -7.59 28.76 -68.29
C5' ADP O . -8.95 29.12 -68.18
C4' ADP O . -9.70 28.64 -69.40
O4' ADP O . -9.51 29.54 -70.49
C3' ADP O . -9.21 27.28 -69.85
O3' ADP O . -10.24 26.30 -69.68
C2' ADP O . -8.88 27.41 -71.32
O2' ADP O . -9.65 26.49 -72.08
C1' ADP O . -9.26 28.84 -71.69
N9 ADP O . -8.14 29.49 -72.43
C8 ADP O . -7.07 30.07 -71.86
N7 ADP O . -6.25 30.58 -72.81
C5 ADP O . -6.81 30.33 -74.02
C6 ADP O . -6.47 30.60 -75.42
N6 ADP O . -5.33 31.26 -75.77
N1 ADP O . -7.32 30.17 -76.37
C2 ADP O . -8.45 29.51 -76.05
N3 ADP O . -8.82 29.23 -74.78
C4 ADP O . -8.06 29.61 -73.74
H5'1 ADP O . -9.04 30.21 -68.11
H5'2 ADP O . -9.38 28.67 -67.28
H4' ADP O . -10.77 28.57 -69.16
H3' ADP O . -8.32 26.99 -69.29
HO3' ADP O . -10.46 26.24 -68.75
H2' ADP O . -7.81 27.24 -71.48
HO2' ADP O . -9.41 26.58 -73.01
H1' ADP O . -10.15 28.82 -72.32
H8 ADP O . -6.89 30.12 -70.80
HN61 ADP O . -4.55 31.01 -75.19
HN62 ADP O . -4.93 31.51 -76.66
H2 ADP O . -9.10 29.20 -76.85
MG MG P . -5.11 26.83 -63.07
#